data_4QQ1
#
_entry.id   4QQ1
#
_cell.length_a   135.330
_cell.length_b   99.971
_cell.length_c   160.157
_cell.angle_alpha   90.000
_cell.angle_beta   93.470
_cell.angle_gamma   90.000
#
_symmetry.space_group_name_H-M   'C 1 2 1'
#
loop_
_entity.id
_entity.type
_entity.pdbx_description
1 polymer 'Transferrin-binding protein 2'
2 non-polymer 'CESIUM ION'
3 non-polymer GLYCEROL
4 non-polymer 'SULFATE ION'
5 water water
#
_entity_poly.entity_id   1
_entity_poly.type   'polypeptide(L)'
_entity_poly.pdbx_seq_one_letter_code
;SVSENSGAAYGFAVKLPRRNAHFNPKYKEKHKPLGSMDWKKLQRGEPNSFSERDELEKKRGSSELIESKWEDGQSRVVGY
TNFTYVRSGYVYLNKNNIDIKNNIVLFGPDGYLYYKGKEPSKELPSEKITYKGTWDYVTDAMEKQRFEGLGSAAGGDKSG
ALSALEEGVLRNQAEASSGHTDFGMTSEFEVDFSDKTIKGTLYRNNRITQNNSENKQIKTTRYTIQATLHGNRFKGKALA
ADKGATNGSHPFISDSDSLEGGFYGPKGEELAGKFLSNDNKVAAVFGAKQKDKKDGENAAGPATETVIDAYRITGEEFKK
EQIDSFGDVKKLLVDGVELSLLPSEGNKAAFQHEIEQNGVKATVCCSNLDYMSFGKLSKENKDDMFLQGVRTPVSDVAAR
TEANAKYRGTWYGYIANGTSWSGEASNQEGGNRAEFDVDFSTKKISGTLTAKDRTSPAFTITAMIKDNGFSGVAKTGENG
FALDPQNTGNSHYTHIEATVSGGFYGKNAIEMGGSFSFPGNAPEGKQEKASVVFGAKRQQLVQ
;
_entity_poly.pdbx_strand_id   A,B,C
#
loop_
_chem_comp.id
_chem_comp.type
_chem_comp.name
_chem_comp.formula
CS non-polymer 'CESIUM ION' 'Cs 1'
GOL non-polymer GLYCEROL 'C3 H8 O3'
SO4 non-polymer 'SULFATE ION' 'O4 S -2'
#
# COMPACT_ATOMS: atom_id res chain seq x y z
N GLY A 7 6.62 3.74 19.12
CA GLY A 7 7.08 4.39 17.90
C GLY A 7 7.63 5.78 18.14
N ALA A 8 7.57 6.22 19.39
CA ALA A 8 8.09 7.53 19.77
C ALA A 8 9.53 7.40 20.28
N ALA A 9 10.42 8.23 19.74
CA ALA A 9 11.84 8.11 20.05
C ALA A 9 12.36 9.18 21.02
N TYR A 10 13.68 9.35 21.03
CA TYR A 10 14.36 10.28 21.91
C TYR A 10 13.83 11.70 21.77
N GLY A 11 13.93 12.24 20.57
CA GLY A 11 13.48 13.58 20.29
C GLY A 11 13.18 13.82 18.83
N PHE A 12 12.57 14.96 18.53
CA PHE A 12 12.21 15.29 17.15
C PHE A 12 12.58 16.72 16.80
N ALA A 13 12.71 16.99 15.50
CA ALA A 13 13.01 18.33 15.03
C ALA A 13 12.35 18.60 13.68
N VAL A 14 11.71 19.75 13.55
CA VAL A 14 11.14 20.15 12.27
C VAL A 14 11.82 21.42 11.76
N LYS A 15 12.31 21.38 10.52
CA LYS A 15 13.04 22.51 9.96
C LYS A 15 12.12 23.72 9.81
N LEU A 16 12.59 24.86 10.29
CA LEU A 16 11.82 26.10 10.22
C LEU A 16 11.60 26.50 8.76
N PRO A 17 10.33 26.51 8.33
CA PRO A 17 9.91 26.74 6.95
C PRO A 17 10.35 28.09 6.40
N ARG A 18 10.95 28.07 5.21
CA ARG A 18 11.30 29.28 4.48
C ARG A 18 11.02 29.08 3.00
N ARG A 19 9.87 29.57 2.53
CA ARG A 19 9.52 29.40 1.13
C ARG A 19 10.44 30.20 0.23
N ASN A 20 10.69 29.68 -0.96
CA ASN A 20 11.57 30.34 -1.92
C ASN A 20 10.91 31.58 -2.53
N ALA A 21 10.88 32.66 -1.74
CA ALA A 21 10.27 33.91 -2.18
C ALA A 21 11.16 34.61 -3.20
N HIS A 22 11.18 34.07 -4.41
CA HIS A 22 12.00 34.58 -5.49
C HIS A 22 11.12 35.38 -6.42
N PHE A 23 11.70 36.29 -7.19
CA PHE A 23 10.99 36.85 -8.34
C PHE A 23 10.67 35.68 -9.27
N ASN A 24 9.66 35.83 -10.13
CA ASN A 24 8.99 34.64 -10.67
C ASN A 24 9.17 34.28 -12.14
N PRO A 25 10.31 33.65 -12.50
CA PRO A 25 10.32 32.80 -13.68
C PRO A 25 10.03 31.34 -13.28
N LYS A 26 8.91 31.14 -12.58
CA LYS A 26 8.51 29.82 -12.08
C LYS A 26 9.50 29.22 -11.07
N TYR A 27 10.32 30.08 -10.47
CA TYR A 27 11.23 29.65 -9.41
C TYR A 27 10.64 29.98 -8.05
N LYS A 28 9.73 30.95 -8.03
CA LYS A 28 9.04 31.37 -6.83
C LYS A 28 8.26 30.22 -6.19
N GLU A 29 8.46 30.01 -4.91
CA GLU A 29 7.73 28.97 -4.19
C GLU A 29 6.45 29.55 -3.58
N LYS A 30 5.32 29.07 -4.08
CA LYS A 30 4.01 29.51 -3.64
C LYS A 30 3.77 29.26 -2.15
N HIS A 31 4.08 28.06 -1.70
CA HIS A 31 3.77 27.66 -0.32
C HIS A 31 4.78 26.63 0.19
N LYS A 32 5.27 26.85 1.41
CA LYS A 32 6.14 25.89 2.07
C LYS A 32 5.43 25.33 3.30
N PRO A 33 4.60 24.30 3.09
CA PRO A 33 3.73 23.74 4.12
C PRO A 33 4.47 22.86 5.12
N LEU A 34 3.73 22.34 6.09
CA LEU A 34 4.28 21.40 7.08
C LEU A 34 3.58 20.06 6.97
N GLY A 35 4.27 19.01 7.39
CA GLY A 35 3.71 17.67 7.35
C GLY A 35 4.35 16.76 8.40
N SER A 36 3.75 15.59 8.61
CA SER A 36 4.28 14.63 9.56
C SER A 36 5.60 14.06 9.08
N MET A 37 5.81 14.06 7.77
CA MET A 37 7.05 13.55 7.19
C MET A 37 8.16 14.59 7.23
N ASP A 38 7.80 15.81 7.61
CA ASP A 38 8.79 16.89 7.74
C ASP A 38 9.44 16.87 9.12
N TRP A 39 8.87 16.09 10.02
CA TRP A 39 9.50 15.83 11.31
C TRP A 39 10.67 14.86 11.08
N LYS A 40 11.81 15.15 11.69
CA LYS A 40 12.94 14.23 11.64
C LYS A 40 13.34 13.77 13.04
N LYS A 41 13.79 12.53 13.14
CA LYS A 41 14.03 11.89 14.43
C LYS A 41 15.43 12.16 14.96
N LEU A 42 15.53 12.29 16.27
CA LEU A 42 16.81 12.56 16.93
C LEU A 42 17.28 11.34 17.71
N GLN A 43 18.58 11.05 17.63
CA GLN A 43 19.14 9.87 18.28
C GLN A 43 19.68 10.19 19.67
N ARG A 44 20.45 9.25 20.23
CA ARG A 44 20.99 9.40 21.58
C ARG A 44 22.03 10.52 21.64
N GLY A 45 22.32 10.96 22.86
CA GLY A 45 23.29 12.02 23.07
C GLY A 45 22.81 13.03 24.08
N GLU A 46 23.37 14.24 24.02
CA GLU A 46 22.94 15.32 24.90
C GLU A 46 21.80 16.11 24.27
N PRO A 47 20.79 16.48 25.08
CA PRO A 47 19.59 17.19 24.62
C PRO A 47 19.89 18.47 23.86
N ASN A 48 20.96 19.17 24.25
CA ASN A 48 21.28 20.45 23.65
C ASN A 48 22.16 20.34 22.39
N SER A 49 22.20 19.15 21.80
CA SER A 49 23.02 18.93 20.61
C SER A 49 22.55 17.72 19.80
N PHE A 50 22.57 17.88 18.48
CA PHE A 50 22.21 16.79 17.57
C PHE A 50 22.77 17.06 16.17
N SER A 51 22.41 16.20 15.21
CA SER A 51 22.97 16.24 13.87
C SER A 51 22.77 17.58 13.18
N GLU A 52 21.52 17.94 12.94
CA GLU A 52 21.17 19.16 12.22
C GLU A 52 21.67 20.40 12.95
N ARG A 53 21.67 20.36 14.28
CA ARG A 53 22.15 21.48 15.08
C ARG A 53 23.66 21.64 14.92
N ASP A 54 24.38 20.52 14.86
CA ASP A 54 25.81 20.56 14.62
C ASP A 54 26.08 21.10 13.22
N GLU A 55 25.18 20.78 12.29
CA GLU A 55 25.26 21.29 10.93
C GLU A 55 25.11 22.80 10.97
N LEU A 56 24.22 23.26 11.86
CA LEU A 56 24.02 24.68 12.08
C LEU A 56 25.27 25.32 12.68
N GLU A 57 25.94 24.59 13.57
CA GLU A 57 27.11 25.13 14.25
C GLU A 57 28.25 25.27 13.25
N LYS A 58 28.35 24.31 12.34
CA LYS A 58 29.35 24.36 11.27
C LYS A 58 29.04 25.49 10.30
N LYS A 59 27.76 25.63 9.95
CA LYS A 59 27.29 26.66 9.02
C LYS A 59 27.43 28.03 9.66
N ARG A 60 27.61 28.05 10.97
CA ARG A 60 27.56 29.31 11.72
C ARG A 60 28.64 30.29 11.30
N GLY A 61 29.88 29.97 11.60
CA GLY A 61 30.98 30.78 11.12
C GLY A 61 31.35 31.87 12.10
N SER A 62 31.45 33.10 11.58
CA SER A 62 31.96 34.26 12.28
C SER A 62 31.35 34.42 13.66
N SER A 63 30.01 34.39 13.73
CA SER A 63 29.32 34.58 15.01
C SER A 63 27.81 34.29 14.96
N GLU A 64 27.16 34.56 16.09
CA GLU A 64 25.71 34.65 16.20
C GLU A 64 24.97 33.32 16.07
N LEU A 65 24.83 32.60 17.18
CA LEU A 65 23.95 31.43 17.22
C LEU A 65 22.80 31.70 18.17
N ILE A 66 21.58 31.48 17.72
CA ILE A 66 20.43 31.69 18.56
C ILE A 66 19.84 30.36 18.99
N GLU A 67 19.89 30.10 20.29
CA GLU A 67 19.34 28.87 20.83
C GLU A 67 18.38 29.22 21.95
N SER A 68 17.20 28.61 21.93
CA SER A 68 16.26 28.76 23.04
C SER A 68 16.68 27.93 24.23
N LYS A 69 17.38 28.53 25.18
CA LYS A 69 17.82 27.80 26.36
C LYS A 69 16.75 28.08 27.39
N TRP A 70 17.12 28.58 28.53
CA TRP A 70 16.50 29.70 29.10
C TRP A 70 17.64 30.33 29.79
N GLU A 71 17.62 31.63 29.85
CA GLU A 71 17.52 32.43 28.67
C GLU A 71 18.60 33.49 28.84
N ASP A 72 18.58 34.18 29.97
CA ASP A 72 17.36 34.37 30.74
C ASP A 72 16.89 35.68 30.21
N GLY A 73 16.46 35.68 28.96
CA GLY A 73 16.01 36.90 28.32
C GLY A 73 14.61 36.80 27.79
N GLN A 74 14.27 35.66 27.18
CA GLN A 74 12.86 35.37 26.85
C GLN A 74 12.35 33.94 27.14
N SER A 75 11.04 33.78 27.26
CA SER A 75 10.38 32.48 27.34
C SER A 75 10.63 31.46 28.46
N ARG A 76 10.68 31.89 29.72
CA ARG A 76 10.91 30.99 30.84
C ARG A 76 9.88 31.04 31.99
N VAL A 77 9.81 30.00 32.80
CA VAL A 77 9.08 30.06 34.06
C VAL A 77 10.05 29.97 35.22
N VAL A 78 10.08 30.99 36.07
CA VAL A 78 11.00 31.08 37.20
C VAL A 78 10.59 30.13 38.33
N GLY A 79 11.53 29.28 38.74
CA GLY A 79 11.27 28.30 39.77
C GLY A 79 11.31 26.90 39.18
N TYR A 80 10.83 26.80 37.95
CA TYR A 80 10.97 25.59 37.15
C TYR A 80 12.10 25.90 36.19
N THR A 81 13.28 26.11 36.76
CA THR A 81 14.40 26.75 36.07
C THR A 81 15.19 25.82 35.18
N ASN A 82 16.23 25.20 35.75
CA ASN A 82 17.20 24.44 34.95
C ASN A 82 16.76 23.02 34.58
N PHE A 83 16.84 22.72 33.28
CA PHE A 83 16.53 21.39 32.77
C PHE A 83 17.84 20.66 32.51
N THR A 84 17.99 19.47 33.08
CA THR A 84 19.22 18.70 32.91
C THR A 84 19.04 17.55 31.93
N TYR A 85 17.82 17.03 31.84
CA TYR A 85 17.55 15.89 30.98
C TYR A 85 16.87 16.27 29.68
N VAL A 86 16.27 17.46 29.65
CA VAL A 86 15.43 17.87 28.52
C VAL A 86 15.78 19.25 27.96
N ARG A 87 15.78 19.37 26.64
CA ARG A 87 15.82 20.68 26.00
C ARG A 87 14.83 20.74 24.84
N SER A 88 13.86 21.64 24.96
CA SER A 88 12.87 21.83 23.91
C SER A 88 12.77 23.31 23.55
N GLY A 89 12.63 23.59 22.26
CA GLY A 89 12.50 24.95 21.80
C GLY A 89 13.01 25.17 20.39
N TYR A 90 13.60 26.34 20.15
CA TYR A 90 14.04 26.73 18.83
C TYR A 90 15.55 26.92 18.76
N VAL A 91 16.13 26.54 17.62
CA VAL A 91 17.54 26.81 17.37
C VAL A 91 17.75 27.23 15.92
N TYR A 92 18.07 28.50 15.71
CA TYR A 92 18.18 29.00 14.33
C TYR A 92 19.31 30.01 14.15
N LEU A 93 19.42 30.51 12.92
CA LEU A 93 20.48 31.44 12.55
C LEU A 93 19.89 32.50 11.63
N ASN A 94 20.46 33.70 11.67
CA ASN A 94 19.99 34.79 10.82
C ASN A 94 20.73 34.83 9.48
N LYS A 95 20.99 33.65 8.92
CA LYS A 95 21.67 33.54 7.64
C LYS A 95 20.67 33.28 6.51
N ASN A 96 20.41 34.31 5.71
CA ASN A 96 19.53 34.17 4.55
C ASN A 96 20.26 33.50 3.40
N ASN A 97 19.53 32.75 2.59
CA ASN A 97 20.13 32.06 1.45
C ASN A 97 19.90 32.83 0.15
N ILE A 98 20.99 33.15 -0.55
CA ILE A 98 20.87 33.86 -1.81
C ILE A 98 21.65 33.14 -2.92
N ASP A 99 20.94 32.80 -3.99
CA ASP A 99 21.57 32.15 -5.13
C ASP A 99 21.21 32.85 -6.43
N ILE A 100 21.81 34.02 -6.65
CA ILE A 100 21.68 34.72 -7.93
C ILE A 100 22.53 33.99 -8.96
N LYS A 101 23.30 33.03 -8.48
CA LYS A 101 24.03 32.10 -9.34
C LYS A 101 23.07 30.97 -9.75
N ASN A 102 21.79 31.17 -9.42
CA ASN A 102 20.70 30.25 -9.78
C ASN A 102 20.73 28.90 -9.07
N ASN A 103 19.64 28.57 -8.36
CA ASN A 103 18.45 29.41 -8.26
C ASN A 103 17.76 29.24 -6.91
N ILE A 104 18.00 30.19 -5.99
CA ILE A 104 17.38 30.13 -4.66
C ILE A 104 17.35 31.48 -3.95
N VAL A 105 16.22 31.76 -3.29
CA VAL A 105 16.05 32.96 -2.47
C VAL A 105 15.27 32.62 -1.20
N LEU A 106 15.97 32.56 -0.08
CA LEU A 106 15.35 32.21 1.20
C LEU A 106 15.59 33.26 2.26
N PHE A 107 14.50 33.83 2.78
CA PHE A 107 14.59 34.80 3.87
C PHE A 107 14.03 34.22 5.16
N GLY A 108 14.54 34.68 6.29
CA GLY A 108 14.04 34.25 7.59
C GLY A 108 15.01 33.34 8.33
N PRO A 109 14.62 32.92 9.54
CA PRO A 109 15.42 32.06 10.42
C PRO A 109 15.77 30.73 9.78
N ASP A 110 17.06 30.47 9.59
CA ASP A 110 17.53 29.17 9.14
C ASP A 110 17.83 28.30 10.35
N GLY A 111 16.89 27.43 10.70
CA GLY A 111 17.03 26.58 11.87
C GLY A 111 15.95 25.53 12.02
N TYR A 112 15.81 25.04 13.25
CA TYR A 112 14.89 23.95 13.56
C TYR A 112 14.12 24.21 14.85
N LEU A 113 12.91 23.65 14.90
CA LEU A 113 12.12 23.62 16.12
C LEU A 113 12.16 22.19 16.64
N TYR A 114 12.80 21.99 17.79
CA TYR A 114 13.07 20.65 18.27
C TYR A 114 12.66 20.41 19.72
N TYR A 115 12.72 19.15 20.13
CA TYR A 115 12.65 18.76 21.53
C TYR A 115 13.46 17.49 21.67
N LYS A 116 14.24 17.38 22.74
CA LYS A 116 15.12 16.24 22.92
C LYS A 116 15.41 15.96 24.40
N GLY A 117 15.36 14.68 24.77
CA GLY A 117 15.63 14.29 26.14
C GLY A 117 16.59 13.12 26.23
N LYS A 118 17.26 13.01 27.37
CA LYS A 118 18.17 11.89 27.61
C LYS A 118 17.74 11.10 28.84
N GLU A 119 18.21 9.87 28.94
CA GLU A 119 17.81 8.94 30.00
C GLU A 119 16.30 8.81 30.13
N PRO A 120 15.66 8.12 29.18
CA PRO A 120 14.21 7.88 29.23
C PRO A 120 13.81 7.21 30.53
N SER A 121 12.74 7.70 31.14
CA SER A 121 12.33 7.26 32.48
C SER A 121 11.92 5.80 32.52
N LYS A 122 12.51 5.05 33.44
CA LYS A 122 12.08 3.69 33.71
C LYS A 122 11.38 3.68 35.08
N GLU A 123 11.26 4.86 35.66
CA GLU A 123 10.66 5.01 36.98
C GLU A 123 9.82 6.30 37.01
N LEU A 124 8.56 6.15 37.39
CA LEU A 124 7.62 7.27 37.41
C LEU A 124 6.92 7.37 38.77
N PRO A 125 6.49 8.58 39.15
CA PRO A 125 5.74 8.78 40.39
C PRO A 125 4.44 7.98 40.44
N SER A 126 3.87 7.83 41.63
CA SER A 126 2.65 7.04 41.80
C SER A 126 1.47 7.90 42.27
N GLU A 127 1.60 9.22 42.10
CA GLU A 127 0.56 10.15 42.51
C GLU A 127 0.45 11.31 41.55
N LYS A 128 -0.41 12.29 41.86
CA LYS A 128 -0.59 13.45 41.01
C LYS A 128 0.59 14.42 41.11
N ILE A 129 1.24 14.66 39.97
CA ILE A 129 2.37 15.59 39.93
C ILE A 129 2.20 16.64 38.84
N THR A 130 2.46 17.90 39.17
CA THR A 130 2.34 18.99 38.21
C THR A 130 3.69 19.41 37.64
N TYR A 131 3.76 19.53 36.33
CA TYR A 131 4.96 20.00 35.64
C TYR A 131 4.70 21.34 34.97
N LYS A 132 5.58 22.31 35.21
CA LYS A 132 5.49 23.58 34.49
C LYS A 132 6.71 23.77 33.60
N GLY A 133 6.52 24.47 32.49
CA GLY A 133 7.60 24.69 31.54
C GLY A 133 7.23 25.66 30.43
N THR A 134 7.70 25.39 29.22
CA THR A 134 7.45 26.26 28.08
C THR A 134 7.05 25.48 26.83
N TRP A 135 6.63 26.21 25.81
CA TRP A 135 6.30 25.64 24.52
C TRP A 135 6.57 26.64 23.40
N ASP A 136 6.86 26.15 22.21
CA ASP A 136 7.15 27.00 21.07
C ASP A 136 6.49 26.47 19.81
N TYR A 137 6.10 27.37 18.91
CA TYR A 137 5.42 26.98 17.68
C TYR A 137 6.09 27.53 16.44
N VAL A 138 5.64 27.06 15.29
CA VAL A 138 6.08 27.57 13.99
C VAL A 138 5.04 27.18 12.94
N THR A 139 4.82 28.05 11.97
CA THR A 139 3.82 27.80 10.94
C THR A 139 4.45 27.61 9.57
N ASP A 140 3.62 27.39 8.57
CA ASP A 140 4.09 27.23 7.20
C ASP A 140 4.42 28.59 6.58
N ALA A 141 4.92 28.56 5.35
CA ALA A 141 5.29 29.78 4.65
C ALA A 141 4.43 29.98 3.42
N MET A 142 3.33 30.71 3.58
CA MET A 142 2.42 30.96 2.47
C MET A 142 2.54 32.41 2.00
N GLU A 143 2.48 32.61 0.69
CA GLU A 143 2.64 33.94 0.12
C GLU A 143 1.53 34.89 0.58
N LYS A 144 1.93 36.07 1.04
CA LYS A 144 1.01 37.09 1.53
C LYS A 144 0.14 36.57 2.68
N GLN A 145 0.77 35.86 3.61
CA GLN A 145 0.08 35.40 4.81
C GLN A 145 0.64 36.09 6.04
N ARG A 146 -0.21 36.80 6.76
CA ARG A 146 0.21 37.49 7.98
C ARG A 146 -0.83 37.35 9.08
N PHE A 147 -0.35 37.22 10.32
CA PHE A 147 -1.23 37.17 11.48
C PHE A 147 -1.05 38.43 12.31
N GLU A 148 -2.03 39.34 12.21
CA GLU A 148 -1.97 40.63 12.89
C GLU A 148 -1.84 40.48 14.41
N GLY A 149 -2.46 39.43 14.95
CA GLY A 149 -2.42 39.17 16.38
C GLY A 149 -1.04 38.77 16.85
N LEU A 150 -0.26 38.16 15.96
CA LEU A 150 1.08 37.71 16.30
C LEU A 150 2.13 38.79 16.03
N GLY A 151 1.90 39.58 14.99
CA GLY A 151 2.83 40.63 14.61
C GLY A 151 3.46 40.37 13.25
N SER A 152 3.78 41.44 12.54
CA SER A 152 4.36 41.34 11.20
C SER A 152 5.84 40.96 11.27
N ALA A 153 6.45 41.19 12.42
CA ALA A 153 7.86 40.86 12.62
C ALA A 153 8.06 39.35 12.60
N ALA A 154 6.99 38.64 12.89
CA ALA A 154 6.94 37.19 12.86
C ALA A 154 6.94 36.57 11.48
N GLY A 155 6.81 37.37 10.44
CA GLY A 155 6.75 36.87 9.07
C GLY A 155 5.56 35.95 8.92
N GLY A 156 5.77 34.80 8.30
CA GLY A 156 4.68 33.93 7.91
C GLY A 156 4.43 34.03 6.43
N ASP A 157 5.03 35.06 5.85
CA ASP A 157 5.30 35.15 4.44
C ASP A 157 6.83 35.13 4.37
N LYS A 158 7.38 34.32 3.48
CA LYS A 158 8.82 34.05 3.44
C LYS A 158 9.31 33.18 4.61
N SER A 159 9.04 33.63 5.84
CA SER A 159 9.30 32.82 7.02
C SER A 159 8.05 32.03 7.38
N GLY A 160 8.00 31.50 8.59
CA GLY A 160 6.88 30.67 9.00
C GLY A 160 6.33 30.96 10.39
N ALA A 161 6.24 32.25 10.72
CA ALA A 161 5.68 32.70 11.99
C ALA A 161 6.26 31.97 13.20
N LEU A 162 7.47 32.38 13.60
CA LEU A 162 8.16 31.74 14.72
C LEU A 162 7.70 32.31 16.06
N SER A 163 7.56 31.44 17.04
CA SER A 163 7.12 31.83 18.38
C SER A 163 8.12 32.78 19.04
N ALA A 164 9.38 32.66 18.66
CA ALA A 164 10.44 33.48 19.23
C ALA A 164 10.32 34.93 18.79
N LEU A 165 9.49 35.19 17.79
CA LEU A 165 9.34 36.54 17.26
C LEU A 165 7.94 37.10 17.44
N GLU A 166 7.11 36.41 18.23
CA GLU A 166 5.77 36.91 18.53
C GLU A 166 5.87 38.24 19.27
N GLU A 167 5.16 39.24 18.77
CA GLU A 167 5.39 40.63 19.16
C GLU A 167 4.87 41.01 20.55
N GLY A 168 3.60 40.73 20.82
CA GLY A 168 2.97 41.21 22.04
C GLY A 168 3.06 40.30 23.25
N VAL A 169 4.22 39.68 23.44
CA VAL A 169 4.43 38.79 24.58
C VAL A 169 5.43 39.37 25.58
N LEU A 170 5.38 38.87 26.81
CA LEU A 170 6.26 39.36 27.88
C LEU A 170 7.49 38.48 28.01
N ARG A 171 8.66 39.12 28.03
CA ARG A 171 9.92 38.37 27.99
C ARG A 171 11.03 38.94 28.89
N ASN A 172 11.13 40.25 28.98
CA ASN A 172 12.33 40.91 29.50
C ASN A 172 12.60 40.87 31.02
N GLN A 173 11.59 40.49 31.81
CA GLN A 173 11.71 40.39 33.28
C GLN A 173 11.92 41.72 34.03
N ALA A 174 12.23 42.78 33.29
CA ALA A 174 12.29 44.11 33.88
C ALA A 174 10.88 44.51 34.32
N GLU A 175 9.90 44.07 33.55
CA GLU A 175 8.50 44.26 33.90
C GLU A 175 8.16 43.41 35.12
N ALA A 176 7.63 44.06 36.15
CA ALA A 176 7.40 43.42 37.45
C ALA A 176 8.69 42.83 38.00
N SER A 177 9.50 43.67 38.63
CA SER A 177 10.80 43.25 39.13
C SER A 177 10.71 42.28 40.31
N SER A 178 9.47 42.00 40.75
CA SER A 178 9.24 41.05 41.82
C SER A 178 9.43 39.62 41.30
N GLY A 179 8.82 38.66 42.00
CA GLY A 179 8.95 37.27 41.63
C GLY A 179 7.98 36.83 40.55
N HIS A 180 7.80 37.67 39.53
CA HIS A 180 6.88 37.33 38.43
C HIS A 180 7.33 36.06 37.73
N THR A 181 6.44 35.08 37.68
CA THR A 181 6.87 33.71 37.41
C THR A 181 6.90 33.30 35.95
N ASP A 182 5.80 33.56 35.25
CA ASP A 182 5.65 32.99 33.93
C ASP A 182 6.14 33.98 32.87
N PHE A 183 6.77 33.47 31.82
CA PHE A 183 7.26 34.32 30.74
C PHE A 183 7.08 33.72 29.36
N GLY A 184 6.70 34.58 28.41
CA GLY A 184 6.53 34.19 27.03
C GLY A 184 5.44 33.15 26.88
N MET A 185 5.69 32.16 26.05
CA MET A 185 4.74 31.06 25.89
C MET A 185 5.05 29.95 26.89
N THR A 186 4.26 29.90 27.96
CA THR A 186 4.46 28.92 29.01
C THR A 186 3.51 27.74 28.88
N SER A 187 3.89 26.62 29.49
CA SER A 187 3.09 25.41 29.45
C SER A 187 2.85 24.88 30.86
N GLU A 188 1.62 24.44 31.12
CA GLU A 188 1.29 23.87 32.43
C GLU A 188 0.69 22.48 32.28
N PHE A 189 1.06 21.57 33.16
CA PHE A 189 0.61 20.18 33.07
C PHE A 189 0.30 19.58 34.44
N GLU A 190 -0.78 18.81 34.50
CA GLU A 190 -1.07 18.01 35.68
C GLU A 190 -1.16 16.55 35.25
N VAL A 191 -0.37 15.70 35.91
CA VAL A 191 -0.33 14.28 35.55
C VAL A 191 -0.79 13.38 36.69
N ASP A 192 -1.80 12.57 36.39
CA ASP A 192 -2.24 11.53 37.30
C ASP A 192 -1.70 10.20 36.80
N PHE A 193 -0.59 9.77 37.40
CA PHE A 193 0.07 8.54 36.99
C PHE A 193 -0.75 7.31 37.38
N SER A 194 -1.51 7.43 38.46
CA SER A 194 -2.36 6.33 38.91
C SER A 194 -3.54 6.16 37.97
N ASP A 195 -3.85 7.22 37.22
CA ASP A 195 -4.95 7.20 36.26
C ASP A 195 -4.41 7.08 34.84
N LYS A 196 -3.09 7.16 34.71
CA LYS A 196 -2.41 7.16 33.41
C LYS A 196 -2.95 8.27 32.52
N THR A 197 -3.11 9.47 33.09
CA THR A 197 -3.73 10.57 32.36
C THR A 197 -2.95 11.88 32.51
N ILE A 198 -2.89 12.65 31.44
CA ILE A 198 -2.20 13.94 31.44
C ILE A 198 -3.11 15.06 30.92
N LYS A 199 -3.34 16.05 31.78
CA LYS A 199 -4.03 17.27 31.38
C LYS A 199 -3.01 18.38 31.21
N GLY A 200 -3.27 19.31 30.30
CA GLY A 200 -2.34 20.39 30.05
C GLY A 200 -2.98 21.63 29.45
N THR A 201 -2.23 22.73 29.49
CA THR A 201 -2.65 24.00 28.91
C THR A 201 -1.42 24.76 28.39
N LEU A 202 -1.50 25.19 27.14
CA LEU A 202 -0.44 26.00 26.54
C LEU A 202 -0.88 27.46 26.54
N TYR A 203 -0.22 28.28 27.35
CA TYR A 203 -0.60 29.68 27.52
C TYR A 203 0.23 30.63 26.67
N ARG A 204 -0.09 31.92 26.80
CA ARG A 204 0.63 32.99 26.11
C ARG A 204 0.66 34.21 27.02
N ASN A 205 1.78 34.46 27.68
CA ASN A 205 1.92 35.60 28.57
C ASN A 205 1.97 36.93 27.79
N ASN A 206 1.00 37.78 28.05
CA ASN A 206 0.90 39.07 27.37
C ASN A 206 1.62 40.19 28.10
N ARG A 207 2.29 41.06 27.34
CA ARG A 207 2.85 42.28 27.90
C ARG A 207 1.75 43.32 27.85
N ILE A 208 1.07 43.53 28.98
CA ILE A 208 -0.01 44.49 29.03
C ILE A 208 0.52 45.86 28.69
N THR A 209 0.09 46.39 27.56
CA THR A 209 0.64 47.62 27.03
C THR A 209 0.64 48.73 28.09
N GLN A 210 1.65 49.59 28.02
CA GLN A 210 1.90 50.67 28.99
C GLN A 210 0.65 51.42 29.46
N ASN A 211 -0.32 51.55 28.56
CA ASN A 211 -1.60 52.15 28.92
C ASN A 211 -2.72 51.24 28.43
N ASN A 212 -2.31 50.02 28.12
CA ASN A 212 -3.18 48.95 27.65
C ASN A 212 -4.09 49.25 26.50
N SER A 213 -3.51 49.55 25.35
CA SER A 213 -4.16 50.18 24.23
C SER A 213 -5.30 49.63 23.42
N GLU A 214 -5.24 48.36 23.09
CA GLU A 214 -6.15 47.91 22.07
C GLU A 214 -6.89 46.63 22.29
N ASN A 215 -6.57 45.90 23.35
CA ASN A 215 -7.02 44.53 23.36
C ASN A 215 -7.39 43.98 24.74
N LYS A 216 -6.39 43.61 25.51
CA LYS A 216 -5.91 42.29 25.85
C LYS A 216 -5.50 42.18 27.28
N GLN A 217 -5.69 40.98 27.87
CA GLN A 217 -5.57 40.75 29.30
C GLN A 217 -4.29 39.94 29.54
N ILE A 218 -4.14 39.38 30.75
CA ILE A 218 -2.85 38.82 31.17
C ILE A 218 -2.35 37.61 30.38
N LYS A 219 -3.18 36.58 30.22
CA LYS A 219 -2.73 35.34 29.57
C LYS A 219 -3.73 34.83 28.53
N THR A 220 -3.23 34.53 27.33
CA THR A 220 -4.05 33.99 26.27
C THR A 220 -3.90 32.48 26.18
N THR A 221 -4.96 31.75 26.53
CA THR A 221 -4.95 30.30 26.42
C THR A 221 -4.87 29.88 24.97
N ARG A 222 -3.68 29.46 24.55
CA ARG A 222 -3.46 29.06 23.17
C ARG A 222 -3.94 27.64 22.90
N TYR A 223 -3.70 26.75 23.85
CA TYR A 223 -4.11 25.35 23.69
C TYR A 223 -4.45 24.67 25.01
N THR A 224 -5.06 23.50 24.89
CA THR A 224 -5.16 22.57 26.01
C THR A 224 -4.64 21.24 25.49
N ILE A 225 -4.35 20.32 26.40
CA ILE A 225 -3.73 19.06 26.03
C ILE A 225 -4.32 17.88 26.80
N GLN A 226 -4.73 16.85 26.08
CA GLN A 226 -5.27 15.65 26.72
C GLN A 226 -4.53 14.41 26.24
N ALA A 227 -3.87 13.71 27.16
CA ALA A 227 -3.08 12.54 26.78
C ALA A 227 -3.18 11.38 27.77
N THR A 228 -2.68 10.22 27.35
CA THR A 228 -2.61 9.04 28.21
C THR A 228 -1.24 8.37 28.10
N LEU A 229 -0.88 7.63 29.15
CA LEU A 229 0.39 6.92 29.20
C LEU A 229 0.28 5.48 28.72
N HIS A 230 1.37 4.99 28.14
CA HIS A 230 1.55 3.56 27.89
C HIS A 230 3.04 3.29 27.72
N GLY A 231 3.71 3.12 28.85
CA GLY A 231 5.16 3.06 28.89
C GLY A 231 5.66 4.28 29.64
N ASN A 232 6.69 4.94 29.11
CA ASN A 232 7.16 6.21 29.66
C ASN A 232 6.82 7.37 28.75
N ARG A 233 6.02 7.08 27.73
CA ARG A 233 5.61 8.08 26.75
C ARG A 233 4.13 8.39 26.92
N PHE A 234 3.70 9.51 26.36
CA PHE A 234 2.28 9.86 26.36
C PHE A 234 1.75 10.23 24.98
N LYS A 235 0.59 9.66 24.63
CA LYS A 235 -0.04 9.95 23.35
C LYS A 235 -1.40 10.61 23.54
N GLY A 236 -1.77 11.50 22.62
CA GLY A 236 -3.07 12.12 22.70
C GLY A 236 -3.34 13.28 21.75
N LYS A 237 -4.27 14.13 22.16
CA LYS A 237 -4.75 15.23 21.34
C LYS A 237 -4.44 16.59 21.95
N ALA A 238 -4.28 17.58 21.08
CA ALA A 238 -4.14 18.97 21.49
C ALA A 238 -5.36 19.75 21.02
N LEU A 239 -6.06 20.39 21.95
CA LEU A 239 -7.30 21.09 21.63
C LEU A 239 -7.08 22.60 21.53
N ALA A 240 -7.34 23.15 20.35
CA ALA A 240 -7.22 24.60 20.14
C ALA A 240 -8.35 25.32 20.83
N ALA A 241 -8.01 26.37 21.58
CA ALA A 241 -9.01 27.15 22.29
C ALA A 241 -9.94 27.90 21.33
N ASP A 242 -9.36 28.42 20.26
CA ASP A 242 -10.14 29.12 19.24
C ASP A 242 -10.41 28.24 18.03
N LYS A 243 -11.26 27.23 18.21
CA LYS A 243 -11.65 26.37 17.11
C LYS A 243 -12.60 27.12 16.18
N GLY A 244 -13.35 28.05 16.76
CA GLY A 244 -14.20 28.93 15.99
C GLY A 244 -13.46 30.21 15.62
N ALA A 245 -12.65 30.13 14.58
CA ALA A 245 -11.84 31.26 14.15
C ALA A 245 -11.86 31.43 12.63
N THR A 246 -12.03 32.67 12.18
CA THR A 246 -12.03 33.00 10.76
C THR A 246 -11.51 34.41 10.55
N ASN A 247 -11.14 35.06 11.65
CA ASN A 247 -10.61 36.41 11.61
C ASN A 247 -9.23 36.45 10.96
N GLY A 248 -8.52 35.34 11.07
CA GLY A 248 -7.18 35.23 10.50
C GLY A 248 -6.14 35.91 11.35
N SER A 249 -6.46 36.15 12.61
CA SER A 249 -5.56 36.83 13.53
C SER A 249 -4.46 35.91 14.05
N HIS A 250 -4.74 34.61 14.08
CA HIS A 250 -3.76 33.62 14.53
C HIS A 250 -4.07 32.23 13.96
N PRO A 251 -3.01 31.45 13.68
CA PRO A 251 -3.14 30.13 13.05
C PRO A 251 -3.48 29.02 14.05
N PHE A 252 -4.05 29.38 15.19
CA PHE A 252 -4.41 28.40 16.20
C PHE A 252 -5.89 28.04 16.11
N ILE A 253 -6.32 27.72 14.90
CA ILE A 253 -7.71 27.39 14.62
C ILE A 253 -8.02 25.91 14.81
N SER A 254 -7.12 25.06 14.31
CA SER A 254 -7.35 23.62 14.29
C SER A 254 -6.72 22.88 15.47
N ASP A 255 -7.25 21.70 15.76
CA ASP A 255 -6.73 20.85 16.82
C ASP A 255 -5.59 19.99 16.30
N SER A 256 -5.19 19.00 17.08
CA SER A 256 -4.11 18.09 16.68
C SER A 256 -4.27 16.71 17.30
N ASP A 257 -4.55 15.72 16.46
CA ASP A 257 -4.69 14.34 16.91
C ASP A 257 -3.33 13.65 16.92
N SER A 258 -2.28 14.44 16.70
CA SER A 258 -0.93 13.91 16.59
C SER A 258 -0.01 14.36 17.73
N LEU A 259 -0.54 14.37 18.95
CA LEU A 259 0.29 14.79 20.09
C LEU A 259 1.05 13.62 20.69
N GLU A 260 2.37 13.70 20.65
CA GLU A 260 3.22 12.66 21.23
C GLU A 260 4.23 13.26 22.20
N GLY A 261 4.64 12.48 23.19
CA GLY A 261 5.61 12.97 24.16
C GLY A 261 6.18 11.88 25.04
N GLY A 262 7.03 12.28 25.97
CA GLY A 262 7.66 11.33 26.88
C GLY A 262 8.26 11.96 28.11
N PHE A 263 8.56 11.12 29.11
CA PHE A 263 9.18 11.55 30.34
C PHE A 263 10.68 11.28 30.32
N TYR A 264 11.44 12.13 30.97
CA TYR A 264 12.89 11.99 31.03
C TYR A 264 13.43 12.23 32.43
N GLY A 265 14.58 11.62 32.73
CA GLY A 265 15.12 11.60 34.07
C GLY A 265 14.86 10.24 34.69
N PRO A 266 15.74 9.81 35.61
CA PRO A 266 15.58 8.52 36.28
C PRO A 266 14.25 8.41 37.02
N LYS A 267 13.90 9.42 37.79
CA LYS A 267 12.63 9.43 38.52
C LYS A 267 11.51 9.99 37.67
N GLY A 268 11.85 10.43 36.46
CA GLY A 268 10.87 11.05 35.58
C GLY A 268 10.58 12.47 35.99
N GLU A 269 11.62 13.19 36.39
CA GLU A 269 11.48 14.56 36.88
C GLU A 269 11.23 15.57 35.77
N GLU A 270 11.31 15.13 34.51
CA GLU A 270 11.05 16.03 33.39
C GLU A 270 10.17 15.38 32.34
N LEU A 271 9.65 16.19 31.41
CA LEU A 271 8.88 15.67 30.29
C LEU A 271 8.91 16.63 29.10
N ALA A 272 8.73 16.08 27.90
CA ALA A 272 8.72 16.90 26.69
C ALA A 272 7.98 16.23 25.54
N GLY A 273 7.47 17.02 24.62
CA GLY A 273 6.73 16.48 23.49
C GLY A 273 6.51 17.42 22.33
N LYS A 274 5.69 16.99 21.38
CA LYS A 274 5.39 17.74 20.17
C LYS A 274 3.98 17.43 19.68
N PHE A 275 3.46 18.30 18.82
CA PHE A 275 2.24 18.05 18.10
C PHE A 275 2.17 18.87 16.82
N LEU A 276 1.39 18.38 15.86
CA LEU A 276 1.18 19.08 14.59
C LEU A 276 -0.32 19.25 14.36
N SER A 277 -0.75 20.49 14.16
CA SER A 277 -2.17 20.79 13.99
C SER A 277 -2.77 20.06 12.81
N ASN A 278 -4.04 19.68 12.94
CA ASN A 278 -4.74 18.91 11.91
C ASN A 278 -4.73 19.56 10.53
N ASP A 279 -4.75 20.89 10.50
CA ASP A 279 -4.76 21.62 9.24
C ASP A 279 -3.35 21.83 8.70
N ASN A 280 -2.38 21.17 9.34
CA ASN A 280 -0.98 21.27 8.97
C ASN A 280 -0.47 22.71 8.92
N LYS A 281 -1.03 23.56 9.78
CA LYS A 281 -0.65 24.96 9.85
C LYS A 281 0.38 25.23 10.93
N VAL A 282 0.23 24.58 12.08
CA VAL A 282 1.11 24.84 13.21
C VAL A 282 1.81 23.59 13.74
N ALA A 283 3.13 23.62 13.76
CA ALA A 283 3.92 22.59 14.42
C ALA A 283 4.47 23.16 15.72
N ALA A 284 4.30 22.42 16.81
CA ALA A 284 4.71 22.94 18.11
C ALA A 284 5.41 21.89 18.99
N VAL A 285 6.35 22.36 19.81
CA VAL A 285 7.04 21.51 20.76
C VAL A 285 6.88 22.10 22.16
N PHE A 286 7.16 21.29 23.19
CA PHE A 286 7.02 21.76 24.57
C PHE A 286 7.87 20.95 25.53
N GLY A 287 8.29 21.59 26.62
CA GLY A 287 9.09 20.93 27.64
C GLY A 287 8.83 21.49 29.02
N ALA A 288 8.62 20.60 29.99
CA ALA A 288 8.28 21.02 31.35
C ALA A 288 8.94 20.15 32.42
N LYS A 289 9.22 20.76 33.56
CA LYS A 289 9.82 20.05 34.69
C LYS A 289 9.09 20.39 35.98
N GLN A 290 9.60 19.88 37.09
CA GLN A 290 9.03 20.18 38.40
C GLN A 290 9.82 21.32 39.05
N LYS A 291 9.38 21.74 40.24
CA LYS A 291 10.00 22.87 40.93
C LYS A 291 11.43 22.55 41.37
N ASP A 292 12.10 23.54 41.96
CA ASP A 292 13.47 23.39 42.42
C ASP A 292 13.64 22.21 43.38
N ALA A 299 16.55 17.18 48.53
CA ALA A 299 15.80 16.44 49.53
C ALA A 299 14.34 16.29 49.12
N ALA A 300 14.10 16.19 47.82
CA ALA A 300 12.75 16.05 47.29
C ALA A 300 12.15 14.70 47.70
N GLY A 301 10.83 14.64 47.82
CA GLY A 301 10.16 13.40 48.16
C GLY A 301 8.91 13.09 47.37
N PRO A 302 9.04 12.84 46.06
CA PRO A 302 7.90 12.38 45.29
C PRO A 302 7.83 10.85 45.27
N ALA A 303 6.77 10.28 45.86
CA ALA A 303 6.59 8.83 45.92
C ALA A 303 6.57 8.24 44.51
N THR A 304 7.51 7.34 44.24
CA THR A 304 7.69 6.81 42.90
C THR A 304 7.66 5.28 42.84
N GLU A 305 7.81 4.75 41.63
CA GLU A 305 7.78 3.31 41.39
C GLU A 305 8.35 3.00 40.01
N THR A 306 8.88 1.80 39.84
CA THR A 306 9.43 1.39 38.55
C THR A 306 8.32 0.89 37.61
N VAL A 307 8.41 1.28 36.34
CA VAL A 307 7.40 0.90 35.36
C VAL A 307 7.99 0.12 34.20
N ILE A 308 9.30 0.26 33.98
CA ILE A 308 9.98 -0.38 32.86
C ILE A 308 11.30 -1.01 33.29
N ASP A 309 11.48 -2.29 32.97
CA ASP A 309 12.75 -2.95 33.18
C ASP A 309 13.44 -3.14 31.84
N ALA A 310 14.74 -2.86 31.79
CA ALA A 310 15.49 -3.01 30.54
C ALA A 310 16.98 -3.03 30.83
N TYR A 311 17.57 -4.21 30.83
CA TYR A 311 19.00 -4.34 31.12
C TYR A 311 19.67 -5.41 30.28
N ARG A 312 20.98 -5.29 30.13
CA ARG A 312 21.78 -6.34 29.52
C ARG A 312 22.64 -6.96 30.60
N ILE A 313 22.91 -8.26 30.48
CA ILE A 313 23.86 -8.91 31.35
C ILE A 313 25.16 -9.02 30.57
N THR A 314 26.14 -8.21 30.96
CA THR A 314 27.44 -8.18 30.29
C THR A 314 28.08 -9.56 30.21
N GLY A 315 28.89 -9.78 29.18
CA GLY A 315 29.51 -11.07 28.95
C GLY A 315 31.02 -11.01 29.00
N GLU A 316 31.59 -11.35 30.15
CA GLU A 316 30.80 -11.74 31.31
C GLU A 316 30.87 -10.68 32.40
N GLU A 317 32.10 -10.27 32.74
CA GLU A 317 32.33 -9.28 33.79
C GLU A 317 31.63 -9.70 35.08
N PHE A 318 30.64 -8.90 35.50
CA PHE A 318 29.85 -9.25 36.68
C PHE A 318 28.37 -8.89 36.51
N LYS A 319 28.05 -7.65 36.81
CA LYS A 319 26.67 -7.18 36.96
C LYS A 319 25.94 -6.94 35.65
N LYS A 320 24.83 -6.20 35.76
CA LYS A 320 24.01 -5.84 34.61
C LYS A 320 24.21 -4.37 34.26
N GLU A 321 24.18 -4.06 32.97
CA GLU A 321 24.20 -2.69 32.51
C GLU A 321 22.80 -2.26 32.06
N GLN A 322 22.30 -1.19 32.68
CA GLN A 322 21.00 -0.65 32.32
C GLN A 322 21.03 -0.09 30.90
N ILE A 323 19.97 -0.33 30.14
CA ILE A 323 19.85 0.19 28.79
C ILE A 323 18.56 0.99 28.62
N ASP A 324 18.58 1.95 27.70
CA ASP A 324 17.42 2.82 27.49
C ASP A 324 16.23 2.05 26.95
N SER A 325 15.02 2.52 27.29
CA SER A 325 13.80 1.87 26.85
C SER A 325 12.65 2.87 26.76
N PHE A 326 11.77 2.66 25.78
CA PHE A 326 10.63 3.53 25.58
C PHE A 326 9.32 2.80 25.85
N GLY A 327 9.42 1.57 26.33
CA GLY A 327 8.24 0.76 26.59
C GLY A 327 7.93 -0.14 25.41
N ASP A 328 8.70 -0.01 24.34
CA ASP A 328 8.52 -0.84 23.16
C ASP A 328 9.34 -2.11 23.26
N VAL A 329 8.67 -3.20 23.61
CA VAL A 329 9.31 -4.50 23.78
C VAL A 329 9.85 -5.04 22.46
N LYS A 330 9.15 -4.72 21.37
CA LYS A 330 9.46 -5.26 20.05
C LYS A 330 10.77 -4.76 19.45
N LYS A 331 11.49 -3.91 20.18
CA LYS A 331 12.80 -3.43 19.74
C LYS A 331 13.65 -2.97 20.92
N LEU A 332 14.97 -2.95 20.74
CA LEU A 332 15.85 -2.56 21.83
C LEU A 332 16.96 -1.59 21.39
N LEU A 333 17.55 -0.90 22.36
CA LEU A 333 18.64 0.04 22.08
C LEU A 333 19.95 -0.49 22.64
N VAL A 334 21.04 -0.24 21.94
CA VAL A 334 22.36 -0.70 22.37
C VAL A 334 23.21 0.47 22.81
N ASP A 335 22.54 1.51 23.31
CA ASP A 335 23.19 2.73 23.74
C ASP A 335 23.47 3.65 22.55
N GLY A 336 23.32 3.11 21.34
CA GLY A 336 23.59 3.87 20.12
C GLY A 336 22.48 3.94 19.08
N VAL A 337 22.08 2.77 18.57
CA VAL A 337 21.13 2.68 17.47
C VAL A 337 20.03 1.66 17.73
N GLU A 338 18.91 1.81 17.02
CA GLU A 338 17.75 0.95 17.24
C GLU A 338 17.92 -0.45 16.64
N LEU A 339 17.34 -1.43 17.31
CA LEU A 339 17.41 -2.83 16.89
C LEU A 339 16.01 -3.44 16.88
N SER A 340 15.48 -3.69 15.69
CA SER A 340 14.15 -4.29 15.54
C SER A 340 14.18 -5.78 15.86
N LEU A 341 13.23 -6.22 16.69
CA LEU A 341 13.19 -7.62 17.11
C LEU A 341 12.01 -8.37 16.49
N LEU A 342 11.56 -7.91 15.32
CA LEU A 342 10.47 -8.56 14.61
C LEU A 342 10.94 -9.21 13.32
N PRO A 343 10.46 -10.43 13.04
CA PRO A 343 10.82 -11.17 11.83
C PRO A 343 10.22 -10.57 10.57
N SER A 344 11.06 -10.30 9.58
CA SER A 344 10.61 -9.80 8.29
C SER A 344 11.22 -10.49 7.07
N GLU A 345 10.35 -11.01 6.20
CA GLU A 345 10.72 -11.89 5.08
C GLU A 345 11.27 -13.28 5.47
N GLY A 346 11.43 -13.52 6.76
CA GLY A 346 11.88 -14.80 7.26
C GLY A 346 10.72 -15.62 7.78
N ASN A 347 9.58 -14.98 7.94
CA ASN A 347 8.31 -15.62 8.32
C ASN A 347 8.16 -15.89 9.81
N LYS A 348 7.23 -15.18 10.44
CA LYS A 348 6.86 -15.39 11.82
C LYS A 348 6.19 -16.76 12.00
N ALA A 349 6.28 -17.36 13.19
CA ALA A 349 6.97 -16.79 14.36
C ALA A 349 7.71 -17.86 15.14
N ALA A 350 7.22 -19.11 15.01
CA ALA A 350 7.74 -20.24 15.78
C ALA A 350 7.68 -19.97 17.29
N PHE A 351 8.85 -19.97 17.92
CA PHE A 351 8.94 -19.64 19.35
C PHE A 351 10.01 -18.57 19.52
N GLN A 352 11.26 -18.96 19.26
CA GLN A 352 12.38 -18.02 19.25
C GLN A 352 12.62 -17.56 17.83
N HIS A 353 13.25 -16.40 17.67
CA HIS A 353 13.63 -15.92 16.35
C HIS A 353 14.77 -14.91 16.43
N GLU A 354 15.92 -15.29 15.86
CA GLU A 354 17.10 -14.44 15.88
C GLU A 354 17.12 -13.50 14.68
N ILE A 355 17.81 -12.37 14.83
CA ILE A 355 17.94 -11.41 13.74
C ILE A 355 19.28 -10.66 13.79
N GLU A 356 19.77 -10.26 12.62
CA GLU A 356 20.92 -9.38 12.55
C GLU A 356 20.57 -8.14 11.71
N GLN A 357 20.89 -6.96 12.23
CA GLN A 357 20.65 -5.73 11.48
C GLN A 357 21.89 -4.85 11.43
N ASN A 358 22.86 -5.26 10.60
CA ASN A 358 24.05 -4.46 10.28
C ASN A 358 25.09 -4.23 11.37
N GLY A 359 24.65 -3.65 12.48
CA GLY A 359 25.56 -3.21 13.54
C GLY A 359 25.89 -4.36 14.47
N VAL A 360 24.86 -5.10 14.88
CA VAL A 360 25.05 -6.26 15.76
C VAL A 360 24.17 -7.42 15.32
N LYS A 361 24.23 -8.51 16.07
CA LYS A 361 23.36 -9.67 15.86
C LYS A 361 22.81 -10.14 17.20
N ALA A 362 21.55 -10.59 17.22
CA ALA A 362 20.95 -11.02 18.47
C ALA A 362 19.91 -12.12 18.29
N THR A 363 19.51 -12.71 19.42
CA THR A 363 18.47 -13.74 19.44
C THR A 363 17.48 -13.41 20.54
N VAL A 364 16.19 -13.36 20.21
CA VAL A 364 15.18 -12.89 21.14
C VAL A 364 14.02 -13.87 21.33
N CYS A 365 13.63 -14.08 22.58
CA CYS A 365 12.48 -14.90 22.92
C CYS A 365 11.45 -14.08 23.69
N CYS A 366 10.15 -14.35 23.50
CA CYS A 366 9.67 -15.38 22.58
C CYS A 366 8.35 -14.97 21.95
N SER A 367 7.51 -15.97 21.64
CA SER A 367 6.22 -15.72 21.00
C SER A 367 5.08 -15.62 22.02
N ASN A 368 5.16 -16.42 23.07
CA ASN A 368 4.11 -16.47 24.09
C ASN A 368 4.09 -15.24 24.99
N LEU A 369 5.09 -14.39 24.84
CA LEU A 369 5.19 -13.18 25.65
C LEU A 369 5.00 -11.92 24.81
N ASP A 370 4.14 -11.03 25.27
CA ASP A 370 3.84 -9.80 24.55
C ASP A 370 4.36 -8.57 25.29
N TYR A 371 4.43 -8.66 26.61
CA TYR A 371 4.83 -7.52 27.44
C TYR A 371 6.30 -7.56 27.83
N MET A 372 7.01 -8.61 27.38
CA MET A 372 8.43 -8.72 27.69
C MET A 372 9.19 -9.55 26.65
N SER A 373 10.46 -9.20 26.45
CA SER A 373 11.34 -9.95 25.59
C SER A 373 12.70 -10.13 26.26
N PHE A 374 13.28 -11.31 26.11
CA PHE A 374 14.57 -11.61 26.70
C PHE A 374 15.34 -12.58 25.83
N GLY A 375 16.67 -12.44 25.81
CA GLY A 375 17.51 -13.30 25.01
C GLY A 375 18.96 -12.89 25.06
N LYS A 376 19.68 -13.12 23.97
CA LYS A 376 21.11 -12.84 23.91
C LYS A 376 21.45 -11.88 22.78
N LEU A 377 22.62 -11.27 22.84
CA LEU A 377 23.08 -10.38 21.79
C LEU A 377 24.60 -10.45 21.64
N SER A 378 25.10 -10.21 20.43
CA SER A 378 26.52 -10.36 20.16
C SER A 378 27.07 -9.26 19.26
N LYS A 379 28.30 -8.83 19.55
CA LYS A 379 28.99 -7.84 18.73
C LYS A 379 30.51 -7.92 18.95
N GLU A 380 30.92 -8.06 20.20
CA GLU A 380 32.33 -8.15 20.55
C GLU A 380 32.75 -9.62 20.61
N ASN A 381 31.90 -10.49 20.06
CA ASN A 381 32.08 -11.94 20.14
C ASN A 381 32.06 -12.47 21.56
N LYS A 382 31.62 -11.63 22.50
CA LYS A 382 31.36 -12.04 23.87
C LYS A 382 29.90 -11.73 24.18
N ASP A 383 29.04 -12.72 23.97
CA ASP A 383 27.59 -12.53 24.04
C ASP A 383 27.08 -12.05 25.40
N ASP A 384 26.19 -11.07 25.35
CA ASP A 384 25.51 -10.58 26.54
C ASP A 384 24.08 -11.07 26.56
N MET A 385 23.38 -10.91 27.67
CA MET A 385 22.00 -11.39 27.75
C MET A 385 20.99 -10.34 28.18
N PHE A 386 20.23 -9.83 27.23
CA PHE A 386 19.27 -8.76 27.51
C PHE A 386 17.94 -9.27 28.03
N LEU A 387 17.32 -8.46 28.89
CA LEU A 387 15.93 -8.68 29.30
C LEU A 387 15.26 -7.33 29.43
N GLN A 388 14.09 -7.19 28.81
CA GLN A 388 13.32 -5.96 28.88
C GLN A 388 11.83 -6.24 28.90
N GLY A 389 11.07 -5.32 29.47
CA GLY A 389 9.64 -5.48 29.58
C GLY A 389 8.98 -4.35 30.37
N VAL A 390 7.73 -4.06 30.00
CA VAL A 390 6.93 -3.09 30.71
C VAL A 390 6.23 -3.78 31.87
N ARG A 391 6.54 -3.35 33.09
CA ARG A 391 6.00 -3.99 34.29
C ARG A 391 4.49 -3.88 34.40
N THR A 392 3.94 -4.51 35.43
CA THR A 392 2.52 -4.40 35.74
C THR A 392 2.35 -3.66 37.07
N PRO A 393 2.32 -2.32 37.01
CA PRO A 393 2.28 -1.49 38.22
C PRO A 393 0.87 -1.09 38.63
N VAL A 394 0.59 -0.97 39.93
CA VAL A 394 1.44 -1.45 41.02
C VAL A 394 0.44 -1.91 42.08
N SER A 395 -0.64 -1.15 42.18
CA SER A 395 -1.72 -1.44 43.12
C SER A 395 -2.56 -2.60 42.62
N ASP A 396 -2.43 -2.90 41.33
CA ASP A 396 -3.11 -4.05 40.75
C ASP A 396 -2.50 -5.35 41.28
N VAL A 397 -1.16 -5.37 41.37
CA VAL A 397 -0.45 -6.52 41.92
C VAL A 397 -0.68 -6.62 43.42
N ALA A 398 -0.65 -5.48 44.10
CA ALA A 398 -0.86 -5.42 45.55
C ALA A 398 -2.26 -5.86 45.95
N ALA A 399 -3.27 -5.45 45.18
CA ALA A 399 -4.65 -5.80 45.50
C ALA A 399 -4.97 -7.25 45.14
N ARG A 400 -4.15 -7.84 44.30
CA ARG A 400 -4.39 -9.20 43.90
C ARG A 400 -4.30 -10.07 45.14
N THR A 401 -5.27 -10.95 45.30
CA THR A 401 -5.29 -11.91 46.40
C THR A 401 -5.81 -13.26 45.93
N GLU A 402 -4.94 -14.03 45.29
CA GLU A 402 -5.31 -15.34 44.79
C GLU A 402 -4.97 -16.43 45.80
N ALA A 403 -4.29 -17.47 45.33
CA ALA A 403 -3.88 -18.58 46.18
C ALA A 403 -2.71 -19.33 45.56
N ASN A 404 -2.72 -19.43 44.23
CA ASN A 404 -1.66 -20.09 43.48
C ASN A 404 -1.76 -19.75 42.00
N ALA A 405 -0.72 -19.08 41.49
CA ALA A 405 -0.75 -18.58 40.12
C ALA A 405 -0.28 -19.60 39.09
N LYS A 406 0.82 -20.29 39.41
CA LYS A 406 1.44 -21.24 38.49
C LYS A 406 1.81 -20.65 37.13
N TYR A 407 2.87 -19.84 37.12
CA TYR A 407 3.43 -19.32 35.88
C TYR A 407 4.19 -20.44 35.17
N ARG A 408 4.34 -20.32 33.85
CA ARG A 408 5.10 -21.29 33.08
C ARG A 408 5.80 -20.64 31.90
N GLY A 409 7.11 -20.84 31.81
CA GLY A 409 7.89 -20.27 30.73
C GLY A 409 9.23 -20.97 30.55
N THR A 410 10.26 -20.18 30.25
CA THR A 410 11.59 -20.74 30.00
C THR A 410 12.70 -19.71 30.24
N TRP A 411 13.91 -20.05 29.82
CA TRP A 411 15.09 -19.28 30.19
C TRP A 411 16.31 -19.49 29.31
N TYR A 412 17.13 -18.45 29.20
CA TYR A 412 18.46 -18.55 28.60
C TYR A 412 19.49 -18.57 29.72
N GLY A 413 20.44 -19.49 29.62
CA GLY A 413 21.44 -19.64 30.67
C GLY A 413 22.86 -19.85 30.19
N TYR A 414 23.83 -19.55 31.05
CA TYR A 414 25.23 -19.77 30.75
C TYR A 414 26.03 -20.00 32.04
N ILE A 415 26.64 -21.17 32.14
CA ILE A 415 27.45 -21.53 33.30
C ILE A 415 28.86 -21.92 32.86
N ALA A 416 29.87 -21.35 33.51
CA ALA A 416 31.25 -21.62 33.14
C ALA A 416 32.18 -21.64 34.35
N ASN A 417 33.33 -22.28 34.17
CA ASN A 417 34.32 -22.40 35.22
C ASN A 417 35.68 -21.87 34.83
N GLY A 418 36.24 -22.40 33.73
CA GLY A 418 35.64 -23.42 32.86
C GLY A 418 35.68 -24.87 33.31
N THR A 419 34.94 -25.77 32.66
CA THR A 419 34.42 -25.66 31.31
C THR A 419 33.01 -25.15 31.21
N SER A 420 32.73 -24.58 30.05
CA SER A 420 31.61 -23.68 29.79
C SER A 420 30.46 -24.38 29.08
N TRP A 421 29.23 -24.02 29.48
CA TRP A 421 28.03 -24.57 28.87
C TRP A 421 26.93 -23.52 28.83
N SER A 422 26.15 -23.53 27.76
CA SER A 422 25.04 -22.60 27.61
C SER A 422 23.75 -23.31 27.21
N GLY A 423 22.61 -22.72 27.55
CA GLY A 423 21.32 -23.28 27.23
C GLY A 423 20.35 -22.23 26.73
N GLU A 424 19.52 -22.61 25.77
CA GLU A 424 18.56 -21.69 25.17
C GLU A 424 17.11 -22.09 25.45
N ALA A 425 16.20 -21.16 25.25
CA ALA A 425 14.78 -21.39 25.53
C ALA A 425 14.19 -22.48 24.65
N SER A 426 13.25 -23.25 25.21
CA SER A 426 12.61 -24.33 24.47
C SER A 426 11.09 -24.17 24.47
N ASN A 427 10.44 -24.92 23.59
CA ASN A 427 8.99 -24.86 23.46
C ASN A 427 8.29 -26.04 24.15
N GLY A 430 10.34 -31.09 26.64
CA GLY A 430 11.35 -31.75 27.45
C GLY A 430 12.62 -30.91 27.59
N GLY A 431 12.72 -29.85 26.80
CA GLY A 431 13.88 -28.98 26.84
C GLY A 431 13.88 -28.05 28.02
N ASN A 432 14.50 -26.89 27.87
CA ASN A 432 14.59 -25.91 28.94
C ASN A 432 13.23 -25.34 29.31
N ARG A 433 12.87 -25.45 30.59
CA ARG A 433 11.56 -25.02 31.07
C ARG A 433 11.67 -24.29 32.41
N ALA A 434 10.57 -23.67 32.84
CA ALA A 434 10.57 -22.90 34.08
C ALA A 434 9.17 -22.77 34.68
N GLU A 435 8.93 -23.47 35.77
CA GLU A 435 7.67 -23.37 36.51
C GLU A 435 7.81 -22.40 37.68
N PHE A 436 6.78 -21.59 37.91
CA PHE A 436 6.79 -20.65 39.02
C PHE A 436 5.46 -20.65 39.78
N ASP A 437 5.54 -20.79 41.10
CA ASP A 437 4.34 -20.78 41.95
C ASP A 437 4.27 -19.47 42.75
N VAL A 438 3.25 -18.68 42.48
CA VAL A 438 3.08 -17.40 43.16
C VAL A 438 1.87 -17.40 44.09
N ASP A 439 2.12 -17.23 45.38
CA ASP A 439 1.06 -17.14 46.37
C ASP A 439 0.93 -15.71 46.90
N PHE A 440 -0.08 -15.00 46.42
CA PHE A 440 -0.31 -13.62 46.86
C PHE A 440 -0.81 -13.59 48.31
N SER A 441 -1.08 -12.38 48.80
CA SER A 441 -1.46 -12.15 50.20
C SER A 441 -0.33 -12.45 51.19
N THR A 442 0.42 -13.52 50.94
CA THR A 442 1.59 -13.84 51.74
C THR A 442 2.85 -13.41 51.00
N LYS A 443 2.67 -13.06 49.72
CA LYS A 443 3.76 -12.58 48.86
C LYS A 443 4.84 -13.64 48.56
N LYS A 444 4.75 -14.79 49.20
CA LYS A 444 5.72 -15.86 49.00
C LYS A 444 5.63 -16.47 47.61
N ILE A 445 6.76 -16.54 46.91
CA ILE A 445 6.81 -17.24 45.64
C ILE A 445 7.95 -18.25 45.59
N SER A 446 7.71 -19.37 44.93
CA SER A 446 8.73 -20.38 44.72
C SER A 446 8.79 -20.69 43.24
N GLY A 447 9.71 -21.56 42.85
CA GLY A 447 9.81 -21.95 41.46
C GLY A 447 11.06 -22.75 41.13
N THR A 448 11.04 -23.39 39.97
CA THR A 448 12.20 -24.14 39.48
C THR A 448 12.36 -23.93 37.99
N LEU A 449 13.61 -23.90 37.53
CA LEU A 449 13.89 -23.90 36.10
C LEU A 449 14.84 -25.04 35.74
N THR A 450 14.45 -25.82 34.74
CA THR A 450 15.12 -27.07 34.40
C THR A 450 15.90 -26.95 33.09
N ALA A 451 16.91 -27.81 32.93
CA ALA A 451 17.73 -27.82 31.73
C ALA A 451 17.22 -28.80 30.69
N LYS A 452 18.00 -28.99 29.63
CA LYS A 452 17.60 -29.84 28.50
C LYS A 452 17.76 -31.32 28.81
N ASP A 453 16.68 -32.08 28.64
CA ASP A 453 16.67 -33.53 28.76
C ASP A 453 17.16 -34.05 30.12
N ARG A 454 17.24 -33.18 31.11
CA ARG A 454 17.75 -33.56 32.42
C ARG A 454 16.61 -33.82 33.40
N THR A 455 16.81 -34.78 34.29
CA THR A 455 15.77 -35.22 35.20
C THR A 455 15.48 -34.22 36.32
N SER A 456 16.50 -33.94 37.13
CA SER A 456 16.34 -33.05 38.28
C SER A 456 16.41 -31.58 37.87
N PRO A 457 15.73 -30.70 38.63
CA PRO A 457 15.76 -29.25 38.39
C PRO A 457 17.18 -28.68 38.40
N ALA A 458 17.45 -27.77 37.48
CA ALA A 458 18.77 -27.13 37.40
C ALA A 458 18.91 -26.02 38.43
N PHE A 459 17.95 -25.10 38.45
CA PHE A 459 17.96 -24.03 39.44
C PHE A 459 16.66 -23.95 40.22
N THR A 460 16.76 -23.91 41.54
CA THR A 460 15.60 -23.69 42.40
C THR A 460 15.60 -22.24 42.88
N ILE A 461 14.50 -21.54 42.59
CA ILE A 461 14.35 -20.14 42.96
C ILE A 461 13.31 -19.95 44.05
N THR A 462 13.73 -19.33 45.15
CA THR A 462 12.81 -18.96 46.23
C THR A 462 12.84 -17.45 46.41
N ALA A 463 11.68 -16.81 46.34
CA ALA A 463 11.62 -15.35 46.37
C ALA A 463 10.35 -14.82 47.03
N MET A 464 10.29 -13.50 47.19
CA MET A 464 9.08 -12.85 47.69
C MET A 464 8.77 -11.59 46.89
N ILE A 465 7.52 -11.15 46.99
CA ILE A 465 7.04 -10.03 46.18
C ILE A 465 7.06 -8.70 46.93
N LYS A 466 7.64 -7.69 46.29
CA LYS A 466 7.56 -6.32 46.79
C LYS A 466 7.26 -5.38 45.63
N ASP A 467 6.36 -4.42 45.88
CA ASP A 467 5.90 -3.48 44.86
C ASP A 467 5.36 -4.22 43.63
N ASN A 468 5.91 -3.89 42.47
CA ASN A 468 5.53 -4.57 41.23
C ASN A 468 6.61 -5.53 40.77
N GLY A 469 7.37 -6.08 41.72
CA GLY A 469 8.44 -7.00 41.39
C GLY A 469 8.65 -8.07 42.44
N PHE A 470 9.65 -8.91 42.22
CA PHE A 470 9.98 -9.96 43.18
C PHE A 470 11.49 -10.11 43.31
N SER A 471 11.94 -10.40 44.53
CA SER A 471 13.37 -10.58 44.78
C SER A 471 13.59 -11.84 45.59
N GLY A 472 14.68 -12.56 45.29
CA GLY A 472 14.98 -13.77 46.03
C GLY A 472 16.34 -14.37 45.72
N VAL A 473 16.47 -15.67 45.97
CA VAL A 473 17.72 -16.38 45.70
C VAL A 473 17.49 -17.62 44.84
N ALA A 474 18.47 -17.93 44.00
CA ALA A 474 18.43 -19.11 43.17
C ALA A 474 19.66 -19.97 43.44
N LYS A 475 19.42 -21.23 43.78
CA LYS A 475 20.53 -22.14 44.07
C LYS A 475 20.39 -23.44 43.28
N THR A 476 21.52 -24.10 43.03
CA THR A 476 21.51 -25.37 42.32
C THR A 476 21.05 -26.49 43.23
N GLY A 477 21.17 -27.72 42.75
CA GLY A 477 20.82 -28.89 43.54
C GLY A 477 21.78 -29.08 44.71
N GLU A 478 21.41 -29.96 45.63
CA GLU A 478 22.26 -30.24 46.79
C GLU A 478 23.59 -30.81 46.36
N ASN A 479 23.55 -31.75 45.41
CA ASN A 479 24.76 -32.38 44.90
C ASN A 479 25.53 -31.48 43.94
N GLY A 480 24.85 -30.48 43.40
CA GLY A 480 25.45 -29.55 42.47
C GLY A 480 24.97 -29.77 41.05
N PHE A 481 25.40 -28.91 40.13
CA PHE A 481 25.01 -29.02 38.73
C PHE A 481 26.20 -29.43 37.87
N ALA A 482 26.15 -30.66 37.36
CA ALA A 482 27.25 -31.20 36.55
C ALA A 482 27.29 -30.58 35.16
N LEU A 483 28.37 -29.89 34.86
CA LEU A 483 28.57 -29.31 33.53
C LEU A 483 28.81 -30.42 32.51
N ASP A 484 29.43 -31.50 32.97
CA ASP A 484 29.64 -32.68 32.14
C ASP A 484 29.08 -33.91 32.84
N PRO A 485 27.76 -34.12 32.75
CA PRO A 485 27.13 -35.28 33.38
C PRO A 485 27.76 -36.59 32.92
N GLN A 486 27.93 -36.73 31.61
CA GLN A 486 28.66 -37.86 31.06
C GLN A 486 30.14 -37.57 31.24
N ASN A 487 30.99 -38.57 31.05
CA ASN A 487 32.42 -38.42 31.31
C ASN A 487 32.65 -38.02 32.75
N THR A 488 32.61 -39.02 33.64
CA THR A 488 32.57 -38.79 35.08
C THR A 488 33.76 -38.02 35.65
N GLY A 489 34.96 -38.33 35.19
CA GLY A 489 36.16 -37.70 35.71
C GLY A 489 36.15 -36.21 35.40
N ASN A 490 36.02 -35.39 36.45
CA ASN A 490 35.88 -33.96 36.26
C ASN A 490 34.56 -33.62 35.58
N SER A 491 33.46 -34.12 36.15
CA SER A 491 32.14 -33.79 35.64
C SER A 491 31.87 -32.30 35.84
N HIS A 492 32.68 -31.70 36.71
CA HIS A 492 32.61 -30.27 37.01
C HIS A 492 31.26 -29.91 37.64
N TYR A 493 30.98 -30.57 38.76
CA TYR A 493 29.79 -30.29 39.55
C TYR A 493 29.95 -28.87 40.12
N THR A 494 29.64 -27.88 39.29
CA THR A 494 29.68 -26.49 39.72
C THR A 494 28.33 -26.15 40.33
N HIS A 495 28.33 -25.83 41.62
CA HIS A 495 27.11 -25.44 42.32
C HIS A 495 27.09 -23.93 42.58
N ILE A 496 25.97 -23.30 42.25
CA ILE A 496 25.86 -21.85 42.29
C ILE A 496 24.67 -21.35 43.08
N GLU A 497 24.94 -20.49 44.07
CA GLU A 497 23.89 -19.82 44.80
C GLU A 497 24.01 -18.31 44.61
N ALA A 498 23.00 -17.71 43.98
CA ALA A 498 23.07 -16.28 43.65
C ALA A 498 21.79 -15.54 43.98
N THR A 499 21.85 -14.22 43.93
CA THR A 499 20.69 -13.38 44.18
C THR A 499 19.94 -13.09 42.89
N VAL A 500 18.72 -13.60 42.78
CA VAL A 500 17.90 -13.41 41.59
C VAL A 500 16.87 -12.29 41.78
N SER A 501 16.79 -11.39 40.80
CA SER A 501 15.83 -10.31 40.85
C SER A 501 14.95 -10.31 39.61
N GLY A 502 13.66 -10.01 39.79
CA GLY A 502 12.73 -10.01 38.68
C GLY A 502 11.53 -9.11 38.86
N GLY A 503 10.69 -9.04 37.83
CA GLY A 503 9.51 -8.21 37.86
C GLY A 503 8.29 -8.84 37.21
N PHE A 504 7.13 -8.27 37.48
CA PHE A 504 5.88 -8.71 36.90
C PHE A 504 5.51 -7.86 35.70
N TYR A 505 5.44 -8.46 34.52
CA TYR A 505 5.13 -7.74 33.29
C TYR A 505 3.79 -8.18 32.71
N GLY A 506 3.01 -7.23 32.23
CA GLY A 506 1.71 -7.53 31.66
C GLY A 506 0.63 -6.54 32.03
N LYS A 507 -0.62 -6.92 31.75
CA LYS A 507 -1.77 -6.08 32.08
C LYS A 507 -2.32 -6.47 33.44
N ASN A 508 -2.48 -7.78 33.65
CA ASN A 508 -2.94 -8.31 34.93
C ASN A 508 -1.84 -9.14 35.57
N ALA A 509 -0.59 -8.74 35.32
CA ALA A 509 0.59 -9.49 35.73
C ALA A 509 0.53 -10.91 35.18
N ILE A 510 0.16 -11.02 33.92
CA ILE A 510 0.01 -12.32 33.26
C ILE A 510 1.37 -12.90 32.87
N GLU A 511 2.42 -12.09 32.97
CA GLU A 511 3.76 -12.57 32.70
C GLU A 511 4.71 -12.11 33.79
N MET A 512 5.84 -12.80 33.90
CA MET A 512 6.88 -12.41 34.85
C MET A 512 8.24 -12.68 34.22
N GLY A 513 9.26 -11.98 34.69
CA GLY A 513 10.60 -12.17 34.16
C GLY A 513 11.64 -11.90 35.22
N GLY A 514 12.91 -12.18 34.91
CA GLY A 514 13.97 -11.92 35.86
C GLY A 514 15.34 -12.41 35.44
N SER A 515 16.32 -12.23 36.31
CA SER A 515 17.69 -12.64 36.03
C SER A 515 18.54 -12.79 37.27
N PHE A 516 19.68 -13.46 37.10
CA PHE A 516 20.71 -13.57 38.13
C PHE A 516 22.07 -13.92 37.53
N SER A 517 23.11 -13.23 38.01
CA SER A 517 24.47 -13.48 37.53
C SER A 517 25.41 -13.68 38.71
N PHE A 518 26.62 -14.16 38.44
CA PHE A 518 27.57 -14.46 39.51
C PHE A 518 29.01 -14.54 39.02
N PRO A 519 29.87 -13.63 39.49
CA PRO A 519 31.32 -13.67 39.31
C PRO A 519 32.03 -14.16 40.57
N GLY A 520 33.32 -14.44 40.46
CA GLY A 520 34.10 -14.87 41.61
C GLY A 520 35.55 -14.41 41.53
N ASN A 521 36.27 -14.51 42.64
CA ASN A 521 37.67 -14.12 42.69
C ASN A 521 38.53 -14.96 41.75
N GLN A 527 36.04 -18.11 40.62
CA GLN A 527 36.72 -18.78 39.51
C GLN A 527 35.71 -19.41 38.57
N GLU A 528 34.48 -19.49 39.05
CA GLU A 528 33.37 -20.07 38.32
C GLU A 528 32.34 -19.00 38.12
N LYS A 529 31.84 -18.84 36.91
CA LYS A 529 30.98 -17.71 36.61
C LYS A 529 29.69 -18.11 35.98
N ALA A 530 28.73 -17.19 36.01
CA ALA A 530 27.42 -17.61 35.50
C ALA A 530 26.49 -16.44 35.23
N SER A 531 25.50 -16.66 34.36
CA SER A 531 24.49 -15.66 34.05
C SER A 531 23.24 -16.30 33.46
N VAL A 532 22.08 -15.96 34.02
CA VAL A 532 20.81 -16.56 33.58
C VAL A 532 19.68 -15.53 33.54
N VAL A 533 18.94 -15.51 32.43
CA VAL A 533 17.73 -14.69 32.32
C VAL A 533 16.52 -15.58 32.04
N PHE A 534 15.34 -15.17 32.49
CA PHE A 534 14.15 -16.01 32.35
C PHE A 534 12.85 -15.23 32.21
N GLY A 535 11.86 -15.87 31.60
CA GLY A 535 10.53 -15.30 31.44
C GLY A 535 9.45 -16.36 31.40
N ALA A 536 8.32 -16.09 32.07
CA ALA A 536 7.22 -17.04 32.16
C ALA A 536 5.86 -16.36 32.04
N LYS A 537 4.82 -17.17 31.81
CA LYS A 537 3.47 -16.65 31.62
C LYS A 537 2.45 -17.27 32.59
N ARG A 538 1.66 -16.41 33.22
CA ARG A 538 0.60 -16.83 34.13
C ARG A 538 -0.52 -17.54 33.37
N GLN A 539 -0.96 -18.68 33.90
CA GLN A 539 -1.96 -19.49 33.23
C GLN A 539 -3.06 -20.01 34.17
N GLN A 540 -2.66 -20.53 35.31
CA GLN A 540 -3.61 -21.13 36.26
C GLN A 540 -3.92 -20.20 37.42
N SER B 6 11.33 -1.88 -23.68
CA SER B 6 12.13 -0.74 -23.27
C SER B 6 12.28 -0.67 -21.76
N GLY B 7 11.63 0.31 -21.15
CA GLY B 7 11.71 0.51 -19.71
C GLY B 7 12.68 1.61 -19.34
N ALA B 8 12.90 2.53 -20.27
CA ALA B 8 13.80 3.65 -20.05
C ALA B 8 13.00 4.92 -19.74
N ALA B 9 13.40 5.63 -18.69
CA ALA B 9 12.64 6.80 -18.25
C ALA B 9 13.32 8.13 -18.60
N TYR B 10 12.87 9.19 -17.95
CA TYR B 10 13.34 10.54 -18.22
C TYR B 10 14.85 10.67 -18.01
N GLY B 11 15.28 10.55 -16.77
CA GLY B 11 16.68 10.70 -16.44
C GLY B 11 17.16 9.72 -15.40
N PHE B 12 18.48 9.56 -15.30
CA PHE B 12 19.07 8.66 -14.32
C PHE B 12 20.17 9.35 -13.54
N ALA B 13 20.33 8.93 -12.28
CA ALA B 13 21.40 9.48 -11.44
C ALA B 13 22.01 8.38 -10.58
N VAL B 14 23.30 8.49 -10.29
CA VAL B 14 23.96 7.56 -9.40
C VAL B 14 24.88 8.30 -8.42
N LYS B 15 24.74 7.98 -7.13
CA LYS B 15 25.52 8.67 -6.11
C LYS B 15 27.00 8.37 -6.25
N LEU B 16 27.80 9.42 -6.33
CA LEU B 16 29.25 9.29 -6.45
C LEU B 16 29.82 8.46 -5.29
N PRO B 17 30.36 7.28 -5.61
CA PRO B 17 30.82 6.29 -4.63
C PRO B 17 31.86 6.84 -3.65
N ARG B 18 31.62 6.62 -2.36
CA ARG B 18 32.59 6.95 -1.33
C ARG B 18 32.64 5.84 -0.30
N ARG B 19 33.80 5.20 -0.16
CA ARG B 19 33.95 4.13 0.81
C ARG B 19 34.29 4.69 2.20
N ASN B 20 33.85 3.99 3.23
CA ASN B 20 34.09 4.42 4.60
C ASN B 20 35.54 4.17 5.01
N ALA B 21 36.45 4.97 4.45
CA ALA B 21 37.88 4.84 4.72
C ALA B 21 38.19 5.20 6.16
N HIS B 22 37.94 4.24 7.05
CA HIS B 22 38.12 4.42 8.48
C HIS B 22 39.38 3.69 8.92
N PHE B 23 39.87 4.01 10.11
CA PHE B 23 40.85 3.14 10.76
C PHE B 23 40.13 1.83 11.07
N ASN B 24 40.86 0.78 11.43
CA ASN B 24 40.29 -0.56 11.34
C ASN B 24 39.91 -1.42 12.55
N PRO B 25 38.85 -1.02 13.28
CA PRO B 25 38.11 -2.00 14.07
C PRO B 25 36.98 -2.67 13.28
N LYS B 26 37.29 -3.11 12.07
CA LYS B 26 36.31 -3.72 11.14
C LYS B 26 35.20 -2.74 10.73
N TYR B 27 35.43 -1.46 10.94
CA TYR B 27 34.50 -0.43 10.49
C TYR B 27 34.93 0.08 9.12
N LYS B 28 36.21 -0.14 8.80
CA LYS B 28 36.77 0.26 7.52
C LYS B 28 36.05 -0.45 6.38
N GLU B 29 35.53 0.34 5.45
CA GLU B 29 34.86 -0.23 4.28
C GLU B 29 35.88 -0.63 3.22
N LYS B 30 35.99 -1.93 3.01
CA LYS B 30 36.91 -2.50 2.04
C LYS B 30 36.65 -1.99 0.62
N HIS B 31 35.43 -2.18 0.15
CA HIS B 31 35.08 -1.87 -1.23
C HIS B 31 33.74 -1.16 -1.35
N LYS B 32 33.67 -0.16 -2.22
CA LYS B 32 32.41 0.51 -2.53
C LYS B 32 32.14 0.37 -4.03
N PRO B 33 31.47 -0.73 -4.41
CA PRO B 33 31.28 -1.11 -5.82
C PRO B 33 30.10 -0.40 -6.49
N LEU B 34 30.09 -0.43 -7.82
CA LEU B 34 28.97 0.08 -8.60
C LEU B 34 28.11 -1.08 -9.08
N GLY B 35 26.88 -0.78 -9.48
CA GLY B 35 25.98 -1.81 -9.96
C GLY B 35 24.81 -1.23 -10.72
N SER B 36 24.11 -2.09 -11.46
CA SER B 36 22.93 -1.67 -12.22
C SER B 36 21.81 -1.24 -11.29
N MET B 37 21.82 -1.78 -10.07
CA MET B 37 20.80 -1.45 -9.09
C MET B 37 21.13 -0.13 -8.38
N ASP B 38 22.35 0.36 -8.59
CA ASP B 38 22.77 1.61 -7.96
C ASP B 38 22.30 2.83 -8.75
N TRP B 39 21.80 2.59 -9.95
CA TRP B 39 21.16 3.66 -10.72
C TRP B 39 19.80 3.97 -10.12
N LYS B 40 19.44 5.25 -10.09
CA LYS B 40 18.10 5.64 -9.65
C LYS B 40 17.42 6.53 -10.68
N LYS B 41 16.12 6.32 -10.83
CA LYS B 41 15.34 6.95 -11.90
C LYS B 41 14.81 8.32 -11.49
N LEU B 42 14.98 9.30 -12.37
CA LEU B 42 14.49 10.65 -12.13
C LEU B 42 13.07 10.82 -12.65
N GLN B 43 12.31 11.71 -12.04
CA GLN B 43 10.92 11.93 -12.44
C GLN B 43 10.78 13.20 -13.29
N ARG B 44 9.55 13.50 -13.69
CA ARG B 44 9.27 14.61 -14.60
C ARG B 44 9.67 15.96 -14.01
N GLY B 45 10.11 16.87 -14.88
CA GLY B 45 10.50 18.19 -14.45
C GLY B 45 11.60 18.79 -15.31
N GLU B 46 12.23 19.85 -14.81
CA GLU B 46 13.33 20.49 -15.51
C GLU B 46 14.60 19.65 -15.40
N PRO B 47 15.44 19.69 -16.45
CA PRO B 47 16.68 18.90 -16.50
C PRO B 47 17.67 19.27 -15.38
N ASN B 48 17.62 20.50 -14.90
CA ASN B 48 18.58 20.97 -13.91
C ASN B 48 18.08 20.86 -12.47
N SER B 49 17.01 20.10 -12.26
CA SER B 49 16.43 19.95 -10.93
C SER B 49 15.81 18.57 -10.71
N PHE B 50 16.23 17.92 -9.63
CA PHE B 50 15.63 16.64 -9.21
C PHE B 50 15.79 16.44 -7.71
N SER B 51 15.14 15.39 -7.19
CA SER B 51 15.03 15.15 -5.75
C SER B 51 16.37 15.19 -5.01
N GLU B 52 17.27 14.28 -5.37
CA GLU B 52 18.56 14.15 -4.69
C GLU B 52 19.39 15.42 -4.77
N ARG B 53 19.32 16.10 -5.91
CA ARG B 53 20.06 17.35 -6.10
C ARG B 53 19.48 18.46 -5.24
N ASP B 54 18.16 18.46 -5.09
CA ASP B 54 17.49 19.43 -4.25
C ASP B 54 17.86 19.21 -2.79
N GLU B 55 17.94 17.95 -2.39
CA GLU B 55 18.35 17.59 -1.03
C GLU B 55 19.79 18.02 -0.79
N LEU B 56 20.63 17.82 -1.81
CA LEU B 56 22.03 18.25 -1.77
C LEU B 56 22.14 19.77 -1.73
N GLU B 57 21.11 20.45 -2.22
CA GLU B 57 21.05 21.90 -2.17
C GLU B 57 20.59 22.35 -0.79
N LYS B 58 19.83 21.48 -0.13
CA LYS B 58 19.35 21.78 1.22
C LYS B 58 20.47 21.61 2.25
N LYS B 59 21.18 20.49 2.19
CA LYS B 59 22.30 20.27 3.10
C LYS B 59 23.39 21.31 2.88
N ARG B 60 24.04 21.25 1.71
CA ARG B 60 24.94 22.31 1.25
C ARG B 60 26.04 22.65 2.25
N GLY B 61 26.46 23.92 2.22
CA GLY B 61 27.46 24.43 3.14
C GLY B 61 26.90 25.59 3.94
N SER B 62 27.71 26.62 4.27
CA SER B 62 29.15 26.74 3.99
C SER B 62 29.58 26.74 2.52
N SER B 63 30.28 25.68 2.12
CA SER B 63 30.87 25.57 0.78
C SER B 63 29.85 25.72 -0.36
N GLU B 64 30.37 26.01 -1.55
CA GLU B 64 29.52 26.21 -2.73
C GLU B 64 29.38 24.94 -3.55
N LEU B 65 28.24 24.82 -4.23
CA LEU B 65 27.94 23.64 -5.05
C LEU B 65 28.77 23.61 -6.32
N ILE B 66 29.26 22.41 -6.66
CA ILE B 66 29.88 22.22 -7.96
C ILE B 66 28.88 21.46 -8.80
N GLU B 67 28.34 22.13 -9.80
CA GLU B 67 27.37 21.52 -10.70
C GLU B 67 27.91 21.63 -12.10
N SER B 68 27.92 20.51 -12.83
CA SER B 68 28.42 20.54 -14.19
C SER B 68 27.38 21.11 -15.14
N LYS B 69 27.54 22.40 -15.43
CA LYS B 69 26.83 23.12 -16.48
C LYS B 69 27.80 23.19 -17.65
N TRP B 70 28.06 24.37 -18.18
CA TRP B 70 29.25 24.58 -18.98
C TRP B 70 29.54 26.03 -18.85
N GLU B 71 30.78 26.42 -18.73
CA GLU B 71 31.59 26.16 -17.57
C GLU B 71 32.17 27.50 -17.04
N ASP B 72 32.84 28.25 -17.91
CA ASP B 72 33.41 27.70 -19.11
C ASP B 72 34.84 27.48 -18.84
N GLY B 73 35.03 26.58 -17.92
CA GLY B 73 36.31 26.28 -17.39
C GLY B 73 36.72 24.86 -17.63
N GLN B 74 35.85 23.89 -17.35
CA GLN B 74 36.09 22.51 -17.83
C GLN B 74 34.99 21.86 -18.73
N SER B 75 35.45 21.06 -19.70
CA SER B 75 34.63 20.15 -20.54
C SER B 75 33.48 20.62 -21.47
N ARG B 76 33.67 21.65 -22.28
CA ARG B 76 32.64 22.04 -23.26
C ARG B 76 33.13 22.16 -24.71
N VAL B 77 32.27 21.80 -25.69
CA VAL B 77 32.57 22.03 -27.10
C VAL B 77 31.96 23.34 -27.52
N VAL B 78 32.80 24.24 -27.99
CA VAL B 78 32.33 25.56 -28.43
C VAL B 78 31.58 25.49 -29.76
N GLY B 79 30.42 26.14 -29.82
CA GLY B 79 29.56 26.10 -30.98
C GLY B 79 28.33 25.28 -30.67
N TYR B 80 28.54 24.20 -29.92
CA TYR B 80 27.45 23.38 -29.41
C TYR B 80 27.23 23.81 -27.98
N THR B 81 26.56 24.95 -27.83
CA THR B 81 26.57 25.72 -26.59
C THR B 81 25.50 25.35 -25.58
N ASN B 82 24.40 26.10 -25.58
CA ASN B 82 23.37 25.97 -24.55
C ASN B 82 22.41 24.80 -24.76
N PHE B 83 22.27 23.98 -23.73
CA PHE B 83 21.38 22.84 -23.76
C PHE B 83 20.04 23.19 -23.12
N THR B 84 18.99 23.29 -23.93
CA THR B 84 17.68 23.69 -23.45
C THR B 84 16.95 22.55 -22.75
N TYR B 85 16.97 21.37 -23.37
CA TYR B 85 16.12 20.26 -22.92
C TYR B 85 16.89 19.19 -22.14
N VAL B 86 18.20 19.33 -22.04
CA VAL B 86 19.03 18.28 -21.46
C VAL B 86 20.17 18.80 -20.58
N ARG B 87 20.38 18.17 -19.43
CA ARG B 87 21.56 18.42 -18.61
C ARG B 87 22.19 17.11 -18.15
N SER B 88 23.48 16.93 -18.45
CA SER B 88 24.19 15.72 -18.06
C SER B 88 25.56 16.05 -17.50
N GLY B 89 25.97 15.31 -16.47
CA GLY B 89 27.28 15.49 -15.88
C GLY B 89 27.34 15.21 -14.40
N TYR B 90 28.16 15.98 -13.69
CA TYR B 90 28.37 15.77 -12.26
C TYR B 90 27.83 16.93 -11.43
N VAL B 91 27.23 16.60 -10.29
CA VAL B 91 26.79 17.63 -9.35
C VAL B 91 27.11 17.19 -7.91
N TYR B 92 28.15 17.77 -7.34
CA TYR B 92 28.64 17.31 -6.04
C TYR B 92 29.06 18.45 -5.11
N LEU B 93 29.41 18.08 -3.89
CA LEU B 93 29.94 19.02 -2.90
C LEU B 93 31.17 18.42 -2.25
N ASN B 94 32.07 19.27 -1.76
CA ASN B 94 33.28 18.80 -1.10
C ASN B 94 33.09 18.58 0.40
N LYS B 95 31.89 18.17 0.78
CA LYS B 95 31.58 17.92 2.19
C LYS B 95 31.94 16.50 2.61
N ASN B 96 33.05 16.38 3.35
CA ASN B 96 33.43 15.10 3.92
C ASN B 96 32.54 14.77 5.11
N ASN B 97 32.21 13.49 5.28
CA ASN B 97 31.38 13.07 6.39
C ASN B 97 32.21 12.52 7.55
N ILE B 98 32.04 13.11 8.72
CA ILE B 98 32.80 12.68 9.90
C ILE B 98 31.89 12.33 11.06
N ASP B 99 31.88 11.06 11.45
CA ASP B 99 31.09 10.63 12.58
C ASP B 99 31.94 9.85 13.58
N ILE B 100 32.79 10.57 14.30
CA ILE B 100 33.58 9.96 15.37
C ILE B 100 32.69 9.71 16.58
N LYS B 101 31.40 10.03 16.43
CA LYS B 101 30.38 9.65 17.38
C LYS B 101 30.00 8.18 17.14
N ASN B 102 30.72 7.56 16.21
CA ASN B 102 30.55 6.14 15.86
C ASN B 102 29.34 5.69 15.07
N ASN B 103 29.54 5.25 13.82
CA ASN B 103 30.85 5.20 13.16
C ASN B 103 30.82 5.52 11.66
N ILE B 104 31.54 6.56 11.24
CA ILE B 104 31.68 6.87 9.81
C ILE B 104 32.84 7.82 9.49
N VAL B 105 33.53 7.52 8.40
CA VAL B 105 34.58 8.39 7.86
C VAL B 105 34.52 8.38 6.33
N LEU B 106 34.00 9.45 5.74
CA LEU B 106 33.83 9.54 4.30
C LEU B 106 34.57 10.73 3.70
N PHE B 107 35.51 10.44 2.80
CA PHE B 107 36.25 11.47 2.10
C PHE B 107 35.87 11.50 0.63
N GLY B 108 35.81 12.70 0.05
CA GLY B 108 35.54 12.85 -1.37
C GLY B 108 34.24 13.54 -1.70
N PRO B 109 33.93 13.63 -3.00
CA PRO B 109 32.73 14.30 -3.52
C PRO B 109 31.43 13.66 -3.06
N ASP B 110 30.64 14.40 -2.30
CA ASP B 110 29.28 14.00 -1.96
C ASP B 110 28.33 14.58 -3.00
N GLY B 111 27.96 13.75 -3.97
CA GLY B 111 27.09 14.19 -5.05
C GLY B 111 26.63 13.08 -5.97
N TYR B 112 26.19 13.46 -7.16
CA TYR B 112 25.62 12.50 -8.10
C TYR B 112 26.14 12.70 -9.52
N LEU B 113 26.33 11.59 -10.23
CA LEU B 113 26.59 11.61 -11.66
C LEU B 113 25.25 11.31 -12.34
N TYR B 114 24.75 12.28 -13.10
CA TYR B 114 23.39 12.20 -13.61
C TYR B 114 23.25 12.63 -15.06
N TYR B 115 22.08 12.36 -15.61
CA TYR B 115 21.65 12.93 -16.87
C TYR B 115 20.13 13.02 -16.85
N LYS B 116 19.58 14.13 -17.33
CA LYS B 116 18.14 14.33 -17.31
C LYS B 116 17.69 15.19 -18.49
N GLY B 117 16.59 14.79 -19.12
CA GLY B 117 16.05 15.51 -20.25
C GLY B 117 14.56 15.80 -20.11
N LYS B 118 14.10 16.83 -20.81
CA LYS B 118 12.67 17.16 -20.82
C LYS B 118 12.13 17.12 -22.24
N GLU B 119 10.81 16.98 -22.35
CA GLU B 119 10.13 16.84 -23.65
C GLU B 119 10.70 15.71 -24.49
N PRO B 120 10.33 14.46 -24.15
CA PRO B 120 10.73 13.30 -24.94
C PRO B 120 10.21 13.42 -26.37
N SER B 121 11.13 13.36 -27.34
CA SER B 121 10.81 13.65 -28.73
C SER B 121 9.77 12.70 -29.33
N LYS B 122 8.70 13.29 -29.84
CA LYS B 122 7.69 12.53 -30.59
C LYS B 122 7.94 12.74 -32.07
N GLU B 123 8.91 13.60 -32.37
CA GLU B 123 9.21 13.99 -33.74
C GLU B 123 10.72 14.08 -33.95
N LEU B 124 11.21 13.32 -34.93
CA LEU B 124 12.65 13.25 -35.20
C LEU B 124 12.94 13.48 -36.68
N PRO B 125 14.14 14.00 -36.99
CA PRO B 125 14.55 14.19 -38.39
C PRO B 125 14.61 12.87 -39.17
N SER B 126 14.89 12.95 -40.46
CA SER B 126 14.88 11.76 -41.30
C SER B 126 16.17 11.61 -42.10
N GLU B 127 17.25 12.21 -41.61
CA GLU B 127 18.54 12.14 -42.29
C GLU B 127 19.68 11.93 -41.30
N LYS B 128 20.91 12.08 -41.78
CA LYS B 128 22.08 11.94 -40.92
C LYS B 128 22.37 13.25 -40.19
N ILE B 129 22.24 13.23 -38.87
CA ILE B 129 22.49 14.43 -38.06
C ILE B 129 23.64 14.23 -37.08
N THR B 130 24.61 15.12 -37.13
CA THR B 130 25.76 15.05 -36.24
C THR B 130 25.52 15.82 -34.94
N TYR B 131 25.68 15.13 -33.82
CA TYR B 131 25.56 15.75 -32.51
C TYR B 131 26.94 15.89 -31.88
N LYS B 132 27.12 16.89 -31.04
CA LYS B 132 28.34 17.04 -30.25
C LYS B 132 28.01 17.49 -28.84
N GLY B 133 28.79 17.01 -27.87
CA GLY B 133 28.54 17.35 -26.48
C GLY B 133 29.65 16.87 -25.57
N THR B 134 29.27 16.36 -24.40
CA THR B 134 30.25 15.92 -23.41
C THR B 134 29.84 14.59 -22.76
N TRP B 135 30.76 14.05 -21.96
CA TRP B 135 30.49 12.85 -21.17
C TRP B 135 31.35 12.84 -19.92
N ASP B 136 30.82 12.28 -18.84
CA ASP B 136 31.54 12.23 -17.57
C ASP B 136 31.40 10.87 -16.90
N TYR B 137 32.48 10.42 -16.26
CA TYR B 137 32.51 9.10 -15.65
C TYR B 137 32.72 9.14 -14.13
N VAL B 138 32.58 7.97 -13.50
CA VAL B 138 32.90 7.80 -12.10
C VAL B 138 33.18 6.32 -11.85
N THR B 139 34.04 6.03 -10.89
CA THR B 139 34.45 4.65 -10.63
C THR B 139 34.08 4.19 -9.23
N ASP B 140 34.28 2.90 -8.96
CA ASP B 140 34.04 2.35 -7.64
C ASP B 140 35.16 2.75 -6.68
N ALA B 141 34.97 2.49 -5.39
CA ALA B 141 35.96 2.85 -4.39
C ALA B 141 36.58 1.61 -3.76
N MET B 142 37.85 1.38 -4.06
CA MET B 142 38.58 0.24 -3.51
C MET B 142 39.85 0.72 -2.80
N GLU B 143 40.23 0.03 -1.73
CA GLU B 143 41.39 0.42 -0.94
C GLU B 143 42.69 0.28 -1.71
N LYS B 144 43.53 1.32 -1.63
CA LYS B 144 44.80 1.38 -2.34
C LYS B 144 44.65 1.19 -3.84
N GLN B 145 43.67 1.88 -4.42
CA GLN B 145 43.43 1.83 -5.86
C GLN B 145 43.75 3.18 -6.49
N ARG B 146 44.66 3.18 -7.45
CA ARG B 146 45.04 4.41 -8.14
C ARG B 146 45.15 4.20 -9.65
N PHE B 147 45.00 5.27 -10.41
CA PHE B 147 45.13 5.24 -11.85
C PHE B 147 46.07 6.35 -12.31
N GLU B 148 47.33 5.98 -12.56
CA GLU B 148 48.37 6.94 -12.91
C GLU B 148 48.06 7.72 -14.19
N GLY B 149 47.25 7.13 -15.06
CA GLY B 149 46.83 7.80 -16.28
C GLY B 149 45.89 8.96 -15.99
N LEU B 150 45.03 8.76 -14.99
CA LEU B 150 44.09 9.79 -14.59
C LEU B 150 44.76 10.81 -13.68
N GLY B 151 45.58 10.32 -12.76
CA GLY B 151 46.25 11.16 -11.80
C GLY B 151 45.83 10.84 -10.38
N SER B 152 46.62 11.31 -9.41
CA SER B 152 46.32 11.06 -8.00
C SER B 152 45.20 11.97 -7.50
N ALA B 153 44.97 13.08 -8.21
CA ALA B 153 43.94 14.04 -7.85
C ALA B 153 42.54 13.43 -8.01
N ALA B 154 42.43 12.57 -8.99
CA ALA B 154 41.18 11.95 -9.37
C ALA B 154 40.71 10.98 -8.35
N GLY B 155 41.58 10.62 -7.44
CA GLY B 155 41.26 9.60 -6.46
C GLY B 155 41.02 8.25 -7.08
N GLY B 156 39.88 7.65 -6.80
CA GLY B 156 39.66 6.27 -7.10
C GLY B 156 39.94 5.45 -5.87
N ASP B 157 40.56 6.05 -4.87
CA ASP B 157 40.56 5.48 -3.55
C ASP B 157 40.05 6.47 -2.57
N LYS B 158 39.19 5.95 -1.72
CA LYS B 158 38.37 6.77 -0.87
C LYS B 158 37.23 7.34 -1.66
N SER B 159 37.51 8.18 -2.65
CA SER B 159 36.47 8.64 -3.56
C SER B 159 36.30 7.63 -4.69
N GLY B 160 35.83 8.09 -5.85
CA GLY B 160 35.55 7.19 -6.95
C GLY B 160 36.08 7.65 -8.29
N ALA B 161 37.22 8.34 -8.29
CA ALA B 161 37.88 8.80 -9.51
C ALA B 161 36.93 9.55 -10.45
N LEU B 162 36.69 10.83 -10.17
CA LEU B 162 35.77 11.63 -10.95
C LEU B 162 36.41 12.16 -12.23
N SER B 163 35.62 12.29 -13.29
CA SER B 163 36.09 12.81 -14.56
C SER B 163 36.56 14.24 -14.43
N ALA B 164 35.88 15.01 -13.59
CA ALA B 164 36.19 16.43 -13.39
C ALA B 164 37.56 16.61 -12.74
N LEU B 165 38.04 15.57 -12.07
CA LEU B 165 39.28 15.64 -11.33
C LEU B 165 40.47 15.04 -12.08
N GLU B 166 40.23 14.58 -13.31
CA GLU B 166 41.31 14.02 -14.12
C GLU B 166 42.34 15.11 -14.42
N GLU B 167 43.62 14.76 -14.23
CA GLU B 167 44.68 15.75 -14.15
C GLU B 167 45.13 16.36 -15.48
N GLY B 168 45.52 15.50 -16.43
CA GLY B 168 46.10 15.96 -17.67
C GLY B 168 45.10 16.37 -18.73
N VAL B 169 44.07 17.10 -18.33
CA VAL B 169 43.00 17.50 -19.24
C VAL B 169 42.99 19.00 -19.47
N LEU B 170 42.75 19.40 -20.72
CA LEU B 170 42.68 20.81 -21.08
C LEU B 170 41.32 21.40 -20.74
N ARG B 171 41.32 22.56 -20.08
CA ARG B 171 40.08 23.17 -19.62
C ARG B 171 40.06 24.70 -19.66
N ASN B 172 41.15 25.32 -19.19
CA ASN B 172 41.17 26.77 -18.98
C ASN B 172 41.25 27.63 -20.25
N GLN B 173 41.16 26.99 -21.42
CA GLN B 173 41.16 27.67 -22.71
C GLN B 173 42.39 28.54 -23.01
N ALA B 174 42.44 29.05 -24.24
CA ALA B 174 43.54 29.89 -24.70
C ALA B 174 44.90 29.18 -24.59
N GLY B 179 41.41 30.08 -30.23
CA GLY B 179 40.16 29.69 -30.85
C GLY B 179 39.95 28.18 -30.85
N HIS B 180 40.19 27.56 -29.71
CA HIS B 180 40.02 26.11 -29.57
C HIS B 180 38.56 25.76 -29.39
N THR B 181 38.19 24.52 -29.73
CA THR B 181 36.80 24.10 -29.72
C THR B 181 36.49 23.06 -28.64
N ASP B 182 37.21 21.94 -28.68
CA ASP B 182 36.91 20.82 -27.80
C ASP B 182 37.69 20.85 -26.49
N PHE B 183 36.97 20.89 -25.37
CA PHE B 183 37.59 20.92 -24.04
C PHE B 183 37.04 19.82 -23.14
N GLY B 184 37.92 19.21 -22.35
CA GLY B 184 37.51 18.18 -21.41
C GLY B 184 37.26 16.85 -22.09
N MET B 185 36.33 16.09 -21.54
CA MET B 185 35.88 14.85 -22.16
C MET B 185 34.68 15.12 -23.05
N THR B 186 34.94 15.31 -24.34
CA THR B 186 33.88 15.61 -25.29
C THR B 186 33.30 14.33 -25.90
N SER B 187 32.11 14.43 -26.46
CA SER B 187 31.46 13.29 -27.10
C SER B 187 30.96 13.68 -28.49
N GLU B 188 31.12 12.76 -29.45
CA GLU B 188 30.71 13.05 -30.82
C GLU B 188 29.80 11.95 -31.38
N PHE B 189 28.67 12.34 -31.96
CA PHE B 189 27.71 11.38 -32.46
C PHE B 189 27.28 11.68 -33.90
N GLU B 190 26.86 10.63 -34.61
CA GLU B 190 26.18 10.79 -35.89
C GLU B 190 25.00 9.84 -35.94
N VAL B 191 23.80 10.39 -36.12
CA VAL B 191 22.59 9.59 -36.10
C VAL B 191 21.94 9.51 -37.47
N ASP B 192 21.88 8.32 -38.03
CA ASP B 192 21.11 8.06 -39.24
C ASP B 192 19.73 7.60 -38.80
N PHE B 193 18.77 8.51 -38.84
CA PHE B 193 17.40 8.23 -38.42
C PHE B 193 16.71 7.32 -39.43
N SER B 194 17.15 7.38 -40.68
CA SER B 194 16.60 6.51 -41.71
C SER B 194 17.07 5.07 -41.49
N ASP B 195 18.31 4.93 -41.02
CA ASP B 195 18.89 3.62 -40.77
C ASP B 195 18.71 3.21 -39.31
N LYS B 196 18.11 4.11 -38.52
CA LYS B 196 17.87 3.86 -37.10
C LYS B 196 19.14 3.53 -36.33
N THR B 197 20.24 4.20 -36.67
CA THR B 197 21.52 3.88 -36.04
C THR B 197 22.28 5.12 -35.53
N ILE B 198 23.12 4.91 -34.52
CA ILE B 198 23.90 5.99 -33.92
C ILE B 198 25.35 5.59 -33.74
N LYS B 199 26.24 6.33 -34.37
CA LYS B 199 27.68 6.10 -34.21
C LYS B 199 28.30 7.16 -33.31
N GLY B 200 28.75 6.74 -32.13
CA GLY B 200 29.30 7.68 -31.16
C GLY B 200 30.71 7.38 -30.72
N THR B 201 31.42 8.41 -30.27
CA THR B 201 32.78 8.29 -29.77
C THR B 201 32.98 9.21 -28.56
N LEU B 202 33.64 8.67 -27.53
CA LEU B 202 33.94 9.44 -26.33
C LEU B 202 35.43 9.76 -26.26
N TYR B 203 35.74 11.05 -26.24
CA TYR B 203 37.13 11.50 -26.34
C TYR B 203 37.70 12.04 -25.04
N ARG B 204 38.98 12.40 -25.09
CA ARG B 204 39.66 12.98 -23.94
C ARG B 204 40.72 13.96 -24.45
N ASN B 205 40.51 15.24 -24.20
CA ASN B 205 41.42 16.29 -24.65
C ASN B 205 42.62 16.45 -23.73
N ASN B 206 43.82 16.39 -24.32
CA ASN B 206 45.05 16.53 -23.54
C ASN B 206 45.63 17.92 -23.67
N ARG B 207 46.57 18.26 -22.78
CA ARG B 207 47.22 19.57 -22.83
C ARG B 207 48.23 19.62 -23.97
N GLN B 217 49.70 12.91 -27.65
CA GLN B 217 49.06 13.51 -28.81
C GLN B 217 47.90 14.42 -28.40
N ILE B 218 47.18 14.94 -29.39
CA ILE B 218 46.12 15.91 -29.15
C ILE B 218 44.95 15.34 -28.34
N LYS B 219 44.29 14.31 -28.87
CA LYS B 219 43.14 13.72 -28.20
C LYS B 219 43.26 12.21 -28.11
N THR B 220 42.78 11.65 -27.01
CA THR B 220 42.79 10.19 -26.83
C THR B 220 41.38 9.63 -26.78
N THR B 221 41.16 8.56 -27.54
CA THR B 221 39.85 7.91 -27.59
C THR B 221 39.66 6.97 -26.40
N ARG B 222 38.58 7.18 -25.66
CA ARG B 222 38.30 6.34 -24.49
C ARG B 222 37.22 5.31 -24.80
N TYR B 223 36.26 5.69 -25.64
CA TYR B 223 35.16 4.81 -25.98
C TYR B 223 34.65 5.05 -27.40
N THR B 224 33.86 4.09 -27.88
CA THR B 224 33.05 4.28 -29.08
C THR B 224 31.65 3.80 -28.73
N ILE B 225 30.64 4.32 -29.42
CA ILE B 225 29.26 3.98 -29.08
C ILE B 225 28.55 3.32 -30.25
N GLN B 226 27.83 2.23 -29.97
CA GLN B 226 27.02 1.59 -31.00
C GLN B 226 25.60 1.38 -30.49
N ALA B 227 24.65 2.10 -31.08
CA ALA B 227 23.27 2.03 -30.61
C ALA B 227 22.24 2.02 -31.75
N THR B 228 21.07 1.51 -31.46
CA THR B 228 19.96 1.50 -32.43
C THR B 228 18.70 2.07 -31.80
N LEU B 229 17.83 2.64 -32.64
CA LEU B 229 16.58 3.23 -32.16
C LEU B 229 15.46 2.21 -32.03
N HIS B 230 14.66 2.38 -30.98
CA HIS B 230 13.40 1.64 -30.84
C HIS B 230 12.41 2.53 -30.09
N GLY B 231 11.83 3.48 -30.82
CA GLY B 231 11.03 4.53 -30.23
C GLY B 231 11.80 5.84 -30.35
N ASN B 232 11.83 6.62 -29.28
CA ASN B 232 12.65 7.82 -29.24
C ASN B 232 13.91 7.61 -28.41
N ARG B 233 14.11 6.37 -27.99
CA ARG B 233 15.26 6.00 -27.17
C ARG B 233 16.23 5.16 -27.98
N PHE B 234 17.51 5.22 -27.62
CA PHE B 234 18.51 4.37 -28.27
C PHE B 234 19.14 3.38 -27.31
N LYS B 235 19.41 2.18 -27.81
CA LYS B 235 19.89 1.08 -26.97
C LYS B 235 21.09 0.41 -27.63
N GLY B 236 22.09 0.05 -26.84
CA GLY B 236 23.25 -0.64 -27.38
C GLY B 236 24.47 -0.77 -26.50
N LYS B 237 25.62 -0.92 -27.16
CA LYS B 237 26.89 -1.20 -26.50
C LYS B 237 27.84 0.00 -26.47
N ALA B 238 28.67 0.04 -25.43
CA ALA B 238 29.77 0.98 -25.34
C ALA B 238 31.07 0.17 -25.41
N LEU B 239 32.00 0.62 -26.26
CA LEU B 239 33.20 -0.15 -26.54
C LEU B 239 34.47 0.58 -26.11
N ALA B 240 35.18 0.00 -25.16
CA ALA B 240 36.42 0.60 -24.66
C ALA B 240 37.55 0.44 -25.68
N ALA B 241 38.27 1.54 -25.92
CA ALA B 241 39.38 1.54 -26.88
C ALA B 241 40.57 0.76 -26.34
N ASP B 242 40.78 0.84 -25.03
CA ASP B 242 41.87 0.12 -24.38
C ASP B 242 41.35 -1.08 -23.59
N LYS B 243 40.98 -2.14 -24.31
CA LYS B 243 40.48 -3.34 -23.65
C LYS B 243 41.58 -4.39 -23.55
N GLY B 244 41.79 -4.89 -22.33
CA GLY B 244 42.79 -5.90 -22.10
C GLY B 244 43.71 -5.56 -20.94
N ALA B 245 43.37 -4.51 -20.19
CA ALA B 245 44.15 -4.10 -19.02
C ALA B 245 45.61 -3.78 -19.53
N THR B 246 46.66 -4.34 -18.97
CA THR B 246 46.63 -5.07 -17.72
C THR B 246 46.85 -4.13 -16.57
N ASN B 247 47.33 -2.95 -16.88
CA ASN B 247 48.25 -2.26 -16.07
C ASN B 247 47.90 -1.11 -15.18
N GLY B 248 46.62 -0.86 -15.02
CA GLY B 248 46.15 0.06 -14.04
C GLY B 248 45.91 1.47 -14.42
N SER B 249 46.39 1.96 -15.54
CA SER B 249 46.53 3.41 -15.54
C SER B 249 45.17 4.10 -15.69
N HIS B 250 44.18 3.34 -16.12
CA HIS B 250 42.82 3.84 -16.26
C HIS B 250 41.81 2.69 -16.29
N PRO B 251 40.65 2.87 -15.64
CA PRO B 251 39.65 1.82 -15.51
C PRO B 251 38.74 1.68 -16.72
N PHE B 252 39.14 2.28 -17.85
CA PHE B 252 38.35 2.16 -19.07
C PHE B 252 38.78 0.93 -19.86
N ILE B 253 38.81 -0.21 -19.19
CA ILE B 253 39.31 -1.44 -19.79
C ILE B 253 38.19 -2.39 -20.20
N SER B 254 36.95 -2.03 -19.89
CA SER B 254 35.82 -2.91 -20.15
C SER B 254 34.78 -2.27 -21.06
N ASP B 255 34.06 -3.12 -21.79
CA ASP B 255 32.94 -2.67 -22.62
C ASP B 255 31.68 -2.59 -21.78
N SER B 256 30.60 -2.09 -22.38
CA SER B 256 29.33 -1.95 -21.68
C SER B 256 28.15 -2.32 -22.56
N ASP B 257 27.49 -3.42 -22.23
CA ASP B 257 26.31 -3.86 -22.96
C ASP B 257 25.05 -3.19 -22.42
N SER B 258 25.24 -2.20 -21.56
CA SER B 258 24.13 -1.55 -20.90
C SER B 258 24.00 -0.07 -21.27
N LEU B 259 24.36 0.28 -22.50
CA LEU B 259 24.24 1.67 -22.92
C LEU B 259 22.81 1.98 -23.34
N GLU B 260 22.20 2.94 -22.65
CA GLU B 260 20.83 3.34 -22.94
C GLU B 260 20.72 4.85 -22.91
N GLY B 261 20.01 5.41 -23.87
CA GLY B 261 19.81 6.85 -23.93
C GLY B 261 18.52 7.24 -24.61
N GLY B 262 18.33 8.54 -24.78
CA GLY B 262 17.13 9.06 -25.41
C GLY B 262 17.31 10.43 -26.03
N PHE B 263 16.41 10.77 -26.94
CA PHE B 263 16.38 12.08 -27.57
C PHE B 263 15.42 12.99 -26.82
N TYR B 264 15.72 14.28 -26.80
CA TYR B 264 14.88 15.25 -26.13
C TYR B 264 14.72 16.53 -26.96
N GLY B 265 13.61 17.22 -26.73
CA GLY B 265 13.22 18.35 -27.56
C GLY B 265 12.09 17.95 -28.47
N PRO B 266 11.29 18.92 -28.93
CA PRO B 266 10.14 18.62 -29.81
C PRO B 266 10.58 18.14 -31.19
N LYS B 267 11.85 18.35 -31.53
CA LYS B 267 12.36 17.96 -32.83
C LYS B 267 13.56 17.02 -32.70
N GLY B 268 13.78 16.51 -31.50
CA GLY B 268 14.96 15.70 -31.24
C GLY B 268 16.21 16.54 -31.36
N GLU B 269 16.16 17.74 -30.80
CA GLU B 269 17.24 18.70 -30.93
C GLU B 269 18.40 18.38 -30.00
N GLU B 270 18.15 17.57 -28.98
CA GLU B 270 19.20 17.16 -28.05
C GLU B 270 19.13 15.66 -27.77
N LEU B 271 20.17 15.13 -27.13
CA LEU B 271 20.18 13.72 -26.73
C LEU B 271 21.02 13.50 -25.49
N ALA B 272 20.67 12.49 -24.71
CA ALA B 272 21.43 12.18 -23.49
C ALA B 272 21.23 10.75 -23.06
N GLY B 273 22.27 10.15 -22.48
CA GLY B 273 22.20 8.76 -22.06
C GLY B 273 23.23 8.37 -21.02
N LYS B 274 23.34 7.08 -20.79
CA LYS B 274 24.25 6.54 -19.79
C LYS B 274 24.67 5.13 -20.14
N PHE B 275 25.78 4.69 -19.54
CA PHE B 275 26.20 3.29 -19.64
C PHE B 275 27.02 2.88 -18.43
N LEU B 276 26.93 1.61 -18.08
CA LEU B 276 27.70 1.05 -16.98
C LEU B 276 28.58 -0.07 -17.50
N SER B 277 29.89 0.06 -17.30
CA SER B 277 30.85 -0.94 -17.76
C SER B 277 30.55 -2.31 -17.17
N ASN B 278 30.78 -3.35 -17.94
CA ASN B 278 30.46 -4.72 -17.53
C ASN B 278 31.12 -5.17 -16.24
N ASP B 279 32.34 -4.68 -15.98
CA ASP B 279 33.05 -5.02 -14.76
C ASP B 279 32.63 -4.17 -13.58
N ASN B 280 31.62 -3.32 -13.81
CA ASN B 280 31.12 -2.40 -12.80
C ASN B 280 32.21 -1.47 -12.26
N LYS B 281 33.19 -1.19 -13.10
CA LYS B 281 34.30 -0.32 -12.73
C LYS B 281 34.02 1.14 -13.06
N VAL B 282 33.34 1.38 -14.18
CA VAL B 282 33.07 2.74 -14.63
C VAL B 282 31.61 2.95 -15.02
N ALA B 283 30.97 3.92 -14.35
CA ALA B 283 29.63 4.35 -14.73
C ALA B 283 29.76 5.73 -15.37
N ALA B 284 29.24 5.88 -16.58
CA ALA B 284 29.38 7.15 -17.30
C ALA B 284 28.07 7.64 -17.89
N VAL B 285 27.90 8.96 -17.92
CA VAL B 285 26.74 9.57 -18.54
C VAL B 285 27.19 10.55 -19.61
N PHE B 286 26.32 10.84 -20.58
CA PHE B 286 26.70 11.71 -21.68
C PHE B 286 25.53 12.53 -22.21
N GLY B 287 25.84 13.69 -22.78
CA GLY B 287 24.82 14.57 -23.33
C GLY B 287 25.35 15.40 -24.49
N ALA B 288 24.64 15.38 -25.60
CA ALA B 288 25.07 16.09 -26.80
C ALA B 288 23.91 16.81 -27.48
N LYS B 289 24.22 17.93 -28.13
CA LYS B 289 23.21 18.69 -28.86
C LYS B 289 23.69 18.97 -30.28
N GLN B 290 22.83 19.62 -31.06
CA GLN B 290 23.21 20.07 -32.39
C GLN B 290 23.87 21.44 -32.29
N LYS B 291 23.86 22.21 -33.37
CA LYS B 291 24.56 23.48 -33.37
C LYS B 291 23.63 24.70 -33.30
N ASP B 292 24.11 25.74 -32.63
CA ASP B 292 23.42 27.03 -32.54
C ASP B 292 22.04 26.96 -31.90
N LYS B 293 22.01 26.88 -30.58
CA LYS B 293 20.77 26.94 -29.79
C LYS B 293 19.68 25.98 -30.28
N PRO B 302 16.61 21.59 -41.01
CA PRO B 302 16.63 20.14 -40.77
C PRO B 302 15.24 19.52 -40.86
N ALA B 303 14.95 18.89 -42.00
CA ALA B 303 13.66 18.26 -42.22
C ALA B 303 13.36 17.21 -41.14
N THR B 304 12.09 17.05 -40.81
CA THR B 304 11.71 16.15 -39.72
C THR B 304 10.39 15.44 -39.99
N GLU B 305 10.06 14.47 -39.13
CA GLU B 305 8.83 13.70 -39.26
C GLU B 305 8.39 13.16 -37.90
N THR B 306 7.09 12.93 -37.76
CA THR B 306 6.54 12.39 -36.51
C THR B 306 6.89 10.92 -36.35
N VAL B 307 7.32 10.55 -35.15
CA VAL B 307 7.69 9.16 -34.88
C VAL B 307 6.83 8.53 -33.79
N ILE B 308 6.27 9.37 -32.92
CA ILE B 308 5.47 8.88 -31.80
C ILE B 308 4.20 9.69 -31.59
N ASP B 309 3.07 8.99 -31.52
CA ASP B 309 1.80 9.62 -31.15
C ASP B 309 1.45 9.22 -29.73
N ALA B 310 0.99 10.17 -28.94
CA ALA B 310 0.61 9.92 -27.55
C ALA B 310 -0.25 11.05 -27.01
N TYR B 311 -1.56 10.83 -26.95
CA TYR B 311 -2.46 11.86 -26.46
C TYR B 311 -3.67 11.29 -25.71
N ARG B 312 -4.49 12.19 -25.18
CA ARG B 312 -5.72 11.83 -24.50
C ARG B 312 -6.82 12.83 -24.81
N ILE B 313 -8.03 12.58 -24.32
CA ILE B 313 -9.10 13.56 -24.44
C ILE B 313 -8.96 14.53 -23.27
N THR B 314 -9.58 15.71 -23.38
CA THR B 314 -9.35 16.79 -22.42
C THR B 314 -9.57 16.45 -20.93
N GLY B 315 -10.74 15.98 -20.50
CA GLY B 315 -11.93 15.78 -21.32
C GLY B 315 -13.16 16.07 -20.46
N GLU B 316 -14.28 16.39 -21.10
CA GLU B 316 -14.40 16.43 -22.55
C GLU B 316 -13.89 17.74 -23.13
N GLU B 317 -14.44 18.85 -22.64
CA GLU B 317 -14.10 20.19 -23.13
C GLU B 317 -14.21 20.27 -24.65
N PHE B 318 -13.06 20.18 -25.32
CA PHE B 318 -13.05 20.11 -26.79
C PHE B 318 -11.87 19.29 -27.31
N LYS B 319 -10.68 19.89 -27.30
CA LYS B 319 -9.50 19.32 -27.96
C LYS B 319 -8.86 18.15 -27.23
N LYS B 320 -7.75 17.68 -27.77
CA LYS B 320 -6.98 16.60 -27.17
C LYS B 320 -5.78 17.17 -26.43
N GLU B 321 -5.20 16.37 -25.53
CA GLU B 321 -4.03 16.81 -24.79
C GLU B 321 -2.85 15.87 -25.01
N GLN B 322 -1.72 16.45 -25.41
CA GLN B 322 -0.51 15.68 -25.68
C GLN B 322 0.17 15.21 -24.38
N ILE B 323 0.65 13.98 -24.38
CA ILE B 323 1.32 13.41 -23.22
C ILE B 323 2.67 12.82 -23.59
N ASP B 324 3.59 12.83 -22.64
CA ASP B 324 4.94 12.31 -22.86
C ASP B 324 4.93 10.81 -23.12
N SER B 325 5.91 10.33 -23.88
CA SER B 325 6.03 8.91 -24.19
C SER B 325 7.46 8.57 -24.59
N PHE B 326 7.85 7.32 -24.36
CA PHE B 326 9.20 6.86 -24.68
C PHE B 326 9.16 5.78 -25.76
N GLY B 327 7.96 5.35 -26.11
CA GLY B 327 7.79 4.30 -27.10
C GLY B 327 7.29 3.01 -26.49
N ASP B 328 7.49 2.87 -25.18
CA ASP B 328 7.02 1.69 -24.47
C ASP B 328 5.50 1.71 -24.40
N VAL B 329 4.87 1.00 -25.33
CA VAL B 329 3.41 0.96 -25.45
C VAL B 329 2.76 0.35 -24.21
N LYS B 330 3.44 -0.61 -23.60
CA LYS B 330 2.89 -1.37 -22.48
C LYS B 330 2.65 -0.53 -21.21
N LYS B 331 3.04 0.74 -21.25
CA LYS B 331 2.78 1.64 -20.14
C LYS B 331 2.65 3.09 -20.61
N LEU B 332 2.04 3.93 -19.79
CA LEU B 332 1.84 5.33 -20.16
C LEU B 332 2.15 6.28 -19.01
N LEU B 333 2.14 7.59 -19.31
CA LEU B 333 2.42 8.62 -18.32
C LEU B 333 1.28 9.63 -18.25
N VAL B 334 0.86 9.97 -17.05
CA VAL B 334 -0.18 10.97 -16.85
C VAL B 334 0.47 12.32 -16.56
N ASP B 335 1.58 12.60 -17.25
CA ASP B 335 2.39 13.78 -16.99
C ASP B 335 3.09 13.81 -15.64
N GLY B 336 3.10 12.66 -14.96
CA GLY B 336 3.52 12.55 -13.58
C GLY B 336 4.25 11.25 -13.28
N VAL B 337 3.50 10.24 -12.87
CA VAL B 337 4.09 8.95 -12.48
C VAL B 337 3.72 7.85 -13.47
N GLU B 338 4.61 6.88 -13.63
CA GLU B 338 4.43 5.78 -14.59
C GLU B 338 3.19 4.94 -14.30
N LEU B 339 2.59 4.43 -15.38
CA LEU B 339 1.37 3.63 -15.29
C LEU B 339 1.47 2.37 -16.15
N SER B 340 1.70 1.23 -15.51
CA SER B 340 1.79 -0.05 -16.23
C SER B 340 0.41 -0.49 -16.72
N LEU B 341 0.36 -1.09 -17.90
CA LEU B 341 -0.91 -1.48 -18.51
C LEU B 341 -1.04 -2.99 -18.66
N LEU B 342 -0.22 -3.74 -17.92
CA LEU B 342 -0.26 -5.19 -17.99
C LEU B 342 -0.56 -5.80 -16.62
N PHE B 351 -9.74 -10.07 -24.11
CA PHE B 351 -9.44 -9.08 -25.13
C PHE B 351 -9.03 -7.77 -24.47
N GLN B 352 -9.95 -7.14 -23.76
CA GLN B 352 -9.68 -5.89 -23.06
C GLN B 352 -9.39 -6.15 -21.59
N HIS B 353 -8.73 -5.20 -20.94
CA HIS B 353 -8.41 -5.32 -19.52
C HIS B 353 -8.22 -3.96 -18.85
N GLU B 354 -8.75 -3.83 -17.65
CA GLU B 354 -8.62 -2.60 -16.89
C GLU B 354 -7.80 -2.82 -15.63
N ILE B 355 -7.16 -1.76 -15.14
CA ILE B 355 -6.34 -1.84 -13.93
C ILE B 355 -6.37 -0.54 -13.13
N GLU B 356 -6.17 -0.66 -11.82
CA GLU B 356 -5.95 0.51 -10.97
C GLU B 356 -4.59 0.40 -10.27
N GLN B 357 -3.79 1.43 -10.45
CA GLN B 357 -2.55 1.58 -9.73
C GLN B 357 -3.03 2.16 -8.42
N ASN B 358 -2.10 2.67 -7.62
CA ASN B 358 -2.40 3.17 -6.28
C ASN B 358 -2.89 4.62 -6.31
N GLY B 359 -3.04 5.17 -7.51
CA GLY B 359 -3.46 6.56 -7.59
C GLY B 359 -4.70 6.71 -8.44
N VAL B 360 -4.60 6.34 -9.71
CA VAL B 360 -5.73 6.44 -10.63
C VAL B 360 -6.10 5.08 -11.22
N LYS B 361 -7.19 5.05 -11.97
CA LYS B 361 -7.64 3.81 -12.61
C LYS B 361 -7.82 4.03 -14.11
N ALA B 362 -7.71 2.94 -14.89
CA ALA B 362 -7.83 3.05 -16.34
C ALA B 362 -8.20 1.72 -16.99
N THR B 363 -8.59 1.79 -18.26
CA THR B 363 -8.90 0.61 -19.06
C THR B 363 -8.18 0.70 -20.40
N VAL B 364 -7.45 -0.35 -20.76
CA VAL B 364 -6.58 -0.31 -21.93
C VAL B 364 -6.80 -1.46 -22.91
N CYS B 365 -6.87 -1.12 -24.20
CA CYS B 365 -6.97 -2.10 -25.27
C CYS B 365 -5.75 -1.99 -26.19
N CYS B 366 -5.34 -3.09 -26.81
CA CYS B 366 -5.96 -4.40 -26.64
C CYS B 366 -4.93 -5.52 -26.71
N SER B 367 -5.38 -6.73 -27.04
CA SER B 367 -4.51 -7.90 -27.08
C SER B 367 -3.82 -8.07 -28.42
N ASN B 368 -4.57 -7.87 -29.50
CA ASN B 368 -4.08 -8.13 -30.84
C ASN B 368 -3.08 -7.08 -31.34
N LEU B 369 -3.04 -5.93 -30.66
CA LEU B 369 -2.15 -4.85 -31.06
C LEU B 369 -0.87 -4.83 -30.23
N ASP B 370 0.27 -4.69 -30.91
CA ASP B 370 1.56 -4.70 -30.23
C ASP B 370 2.25 -3.34 -30.33
N TYR B 371 1.88 -2.56 -31.34
CA TYR B 371 2.55 -1.29 -31.61
C TYR B 371 1.72 -0.07 -31.18
N MET B 372 0.58 -0.32 -30.53
CA MET B 372 -0.25 0.76 -30.06
C MET B 372 -1.19 0.31 -28.94
N SER B 373 -1.58 1.26 -28.09
CA SER B 373 -2.56 1.01 -27.05
C SER B 373 -3.49 2.21 -26.89
N PHE B 374 -4.78 1.93 -26.75
CA PHE B 374 -5.78 2.99 -26.62
C PHE B 374 -6.92 2.54 -25.72
N GLY B 375 -7.51 3.48 -25.00
CA GLY B 375 -8.60 3.16 -24.10
C GLY B 375 -9.10 4.39 -23.36
N LYS B 376 -9.40 4.21 -22.07
CA LYS B 376 -9.92 5.32 -21.26
C LYS B 376 -9.25 5.36 -19.89
N LEU B 377 -9.42 6.49 -19.20
CA LEU B 377 -8.86 6.65 -17.86
C LEU B 377 -9.68 7.67 -17.05
N SER B 378 -9.68 7.52 -15.74
CA SER B 378 -10.49 8.37 -14.88
C SER B 378 -9.75 8.79 -13.61
N LYS B 379 -9.95 10.03 -13.20
CA LYS B 379 -9.37 10.54 -11.95
C LYS B 379 -10.21 11.67 -11.36
N GLU B 380 -10.66 12.59 -12.20
CA GLU B 380 -11.46 13.72 -11.76
C GLU B 380 -12.94 13.39 -11.89
N ASN B 381 -13.24 12.10 -12.00
CA ASN B 381 -14.60 11.62 -12.27
C ASN B 381 -15.16 12.14 -13.60
N LYS B 382 -14.27 12.65 -14.43
CA LYS B 382 -14.59 13.01 -15.81
C LYS B 382 -13.66 12.24 -16.73
N ASP B 383 -14.12 11.09 -17.21
CA ASP B 383 -13.28 10.16 -17.94
C ASP B 383 -12.72 10.72 -19.25
N ASP B 384 -11.42 10.52 -19.45
CA ASP B 384 -10.76 10.86 -20.70
C ASP B 384 -10.47 9.59 -21.46
N MET B 385 -10.05 9.72 -22.72
CA MET B 385 -9.69 8.55 -23.52
C MET B 385 -8.32 8.73 -24.15
N PHE B 386 -7.43 7.77 -23.92
CA PHE B 386 -6.05 7.87 -24.37
C PHE B 386 -5.77 7.03 -25.62
N LEU B 387 -4.74 7.43 -26.34
CA LEU B 387 -4.24 6.65 -27.49
C LEU B 387 -2.77 6.94 -27.68
N GLN B 388 -1.98 5.89 -27.89
CA GLN B 388 -0.55 6.02 -28.11
C GLN B 388 -0.02 4.93 -29.02
N GLY B 389 0.99 5.27 -29.82
CA GLY B 389 1.60 4.33 -30.74
C GLY B 389 2.83 4.89 -31.41
N VAL B 390 3.78 4.00 -31.73
CA VAL B 390 5.00 4.39 -32.42
C VAL B 390 4.78 4.30 -33.92
N ARG B 391 4.72 5.45 -34.58
CA ARG B 391 4.39 5.51 -36.00
C ARG B 391 5.37 4.79 -36.91
N THR B 392 4.84 4.11 -37.91
CA THR B 392 5.63 3.51 -38.97
C THR B 392 6.28 4.64 -39.77
N PRO B 393 7.57 4.49 -40.10
CA PRO B 393 8.31 5.54 -40.81
C PRO B 393 7.70 5.94 -42.16
N VAL B 394 8.22 7.01 -42.74
CA VAL B 394 7.73 7.54 -44.01
C VAL B 394 7.91 6.53 -45.15
N SER B 395 9.00 5.79 -45.13
CA SER B 395 9.34 4.83 -46.17
C SER B 395 8.21 3.83 -46.47
N ASP B 396 7.52 3.40 -45.43
CA ASP B 396 6.42 2.44 -45.58
C ASP B 396 5.20 3.07 -46.24
N VAL B 397 5.14 4.40 -46.26
CA VAL B 397 4.07 5.10 -46.95
C VAL B 397 4.50 5.47 -48.37
N ALA B 398 5.77 5.81 -48.54
CA ALA B 398 6.32 6.12 -49.86
C ALA B 398 6.16 4.92 -50.79
N ALA B 399 6.18 3.72 -50.21
CA ALA B 399 5.76 2.50 -50.88
C ALA B 399 4.69 1.88 -49.98
N ARG B 400 3.38 2.11 -50.21
CA ARG B 400 2.71 2.51 -51.47
C ARG B 400 2.70 1.35 -52.47
N THR B 401 2.16 1.61 -53.66
CA THR B 401 1.99 0.58 -54.68
C THR B 401 1.12 -0.58 -54.20
N GLU B 402 0.06 -0.24 -53.47
CA GLU B 402 -0.90 -1.23 -52.99
C GLU B 402 -2.32 -0.86 -53.39
N ALA B 403 -3.23 -1.83 -53.31
CA ALA B 403 -4.63 -1.61 -53.62
C ALA B 403 -5.55 -2.11 -52.50
N ASN B 404 -5.66 -1.31 -51.44
CA ASN B 404 -6.40 -1.66 -50.22
C ASN B 404 -5.73 -2.76 -49.40
N ALA B 405 -5.87 -2.68 -48.08
CA ALA B 405 -5.21 -3.64 -47.20
C ALA B 405 -6.21 -4.33 -46.26
N LYS B 406 -7.41 -3.76 -46.17
CA LYS B 406 -8.46 -4.28 -45.29
C LYS B 406 -8.02 -4.45 -43.83
N TYR B 407 -7.98 -3.35 -43.10
CA TYR B 407 -7.68 -3.36 -41.68
C TYR B 407 -8.90 -3.83 -40.89
N ARG B 408 -8.68 -4.25 -39.64
CA ARG B 408 -9.78 -4.68 -38.79
C ARG B 408 -9.43 -4.59 -37.31
N GLY B 409 -10.27 -3.91 -36.55
CA GLY B 409 -10.06 -3.74 -35.12
C GLY B 409 -11.29 -3.28 -34.36
N THR B 410 -11.09 -2.39 -33.40
CA THR B 410 -12.19 -1.87 -32.58
C THR B 410 -11.92 -0.44 -32.11
N TRP B 411 -12.78 0.03 -31.20
CA TRP B 411 -12.74 1.42 -30.77
C TRP B 411 -13.46 1.71 -29.45
N TYR B 412 -13.15 2.86 -28.88
CA TYR B 412 -13.86 3.40 -27.73
C TYR B 412 -14.53 4.71 -28.14
N GLY B 413 -15.71 4.99 -27.62
CA GLY B 413 -16.44 6.18 -28.01
C GLY B 413 -17.34 6.80 -26.95
N TYR B 414 -17.60 8.09 -27.11
CA TYR B 414 -18.51 8.81 -26.22
C TYR B 414 -19.33 9.82 -27.02
N ILE B 415 -20.63 9.88 -26.72
CA ILE B 415 -21.55 10.76 -27.46
C ILE B 415 -22.48 11.46 -26.48
N ALA B 416 -22.48 12.79 -26.50
CA ALA B 416 -23.36 13.55 -25.61
C ALA B 416 -24.32 14.45 -26.38
N ASN B 417 -25.61 14.29 -26.09
CA ASN B 417 -26.65 15.17 -26.62
C ASN B 417 -27.54 15.65 -25.47
N GLY B 418 -28.84 15.37 -25.53
CA GLY B 418 -29.72 15.59 -24.41
C GLY B 418 -29.27 14.66 -23.30
N THR B 419 -28.89 13.46 -23.71
CA THR B 419 -28.34 12.45 -22.81
C THR B 419 -27.04 11.92 -23.41
N SER B 420 -26.15 11.44 -22.57
CA SER B 420 -24.84 11.00 -23.04
C SER B 420 -24.68 9.48 -23.02
N TRP B 421 -24.26 8.93 -24.15
CA TRP B 421 -24.05 7.50 -24.29
C TRP B 421 -22.60 7.19 -24.64
N SER B 422 -22.07 6.10 -24.09
CA SER B 422 -20.69 5.69 -24.36
C SER B 422 -20.62 4.23 -24.80
N GLY B 423 -19.58 3.91 -25.56
CA GLY B 423 -19.38 2.55 -26.04
C GLY B 423 -17.94 2.11 -25.91
N GLU B 424 -17.73 0.83 -25.65
CA GLU B 424 -16.38 0.29 -25.48
C GLU B 424 -16.05 -0.79 -26.51
N ALA B 425 -14.83 -1.31 -26.44
CA ALA B 425 -14.34 -2.28 -27.41
C ALA B 425 -15.04 -3.63 -27.29
N SER B 426 -14.94 -4.43 -28.35
CA SER B 426 -15.52 -5.77 -28.37
C SER B 426 -14.62 -6.75 -29.10
N ASN B 427 -15.08 -7.99 -29.26
CA ASN B 427 -14.26 -9.03 -29.88
C ASN B 427 -14.96 -9.76 -31.04
N GLN B 428 -16.16 -10.26 -30.80
CA GLN B 428 -16.87 -11.04 -31.80
C GLN B 428 -17.71 -10.18 -32.74
N GLU B 429 -18.66 -10.82 -33.45
CA GLU B 429 -19.39 -10.15 -34.52
C GLU B 429 -20.42 -9.13 -34.04
N GLY B 430 -21.06 -9.42 -32.90
CA GLY B 430 -22.15 -8.60 -32.41
C GLY B 430 -21.74 -7.21 -31.92
N GLY B 431 -20.68 -7.16 -31.12
CA GLY B 431 -20.24 -5.93 -30.52
C GLY B 431 -19.58 -4.94 -31.46
N ASN B 432 -18.90 -3.96 -30.88
CA ASN B 432 -18.22 -2.92 -31.66
C ASN B 432 -17.09 -3.47 -32.52
N ARG B 433 -16.92 -2.88 -33.71
CA ARG B 433 -15.95 -3.36 -34.68
C ARG B 433 -15.51 -2.23 -35.60
N ALA B 434 -14.41 -2.44 -36.32
CA ALA B 434 -13.87 -1.40 -37.20
C ALA B 434 -13.19 -1.97 -38.44
N GLU B 435 -13.80 -1.73 -39.59
CA GLU B 435 -13.24 -2.14 -40.88
C GLU B 435 -12.67 -0.92 -41.60
N PHE B 436 -11.56 -1.12 -42.31
CA PHE B 436 -10.95 -0.03 -43.08
C PHE B 436 -10.41 -0.51 -44.42
N ASP B 437 -10.48 0.36 -45.42
CA ASP B 437 -9.90 0.09 -46.73
C ASP B 437 -8.92 1.20 -47.09
N VAL B 438 -7.63 0.89 -46.98
CA VAL B 438 -6.59 1.88 -47.22
C VAL B 438 -5.89 1.66 -48.57
N ASP B 439 -6.31 2.41 -49.58
CA ASP B 439 -5.72 2.31 -50.90
C ASP B 439 -4.54 3.28 -51.05
N PHE B 440 -3.34 2.73 -51.11
CA PHE B 440 -2.12 3.52 -51.29
C PHE B 440 -2.00 3.96 -52.74
N SER B 441 -0.86 4.53 -53.10
CA SER B 441 -0.61 5.10 -54.44
C SER B 441 -1.58 6.23 -54.80
N THR B 442 -2.87 6.00 -54.59
CA THR B 442 -3.87 7.04 -54.74
C THR B 442 -4.06 7.77 -53.41
N LYS B 443 -3.39 7.26 -52.38
CA LYS B 443 -3.41 7.83 -51.03
C LYS B 443 -4.81 7.90 -50.39
N LYS B 444 -5.79 7.23 -50.99
CA LYS B 444 -7.15 7.31 -50.50
C LYS B 444 -7.45 6.32 -49.37
N ILE B 445 -8.34 6.71 -48.46
CA ILE B 445 -8.74 5.84 -47.37
C ILE B 445 -10.26 5.91 -47.14
N SER B 446 -10.89 4.73 -47.12
CA SER B 446 -12.29 4.63 -46.73
C SER B 446 -12.35 3.74 -45.49
N GLY B 447 -13.51 3.70 -44.84
CA GLY B 447 -13.66 2.86 -43.66
C GLY B 447 -14.98 3.06 -42.94
N THR B 448 -15.32 2.09 -42.09
CA THR B 448 -16.53 2.15 -41.28
C THR B 448 -16.28 1.55 -39.91
N LEU B 449 -16.91 2.10 -38.89
CA LEU B 449 -16.88 1.46 -37.57
C LEU B 449 -18.30 1.30 -37.02
N THR B 450 -18.61 0.09 -36.57
CA THR B 450 -19.96 -0.28 -36.17
C THR B 450 -20.11 -0.36 -34.66
N ALA B 451 -21.34 -0.16 -34.18
CA ALA B 451 -21.62 -0.18 -32.75
C ALA B 451 -22.16 -1.55 -32.30
N LYS B 452 -22.82 -1.56 -31.15
CA LYS B 452 -23.34 -2.80 -30.57
C LYS B 452 -24.74 -3.12 -31.05
N ASP B 453 -24.89 -4.31 -31.63
CA ASP B 453 -26.20 -4.82 -32.08
C ASP B 453 -26.91 -3.96 -33.12
N ARG B 454 -26.22 -2.95 -33.65
CA ARG B 454 -26.82 -2.07 -34.63
C ARG B 454 -26.51 -2.52 -36.06
N THR B 455 -27.52 -2.50 -36.92
CA THR B 455 -27.40 -3.01 -38.28
C THR B 455 -26.46 -2.18 -39.14
N SER B 456 -26.72 -0.88 -39.24
CA SER B 456 -25.93 0.02 -40.08
C SER B 456 -24.68 0.49 -39.36
N PRO B 457 -23.62 0.83 -40.12
CA PRO B 457 -22.37 1.36 -39.56
C PRO B 457 -22.61 2.60 -38.70
N ALA B 458 -21.93 2.67 -37.57
CA ALA B 458 -22.08 3.80 -36.66
C ALA B 458 -21.39 5.05 -37.22
N PHE B 459 -20.16 4.88 -37.68
CA PHE B 459 -19.41 5.99 -38.25
C PHE B 459 -18.78 5.63 -39.60
N THR B 460 -19.04 6.47 -40.59
CA THR B 460 -18.39 6.33 -41.90
C THR B 460 -17.19 7.27 -41.97
N ILE B 461 -16.00 6.68 -42.00
CA ILE B 461 -14.76 7.46 -42.02
C ILE B 461 -14.17 7.51 -43.43
N THR B 462 -13.93 8.73 -43.91
CA THR B 462 -13.27 8.93 -45.19
C THR B 462 -12.07 9.84 -44.97
N ALA B 463 -10.90 9.40 -45.42
CA ALA B 463 -9.67 10.16 -45.18
C ALA B 463 -8.66 10.03 -46.31
N MET B 464 -7.54 10.73 -46.18
CA MET B 464 -6.46 10.64 -47.15
C MET B 464 -5.11 10.59 -46.43
N ILE B 465 -4.12 10.02 -47.09
CA ILE B 465 -2.81 9.81 -46.48
C ILE B 465 -1.84 10.96 -46.72
N LYS B 466 -1.20 11.43 -45.66
CA LYS B 466 -0.12 12.41 -45.76
C LYS B 466 1.02 11.99 -44.84
N ASP B 467 2.24 11.97 -45.38
CA ASP B 467 3.41 11.54 -44.64
C ASP B 467 3.21 10.16 -44.02
N ASN B 468 3.56 10.01 -42.76
CA ASN B 468 3.35 8.75 -42.05
C ASN B 468 2.03 8.70 -41.30
N GLY B 469 1.07 9.52 -41.73
CA GLY B 469 -0.23 9.55 -41.09
C GLY B 469 -1.39 9.72 -42.06
N PHE B 470 -2.60 9.79 -41.52
CA PHE B 470 -3.78 10.00 -42.35
C PHE B 470 -4.75 10.98 -41.68
N SER B 471 -5.37 11.83 -42.51
CA SER B 471 -6.31 12.82 -42.02
C SER B 471 -7.57 12.87 -42.87
N GLY B 472 -8.72 13.05 -42.23
CA GLY B 472 -9.98 13.11 -42.93
C GLY B 472 -11.14 13.44 -42.01
N VAL B 473 -12.33 12.95 -42.36
CA VAL B 473 -13.52 13.19 -41.55
C VAL B 473 -14.30 11.90 -41.28
N ALA B 474 -15.05 11.90 -40.18
CA ALA B 474 -15.91 10.78 -39.82
C ALA B 474 -17.32 11.29 -39.61
N LYS B 475 -18.28 10.70 -40.34
CA LYS B 475 -19.66 11.18 -40.28
C LYS B 475 -20.62 10.12 -39.75
N THR B 476 -21.77 10.57 -39.26
CA THR B 476 -22.84 9.68 -38.85
C THR B 476 -23.66 9.28 -40.06
N GLY B 477 -24.76 8.56 -39.82
CA GLY B 477 -25.64 8.14 -40.89
C GLY B 477 -26.34 9.32 -41.54
N GLU B 478 -26.93 9.08 -42.71
CA GLU B 478 -27.67 10.12 -43.42
C GLU B 478 -28.86 10.59 -42.58
N ASN B 479 -29.51 9.64 -41.93
CA ASN B 479 -30.58 9.95 -40.99
C ASN B 479 -30.01 10.32 -39.63
N GLY B 480 -28.97 9.59 -39.22
CA GLY B 480 -28.32 9.85 -37.94
C GLY B 480 -28.04 8.57 -37.18
N PHE B 481 -27.48 8.72 -35.98
CA PHE B 481 -27.16 7.58 -35.13
C PHE B 481 -28.12 7.53 -33.94
N ALA B 482 -28.87 6.43 -33.84
CA ALA B 482 -29.85 6.27 -32.77
C ALA B 482 -29.17 6.02 -31.43
N SER B 491 -36.20 5.43 -30.24
CA SER B 491 -36.16 6.71 -29.53
C SER B 491 -34.83 7.43 -29.76
N HIS B 492 -34.91 8.75 -29.87
CA HIS B 492 -33.74 9.62 -30.02
C HIS B 492 -32.94 9.43 -31.32
N TYR B 493 -32.13 10.43 -31.64
CA TYR B 493 -31.27 10.41 -32.82
C TYR B 493 -30.05 11.27 -32.53
N THR B 494 -29.03 11.14 -33.37
CA THR B 494 -27.83 11.95 -33.21
C THR B 494 -27.19 12.27 -34.56
N HIS B 495 -26.88 13.54 -34.77
CA HIS B 495 -26.29 14.00 -36.02
C HIS B 495 -24.82 14.39 -35.80
N ILE B 496 -23.96 13.39 -35.59
CA ILE B 496 -22.56 13.67 -35.29
C ILE B 496 -21.65 13.64 -36.51
N GLU B 497 -20.99 14.77 -36.74
CA GLU B 497 -19.99 14.87 -37.79
C GLU B 497 -18.71 15.44 -37.21
N ALA B 498 -17.64 14.64 -37.24
CA ALA B 498 -16.38 15.07 -36.64
C ALA B 498 -15.23 14.97 -37.64
N THR B 499 -14.10 15.57 -37.29
CA THR B 499 -12.89 15.49 -38.12
C THR B 499 -11.89 14.51 -37.51
N VAL B 500 -11.57 13.47 -38.27
CA VAL B 500 -10.71 12.40 -37.76
C VAL B 500 -9.26 12.57 -38.19
N SER B 501 -8.34 12.37 -37.25
CA SER B 501 -6.91 12.33 -37.57
C SER B 501 -6.30 11.09 -36.92
N GLY B 502 -5.40 10.44 -37.64
CA GLY B 502 -4.76 9.25 -37.12
C GLY B 502 -3.44 8.95 -37.78
N GLY B 503 -2.83 7.83 -37.39
CA GLY B 503 -1.54 7.43 -37.93
C GLY B 503 -1.40 5.94 -38.13
N PHE B 504 -0.37 5.57 -38.87
CA PHE B 504 -0.04 4.16 -39.10
C PHE B 504 1.03 3.71 -38.11
N TYR B 505 0.74 2.65 -37.37
CA TYR B 505 1.66 2.15 -36.36
C TYR B 505 2.03 0.70 -36.65
N GLY B 506 3.30 0.35 -36.47
CA GLY B 506 3.73 -1.01 -36.67
C GLY B 506 5.05 -1.15 -37.40
N LYS B 507 5.55 -2.38 -37.47
CA LYS B 507 6.79 -2.69 -38.15
C LYS B 507 6.65 -2.48 -39.66
N ASN B 508 5.56 -2.99 -40.21
CA ASN B 508 5.30 -2.89 -41.64
C ASN B 508 3.96 -2.20 -41.88
N ALA B 509 3.66 -1.21 -41.05
CA ALA B 509 2.36 -0.53 -41.05
C ALA B 509 1.23 -1.54 -40.88
N ILE B 510 1.48 -2.55 -40.05
CA ILE B 510 0.53 -3.64 -39.85
C ILE B 510 -0.65 -3.22 -38.99
N GLU B 511 -0.56 -2.04 -38.39
CA GLU B 511 -1.65 -1.51 -37.59
C GLU B 511 -1.88 -0.03 -37.90
N MET B 512 -3.05 0.47 -37.54
CA MET B 512 -3.37 1.89 -37.70
C MET B 512 -4.31 2.33 -36.59
N GLY B 513 -4.19 3.58 -36.18
CA GLY B 513 -5.02 4.11 -35.11
C GLY B 513 -5.43 5.53 -35.38
N GLY B 514 -6.30 6.07 -34.55
CA GLY B 514 -6.71 7.46 -34.71
C GLY B 514 -7.79 7.93 -33.75
N SER B 515 -8.27 9.14 -33.97
CA SER B 515 -9.29 9.73 -33.11
C SER B 515 -10.02 10.89 -33.78
N PHE B 516 -11.23 11.16 -33.29
CA PHE B 516 -11.98 12.35 -33.68
C PHE B 516 -12.89 12.83 -32.55
N SER B 517 -12.83 14.12 -32.27
CA SER B 517 -13.59 14.70 -31.16
C SER B 517 -14.36 15.94 -31.58
N PHE B 518 -15.12 16.50 -30.64
CA PHE B 518 -15.92 17.70 -30.89
C PHE B 518 -16.25 18.43 -29.59
N ALA B 530 -19.04 13.66 -27.80
CA ALA B 530 -18.72 13.46 -29.20
C ALA B 530 -17.22 13.25 -29.41
N SER B 531 -16.72 12.08 -29.01
CA SER B 531 -15.31 11.77 -29.14
C SER B 531 -15.08 10.25 -29.23
N VAL B 532 -14.29 9.83 -30.22
CA VAL B 532 -14.03 8.41 -30.45
C VAL B 532 -12.57 8.17 -30.83
N VAL B 533 -11.96 7.17 -30.18
CA VAL B 533 -10.62 6.72 -30.53
C VAL B 533 -10.68 5.30 -31.08
N PHE B 534 -9.85 4.97 -32.06
CA PHE B 534 -9.93 3.66 -32.71
C PHE B 534 -8.57 3.06 -33.07
N GLY B 535 -8.57 1.74 -33.24
CA GLY B 535 -7.38 1.01 -33.68
C GLY B 535 -7.76 -0.23 -34.47
N ALA B 536 -6.89 -0.63 -35.40
CA ALA B 536 -7.14 -1.79 -36.25
C ALA B 536 -5.85 -2.40 -36.78
N LYS B 537 -5.91 -3.67 -37.18
CA LYS B 537 -4.73 -4.38 -37.67
C LYS B 537 -4.82 -4.73 -39.16
N ARG B 538 -3.69 -4.64 -39.84
CA ARG B 538 -3.59 -4.95 -41.27
C ARG B 538 -3.30 -6.43 -41.49
N SER C 6 -16.56 -10.56 -10.96
CA SER C 6 -17.77 -10.64 -10.15
C SER C 6 -17.95 -9.40 -9.29
N GLY C 7 -18.23 -9.59 -8.01
CA GLY C 7 -18.41 -8.48 -7.09
C GLY C 7 -19.85 -8.27 -6.69
N ALA C 8 -20.55 -9.37 -6.40
CA ALA C 8 -21.94 -9.31 -5.98
C ALA C 8 -22.09 -9.84 -4.56
N ALA C 9 -22.65 -9.02 -3.67
CA ALA C 9 -22.73 -9.35 -2.26
C ALA C 9 -23.85 -10.35 -1.93
N TYR C 10 -24.09 -10.53 -0.63
CA TYR C 10 -25.14 -11.43 -0.16
C TYR C 10 -26.50 -11.00 -0.67
N GLY C 11 -26.89 -9.78 -0.36
CA GLY C 11 -28.17 -9.25 -0.79
C GLY C 11 -28.15 -7.75 -0.94
N PHE C 12 -29.17 -7.19 -1.58
CA PHE C 12 -29.22 -5.76 -1.83
C PHE C 12 -30.55 -5.14 -1.37
N ALA C 13 -30.50 -3.86 -1.04
CA ALA C 13 -31.70 -3.13 -0.64
C ALA C 13 -31.71 -1.73 -1.22
N VAL C 14 -32.89 -1.16 -1.37
CA VAL C 14 -33.03 0.22 -1.85
C VAL C 14 -34.18 0.92 -1.14
N LYS C 15 -33.93 2.13 -0.64
CA LYS C 15 -34.93 2.86 0.12
C LYS C 15 -36.07 3.31 -0.78
N LEU C 16 -37.31 3.03 -0.35
CA LEU C 16 -38.49 3.44 -1.09
C LEU C 16 -38.54 4.96 -1.21
N PRO C 17 -38.42 5.46 -2.45
CA PRO C 17 -38.30 6.91 -2.74
C PRO C 17 -39.50 7.73 -2.28
N ARG C 18 -39.22 8.77 -1.51
CA ARG C 18 -40.24 9.73 -1.10
C ARG C 18 -39.74 11.14 -1.35
N ARG C 19 -40.30 11.82 -2.34
CA ARG C 19 -39.91 13.19 -2.64
C ARG C 19 -40.52 14.14 -1.62
N ASN C 20 -39.78 15.21 -1.31
CA ASN C 20 -40.26 16.21 -0.36
C ASN C 20 -41.36 17.08 -0.98
N ALA C 21 -42.57 16.54 -1.05
CA ALA C 21 -43.70 17.25 -1.62
C ALA C 21 -44.19 18.32 -0.66
N HIS C 22 -43.70 19.54 -0.84
CA HIS C 22 -44.02 20.64 0.04
C HIS C 22 -44.67 21.74 -0.80
N PHE C 23 -45.40 22.63 -0.14
CA PHE C 23 -45.75 23.90 -0.79
C PHE C 23 -44.43 24.61 -1.03
N ASN C 24 -44.38 25.53 -2.00
CA ASN C 24 -43.10 25.89 -2.61
C ASN C 24 -42.47 27.26 -2.33
N PRO C 25 -41.79 27.39 -1.17
CA PRO C 25 -40.73 28.40 -1.09
C PRO C 25 -39.37 27.75 -1.34
N LYS C 26 -39.26 27.04 -2.46
CA LYS C 26 -38.03 26.33 -2.85
C LYS C 26 -37.63 25.22 -1.87
N TYR C 27 -38.58 24.76 -1.07
CA TYR C 27 -38.34 23.63 -0.17
C TYR C 27 -38.85 22.35 -0.82
N LYS C 28 -39.75 22.50 -1.78
CA LYS C 28 -40.33 21.38 -2.51
C LYS C 28 -39.26 20.65 -3.31
N GLU C 29 -39.24 19.33 -3.19
CA GLU C 29 -38.34 18.51 -4.00
C GLU C 29 -39.04 18.11 -5.29
N LYS C 30 -38.49 18.56 -6.41
CA LYS C 30 -39.09 18.31 -7.72
C LYS C 30 -39.11 16.82 -8.09
N HIS C 31 -37.95 16.19 -8.07
CA HIS C 31 -37.82 14.80 -8.50
C HIS C 31 -36.96 14.01 -7.54
N LYS C 32 -37.44 12.83 -7.16
CA LYS C 32 -36.67 11.90 -6.34
C LYS C 32 -36.38 10.65 -7.16
N PRO C 33 -35.34 10.71 -8.02
CA PRO C 33 -35.04 9.64 -8.97
C PRO C 33 -34.40 8.43 -8.33
N LEU C 34 -34.26 7.36 -9.10
CA LEU C 34 -33.55 6.17 -8.67
C LEU C 34 -32.19 6.11 -9.37
N GLY C 35 -31.23 5.47 -8.73
CA GLY C 35 -29.89 5.36 -9.29
C GLY C 35 -29.22 4.04 -8.94
N SER C 36 -28.15 3.73 -9.68
CA SER C 36 -27.37 2.53 -9.41
C SER C 36 -26.62 2.65 -8.10
N MET C 37 -26.31 3.89 -7.71
CA MET C 37 -25.62 4.14 -6.45
C MET C 37 -26.59 4.15 -5.28
N ASP C 38 -27.88 4.20 -5.58
CA ASP C 38 -28.91 4.21 -4.55
C ASP C 38 -29.08 2.83 -3.93
N TRP C 39 -28.52 1.81 -4.58
CA TRP C 39 -28.51 0.47 -4.03
C TRP C 39 -27.55 0.40 -2.85
N LYS C 40 -27.86 -0.49 -1.90
CA LYS C 40 -26.96 -0.72 -0.77
C LYS C 40 -26.81 -2.20 -0.46
N LYS C 41 -25.58 -2.61 -0.20
CA LYS C 41 -25.26 -4.01 0.04
C LYS C 41 -25.64 -4.44 1.45
N LEU C 42 -25.88 -5.75 1.61
CA LEU C 42 -26.19 -6.30 2.92
C LEU C 42 -25.15 -7.34 3.32
N GLN C 43 -24.92 -7.47 4.62
CA GLN C 43 -23.92 -8.39 5.13
C GLN C 43 -24.53 -9.70 5.61
N ARG C 44 -23.70 -10.54 6.24
CA ARG C 44 -24.15 -11.85 6.67
C ARG C 44 -25.24 -11.77 7.74
N GLY C 45 -26.13 -12.75 7.74
CA GLY C 45 -27.24 -12.79 8.69
C GLY C 45 -28.46 -13.43 8.08
N GLU C 46 -29.52 -13.56 8.88
CA GLU C 46 -30.78 -14.13 8.42
C GLU C 46 -31.38 -13.26 7.32
N PRO C 47 -32.03 -13.90 6.32
CA PRO C 47 -32.65 -13.19 5.20
C PRO C 47 -33.72 -12.20 5.66
N ASN C 48 -34.43 -12.54 6.73
CA ASN C 48 -35.51 -11.70 7.23
C ASN C 48 -35.05 -10.63 8.21
N SER C 49 -33.75 -10.36 8.23
CA SER C 49 -33.20 -9.38 9.15
C SER C 49 -31.93 -8.72 8.64
N PHE C 50 -31.94 -7.39 8.59
CA PHE C 50 -30.75 -6.63 8.23
C PHE C 50 -30.73 -5.28 8.95
N SER C 51 -29.63 -4.55 8.80
CA SER C 51 -29.40 -3.31 9.54
C SER C 51 -30.52 -2.28 9.40
N GLU C 52 -30.85 -1.92 8.17
CA GLU C 52 -31.87 -0.92 7.90
C GLU C 52 -33.25 -1.35 8.41
N ARG C 53 -33.59 -2.62 8.20
CA ARG C 53 -34.86 -3.16 8.64
C ARG C 53 -34.96 -3.14 10.16
N ASP C 54 -33.85 -3.44 10.83
CA ASP C 54 -33.79 -3.40 12.29
C ASP C 54 -33.94 -1.96 12.77
N GLU C 55 -33.39 -1.02 12.00
CA GLU C 55 -33.51 0.40 12.32
C GLU C 55 -34.97 0.84 12.23
N LEU C 56 -35.67 0.36 11.20
CA LEU C 56 -37.09 0.64 11.06
C LEU C 56 -37.92 -0.02 12.15
N GLU C 57 -37.46 -1.20 12.58
CA GLU C 57 -38.12 -1.92 13.67
C GLU C 57 -37.95 -1.14 14.98
N LYS C 58 -36.83 -0.44 15.08
CA LYS C 58 -36.55 0.38 16.27
C LYS C 58 -37.38 1.66 16.25
N LYS C 59 -37.47 2.28 15.07
CA LYS C 59 -38.28 3.48 14.91
C LYS C 59 -39.73 3.16 15.24
N ARG C 60 -40.36 2.39 14.36
CA ARG C 60 -41.68 1.78 14.60
C ARG C 60 -42.74 2.73 15.18
N GLY C 61 -43.08 2.50 16.44
CA GLY C 61 -44.15 3.24 17.10
C GLY C 61 -45.31 2.33 17.45
N SER C 62 -46.52 2.87 17.44
CA SER C 62 -47.72 2.09 17.72
C SER C 62 -48.28 1.50 16.42
N SER C 63 -47.54 1.70 15.34
CA SER C 63 -47.95 1.19 14.03
C SER C 63 -47.28 -0.14 13.72
N GLU C 64 -48.07 -1.11 13.25
CA GLU C 64 -47.56 -2.43 12.92
C GLU C 64 -46.67 -2.40 11.67
N LEU C 65 -45.63 -3.23 11.68
CA LEU C 65 -44.69 -3.28 10.57
C LEU C 65 -45.29 -3.99 9.36
N ILE C 66 -45.05 -3.46 8.18
CA ILE C 66 -45.53 -4.06 6.94
C ILE C 66 -44.38 -4.71 6.17
N GLU C 67 -44.33 -6.04 6.20
CA GLU C 67 -43.26 -6.77 5.54
C GLU C 67 -43.81 -7.81 4.57
N SER C 68 -43.11 -8.01 3.46
CA SER C 68 -43.53 -8.98 2.45
C SER C 68 -42.92 -10.35 2.74
N LYS C 69 -43.65 -11.17 3.49
CA LYS C 69 -43.18 -12.50 3.82
C LYS C 69 -44.24 -13.55 3.53
N TRP C 70 -44.88 -13.42 2.37
CA TRP C 70 -45.97 -14.30 1.97
C TRP C 70 -47.05 -14.32 3.04
N GLU C 71 -47.96 -13.34 2.93
CA GLU C 71 -48.84 -12.91 4.01
C GLU C 71 -49.63 -13.91 4.88
N ASP C 72 -50.32 -14.91 4.32
CA ASP C 72 -50.29 -15.31 2.91
C ASP C 72 -51.26 -14.54 2.01
N GLY C 73 -52.10 -13.71 2.60
CA GLY C 73 -53.13 -12.99 1.88
C GLY C 73 -52.75 -12.24 0.61
N GLN C 74 -51.47 -11.91 0.45
CA GLN C 74 -51.05 -11.12 -0.72
C GLN C 74 -49.75 -11.61 -1.38
N SER C 75 -49.81 -11.73 -2.71
CA SER C 75 -48.62 -11.98 -3.54
C SER C 75 -47.76 -13.20 -3.20
N ARG C 76 -48.19 -14.37 -3.67
CA ARG C 76 -47.47 -15.63 -3.39
C ARG C 76 -47.82 -16.70 -4.41
N VAL C 77 -47.08 -17.81 -4.36
CA VAL C 77 -47.35 -18.95 -5.22
C VAL C 77 -47.48 -20.23 -4.38
N VAL C 78 -48.72 -20.73 -4.27
CA VAL C 78 -48.98 -21.93 -3.49
C VAL C 78 -48.36 -23.16 -4.14
N GLY C 79 -47.68 -23.98 -3.34
CA GLY C 79 -46.94 -25.12 -3.84
C GLY C 79 -45.46 -24.80 -3.80
N TYR C 80 -45.13 -23.61 -4.25
CA TYR C 80 -43.77 -23.08 -4.15
C TYR C 80 -43.77 -22.14 -2.94
N THR C 81 -43.98 -22.71 -1.77
CA THR C 81 -44.35 -21.96 -0.56
C THR C 81 -43.19 -21.38 0.25
N ASN C 82 -42.74 -22.13 1.25
CA ASN C 82 -41.82 -21.59 2.25
C ASN C 82 -40.36 -21.50 1.82
N PHE C 83 -39.80 -20.30 1.92
CA PHE C 83 -38.40 -20.05 1.61
C PHE C 83 -37.59 -20.06 2.91
N THR C 84 -36.62 -20.95 3.01
CA THR C 84 -35.82 -21.07 4.22
C THR C 84 -34.44 -20.41 4.09
N TYR C 85 -34.05 -20.11 2.86
CA TYR C 85 -32.74 -19.52 2.61
C TYR C 85 -32.82 -18.12 2.02
N VAL C 86 -33.98 -17.77 1.47
CA VAL C 86 -34.12 -16.53 0.71
C VAL C 86 -35.36 -15.71 1.09
N ARG C 87 -35.17 -14.40 1.23
CA ARG C 87 -36.32 -13.50 1.37
C ARG C 87 -36.19 -12.31 0.42
N SER C 88 -37.29 -11.94 -0.22
CA SER C 88 -37.28 -10.84 -1.16
C SER C 88 -38.63 -10.12 -1.19
N GLY C 89 -38.60 -8.81 -1.41
CA GLY C 89 -39.82 -8.02 -1.48
C GLY C 89 -39.71 -6.69 -0.77
N TYR C 90 -40.80 -6.27 -0.15
CA TYR C 90 -40.89 -4.96 0.48
C TYR C 90 -40.97 -5.04 2.01
N VAL C 91 -40.47 -4.00 2.67
CA VAL C 91 -40.62 -3.87 4.11
C VAL C 91 -40.66 -2.38 4.50
N TYR C 92 -41.86 -1.90 4.82
CA TYR C 92 -42.03 -0.48 5.06
C TYR C 92 -42.97 -0.17 6.21
N LEU C 93 -43.05 1.11 6.57
CA LEU C 93 -43.95 1.58 7.60
C LEU C 93 -44.71 2.82 7.12
N ASN C 94 -45.94 2.96 7.58
CA ASN C 94 -46.76 4.10 7.18
C ASN C 94 -46.52 5.33 8.04
N LYS C 95 -45.26 5.72 8.19
CA LYS C 95 -44.90 6.90 8.95
C LYS C 95 -44.45 8.03 8.04
N ASN C 96 -45.30 9.05 7.92
CA ASN C 96 -44.97 10.23 7.13
C ASN C 96 -44.15 11.24 7.95
N ASN C 97 -43.41 12.10 7.26
CA ASN C 97 -42.49 13.00 7.94
C ASN C 97 -42.89 14.47 7.88
N ILE C 98 -42.90 15.13 9.04
CA ILE C 98 -43.24 16.54 9.13
C ILE C 98 -42.26 17.32 10.01
N ASP C 99 -41.87 18.50 9.55
CA ASP C 99 -41.00 19.40 10.32
C ASP C 99 -40.89 20.76 9.63
N ILE C 100 -40.54 21.78 10.40
CA ILE C 100 -40.29 23.11 9.86
C ILE C 100 -38.96 23.67 10.36
N ASN C 103 -37.50 21.64 7.79
CA ASN C 103 -38.40 21.70 6.65
C ASN C 103 -38.45 20.40 5.85
N ILE C 104 -39.35 19.50 6.24
CA ILE C 104 -39.56 18.26 5.50
C ILE C 104 -41.01 17.81 5.51
N VAL C 105 -41.52 17.47 4.33
CA VAL C 105 -42.86 16.91 4.20
C VAL C 105 -42.78 15.66 3.33
N LEU C 106 -42.82 14.50 3.96
CA LEU C 106 -42.66 13.23 3.24
C LEU C 106 -43.89 12.34 3.38
N PHE C 107 -44.63 12.18 2.28
CA PHE C 107 -45.76 11.27 2.23
C PHE C 107 -45.37 9.97 1.54
N GLY C 108 -45.96 8.86 1.98
CA GLY C 108 -45.71 7.58 1.34
C GLY C 108 -45.05 6.57 2.25
N PRO C 109 -44.86 5.34 1.75
CA PRO C 109 -44.24 4.23 2.48
C PRO C 109 -42.79 4.52 2.85
N ASP C 110 -42.48 4.44 4.14
CA ASP C 110 -41.11 4.60 4.60
C ASP C 110 -40.49 3.23 4.85
N GLY C 111 -39.77 2.72 3.86
CA GLY C 111 -39.15 1.42 3.97
C GLY C 111 -38.20 1.07 2.85
N TYR C 112 -38.00 -0.23 2.62
CA TYR C 112 -37.03 -0.69 1.65
C TYR C 112 -37.56 -1.81 0.75
N LEU C 113 -37.00 -1.87 -0.45
CA LEU C 113 -37.23 -2.99 -1.37
C LEU C 113 -35.92 -3.77 -1.42
N TYR C 114 -35.96 -5.03 -0.99
CA TYR C 114 -34.73 -5.78 -0.80
C TYR C 114 -34.81 -7.25 -1.22
N TYR C 115 -33.64 -7.87 -1.31
CA TYR C 115 -33.53 -9.32 -1.42
C TYR C 115 -32.28 -9.74 -0.66
N LYS C 116 -32.38 -10.84 0.08
CA LYS C 116 -31.27 -11.33 0.89
C LYS C 116 -31.35 -12.84 1.06
N GLY C 117 -30.20 -13.50 0.99
CA GLY C 117 -30.14 -14.94 1.14
C GLY C 117 -28.99 -15.39 2.01
N LYS C 118 -29.11 -16.58 2.57
CA LYS C 118 -28.04 -17.16 3.39
C LYS C 118 -27.55 -18.47 2.78
N GLU C 119 -26.37 -18.90 3.20
CA GLU C 119 -25.71 -20.08 2.63
C GLU C 119 -25.60 -19.99 1.11
N PRO C 120 -24.68 -19.15 0.61
CA PRO C 120 -24.45 -19.03 -0.83
C PRO C 120 -24.03 -20.37 -1.41
N SER C 121 -24.79 -20.86 -2.39
CA SER C 121 -24.59 -22.21 -2.93
C SER C 121 -23.18 -22.45 -3.45
N LYS C 122 -22.60 -23.57 -3.07
CA LYS C 122 -21.33 -24.02 -3.63
C LYS C 122 -21.63 -25.22 -4.52
N GLU C 123 -22.89 -25.64 -4.51
CA GLU C 123 -23.30 -26.84 -5.22
C GLU C 123 -24.61 -26.57 -5.96
N LEU C 124 -24.61 -26.86 -7.25
CA LEU C 124 -25.79 -26.60 -8.09
C LEU C 124 -26.15 -27.84 -8.91
N PRO C 125 -27.45 -28.02 -9.18
CA PRO C 125 -27.92 -29.14 -10.01
C PRO C 125 -27.27 -29.17 -11.39
N SER C 126 -27.33 -30.33 -12.06
CA SER C 126 -26.65 -30.50 -13.34
C SER C 126 -27.63 -30.71 -14.50
N GLU C 127 -28.86 -30.26 -14.31
CA GLU C 127 -29.90 -30.41 -15.34
C GLU C 127 -30.83 -29.20 -15.35
N LYS C 128 -31.89 -29.27 -16.15
CA LYS C 128 -32.84 -28.18 -16.24
C LYS C 128 -33.81 -28.16 -15.05
N ILE C 129 -33.68 -27.15 -14.21
CA ILE C 129 -34.53 -27.03 -13.02
C ILE C 129 -35.38 -25.76 -13.05
N THR C 130 -36.67 -25.91 -12.81
CA THR C 130 -37.59 -24.77 -12.81
C THR C 130 -37.87 -24.22 -11.42
N TYR C 131 -37.66 -22.92 -11.25
CA TYR C 131 -37.98 -22.24 -10.01
C TYR C 131 -39.21 -21.37 -10.18
N LYS C 132 -39.94 -21.14 -9.09
CA LYS C 132 -41.06 -20.22 -9.09
C LYS C 132 -41.10 -19.45 -7.77
N GLY C 133 -41.52 -18.18 -7.85
CA GLY C 133 -41.58 -17.33 -6.68
C GLY C 133 -42.28 -16.01 -6.95
N THR C 134 -41.81 -14.95 -6.31
CA THR C 134 -42.43 -13.64 -6.45
C THR C 134 -41.41 -12.56 -6.81
N TRP C 135 -41.92 -11.38 -7.14
CA TRP C 135 -41.07 -10.23 -7.45
C TRP C 135 -41.80 -8.93 -7.12
N ASP C 136 -41.05 -7.93 -6.68
CA ASP C 136 -41.63 -6.64 -6.33
C ASP C 136 -40.82 -5.51 -6.94
N TYR C 137 -41.48 -4.40 -7.24
CA TYR C 137 -40.81 -3.26 -7.84
C TYR C 137 -41.07 -1.95 -7.10
N VAL C 138 -40.42 -0.88 -7.56
CA VAL C 138 -40.64 0.46 -7.04
C VAL C 138 -40.08 1.46 -8.04
N THR C 139 -40.70 2.63 -8.13
CA THR C 139 -40.26 3.64 -9.08
C THR C 139 -39.75 4.89 -8.36
N ASP C 140 -39.47 5.93 -9.14
CA ASP C 140 -39.01 7.20 -8.59
C ASP C 140 -40.21 8.04 -8.14
N ALA C 141 -39.93 9.24 -7.66
CA ALA C 141 -40.98 10.15 -7.21
C ALA C 141 -40.98 11.45 -8.00
N MET C 142 -41.81 11.49 -9.04
CA MET C 142 -41.90 12.68 -9.89
C MET C 142 -43.21 13.41 -9.65
N GLU C 143 -43.16 14.73 -9.66
CA GLU C 143 -44.33 15.56 -9.38
C GLU C 143 -45.42 15.36 -10.44
N LYS C 144 -46.63 15.09 -9.96
CA LYS C 144 -47.79 14.84 -10.83
C LYS C 144 -47.56 13.68 -11.79
N GLN C 145 -46.96 12.61 -11.28
CA GLN C 145 -46.75 11.40 -12.06
C GLN C 145 -47.69 10.30 -11.61
N ARG C 146 -48.53 9.82 -12.53
CA ARG C 146 -49.47 8.76 -12.22
C ARG C 146 -49.52 7.72 -13.35
N PHE C 147 -49.64 6.45 -12.97
CA PHE C 147 -49.76 5.38 -13.94
C PHE C 147 -51.15 4.76 -13.85
N GLU C 148 -52.02 5.15 -14.78
CA GLU C 148 -53.42 4.74 -14.75
C GLU C 148 -53.62 3.23 -14.82
N GLY C 149 -52.66 2.54 -15.41
CA GLY C 149 -52.70 1.09 -15.48
C GLY C 149 -52.48 0.46 -14.12
N LEU C 150 -51.68 1.13 -13.29
CA LEU C 150 -51.41 0.67 -11.94
C LEU C 150 -52.50 1.14 -10.99
N GLY C 151 -52.86 2.42 -11.10
CA GLY C 151 -53.85 3.02 -10.23
C GLY C 151 -53.28 4.22 -9.48
N SER C 152 -54.17 5.02 -8.91
CA SER C 152 -53.76 6.21 -8.17
C SER C 152 -53.36 5.88 -6.75
N ALA C 153 -53.86 4.75 -6.24
CA ALA C 153 -53.52 4.29 -4.90
C ALA C 153 -52.02 3.97 -4.79
N ALA C 154 -51.44 3.51 -5.89
CA ALA C 154 -50.01 3.21 -5.91
C ALA C 154 -49.23 4.38 -6.49
N GLY C 155 -49.96 5.26 -7.19
CA GLY C 155 -49.39 6.35 -7.96
C GLY C 155 -48.09 6.94 -7.46
N GLY C 156 -47.10 7.02 -8.34
CA GLY C 156 -45.77 7.48 -7.97
C GLY C 156 -45.60 8.97 -8.12
N ASP C 157 -46.39 9.73 -7.37
CA ASP C 157 -46.28 11.18 -7.35
C ASP C 157 -45.34 11.57 -6.22
N LYS C 158 -45.90 11.64 -5.01
CA LYS C 158 -45.11 11.89 -3.82
C LYS C 158 -44.37 10.61 -3.44
N SER C 159 -45.04 9.48 -3.62
CA SER C 159 -44.45 8.18 -3.37
C SER C 159 -43.69 7.71 -4.61
N GLY C 160 -43.40 6.41 -4.67
CA GLY C 160 -42.62 5.88 -5.78
C GLY C 160 -43.20 4.64 -6.42
N ALA C 161 -44.53 4.59 -6.54
CA ALA C 161 -45.23 3.47 -7.17
C ALA C 161 -44.78 2.11 -6.67
N LEU C 162 -45.28 1.73 -5.51
CA LEU C 162 -44.94 0.45 -4.91
C LEU C 162 -45.80 -0.67 -5.47
N SER C 163 -45.19 -1.83 -5.71
CA SER C 163 -45.88 -2.98 -6.27
C SER C 163 -47.01 -3.48 -5.37
N ALA C 164 -46.83 -3.32 -4.08
CA ALA C 164 -47.79 -3.81 -3.10
C ALA C 164 -49.11 -3.04 -3.12
N LEU C 165 -49.09 -1.86 -3.74
CA LEU C 165 -50.25 -0.98 -3.74
C LEU C 165 -50.99 -0.98 -5.07
N GLU C 166 -50.57 -1.84 -6.00
CA GLU C 166 -51.21 -1.92 -7.30
C GLU C 166 -52.64 -2.42 -7.15
N GLU C 167 -53.58 -1.75 -7.82
CA GLU C 167 -55.00 -2.00 -7.62
C GLU C 167 -55.51 -3.26 -8.30
N GLY C 168 -55.40 -3.31 -9.62
CA GLY C 168 -56.00 -4.38 -10.40
C GLY C 168 -55.21 -5.68 -10.45
N VAL C 169 -54.65 -6.07 -9.31
CA VAL C 169 -53.91 -7.34 -9.23
C VAL C 169 -54.64 -8.36 -8.36
N LEU C 170 -54.25 -9.62 -8.47
CA LEU C 170 -54.98 -10.71 -7.81
C LEU C 170 -54.34 -11.18 -6.52
N ARG C 171 -55.11 -11.15 -5.43
CA ARG C 171 -54.66 -11.63 -4.13
C ARG C 171 -55.83 -12.23 -3.34
N ASN C 172 -55.59 -12.53 -2.07
CA ASN C 172 -56.63 -12.73 -1.05
C ASN C 172 -57.31 -14.09 -0.87
N GLN C 173 -57.09 -15.04 -1.78
CA GLN C 173 -57.69 -16.38 -1.65
C GLN C 173 -59.24 -16.32 -1.74
N ALA C 174 -59.89 -17.48 -1.82
CA ALA C 174 -61.35 -17.58 -2.00
C ALA C 174 -61.75 -16.89 -3.30
N GLU C 175 -60.99 -17.19 -4.34
CA GLU C 175 -61.10 -16.54 -5.62
C GLU C 175 -61.37 -17.57 -6.71
N ALA C 176 -61.38 -17.11 -7.97
CA ALA C 176 -61.56 -17.99 -9.11
C ALA C 176 -60.54 -19.12 -9.10
N SER C 177 -61.02 -20.34 -9.35
CA SER C 177 -60.21 -21.55 -9.28
C SER C 177 -59.60 -21.73 -7.89
N SER C 178 -60.36 -22.37 -7.00
CA SER C 178 -59.91 -22.62 -5.63
C SER C 178 -58.59 -23.38 -5.63
N GLY C 179 -57.61 -22.83 -4.92
CA GLY C 179 -56.26 -23.34 -4.99
C GLY C 179 -55.58 -22.77 -6.23
N HIS C 180 -55.64 -21.44 -6.35
CA HIS C 180 -55.22 -20.75 -7.56
C HIS C 180 -53.69 -20.62 -7.66
N THR C 181 -53.01 -20.85 -6.55
CA THR C 181 -51.54 -20.77 -6.49
C THR C 181 -50.98 -19.37 -6.77
N ASP C 182 -51.05 -18.95 -8.02
CA ASP C 182 -50.43 -17.70 -8.44
C ASP C 182 -51.20 -16.45 -7.99
N PHE C 183 -50.62 -15.69 -7.06
CA PHE C 183 -51.21 -14.45 -6.59
C PHE C 183 -50.23 -13.29 -6.67
N GLY C 184 -50.73 -12.11 -7.03
CA GLY C 184 -49.90 -10.92 -7.13
C GLY C 184 -48.87 -11.03 -8.24
N MET C 185 -47.78 -10.26 -8.11
CA MET C 185 -46.70 -10.31 -9.07
C MET C 185 -45.83 -11.54 -8.85
N THR C 186 -45.94 -12.50 -9.77
CA THR C 186 -45.21 -13.77 -9.65
C THR C 186 -44.07 -13.85 -10.67
N SER C 187 -43.07 -14.67 -10.35
CA SER C 187 -41.91 -14.84 -11.21
C SER C 187 -41.64 -16.32 -11.45
N GLU C 188 -41.24 -16.67 -12.66
CA GLU C 188 -40.86 -18.06 -12.93
C GLU C 188 -39.59 -18.16 -13.76
N PHE C 189 -38.80 -19.19 -13.49
CA PHE C 189 -37.50 -19.38 -14.12
C PHE C 189 -37.28 -20.83 -14.54
N GLU C 190 -36.54 -21.00 -15.63
CA GLU C 190 -36.03 -22.30 -16.03
C GLU C 190 -34.52 -22.18 -16.17
N VAL C 191 -33.79 -22.98 -15.40
CA VAL C 191 -32.34 -22.89 -15.38
C VAL C 191 -31.70 -24.12 -16.01
N ASP C 192 -30.93 -23.88 -17.07
CA ASP C 192 -30.13 -24.93 -17.69
C ASP C 192 -28.68 -24.75 -17.23
N PHE C 193 -28.31 -25.49 -16.20
CA PHE C 193 -26.97 -25.41 -15.64
C PHE C 193 -25.93 -25.95 -16.62
N SER C 194 -26.33 -26.94 -17.42
CA SER C 194 -25.43 -27.54 -18.39
C SER C 194 -25.09 -26.57 -19.52
N ASP C 195 -25.99 -25.61 -19.74
CA ASP C 195 -25.79 -24.60 -20.76
C ASP C 195 -25.39 -23.27 -20.13
N LYS C 196 -25.34 -23.27 -18.79
CA LYS C 196 -25.02 -22.07 -18.02
C LYS C 196 -25.94 -20.90 -18.36
N THR C 197 -27.24 -21.17 -18.43
CA THR C 197 -28.20 -20.13 -18.79
C THR C 197 -29.48 -20.17 -17.95
N ILE C 198 -30.14 -19.02 -17.84
CA ILE C 198 -31.37 -18.91 -17.07
C ILE C 198 -32.40 -18.11 -17.88
N LYS C 199 -33.58 -18.69 -18.08
CA LYS C 199 -34.66 -17.97 -18.72
C LYS C 199 -35.71 -17.62 -17.66
N GLY C 200 -36.24 -16.40 -17.70
CA GLY C 200 -37.18 -15.99 -16.68
C GLY C 200 -38.29 -15.07 -17.18
N THR C 201 -39.44 -15.13 -16.53
CA THR C 201 -40.54 -14.23 -16.81
C THR C 201 -41.15 -13.68 -15.52
N LEU C 202 -41.40 -12.37 -15.51
CA LEU C 202 -42.06 -11.72 -14.38
C LEU C 202 -43.51 -11.43 -14.73
N TYR C 203 -44.42 -12.06 -14.00
CA TYR C 203 -45.84 -12.01 -14.34
C TYR C 203 -46.65 -11.07 -13.44
N ARG C 204 -47.94 -10.96 -13.76
CA ARG C 204 -48.88 -10.17 -12.97
C ARG C 204 -50.28 -10.78 -13.07
N ASN C 205 -50.81 -11.24 -11.96
CA ASN C 205 -52.14 -11.83 -11.93
C ASN C 205 -53.21 -10.75 -11.73
N ASN C 206 -54.21 -10.74 -12.61
CA ASN C 206 -55.27 -9.74 -12.55
C ASN C 206 -56.58 -10.29 -11.97
N ARG C 207 -57.59 -9.45 -11.79
CA ARG C 207 -58.86 -9.95 -11.23
C ARG C 207 -60.04 -10.08 -12.19
N ILE C 208 -60.20 -11.26 -12.80
CA ILE C 208 -61.37 -11.61 -13.63
C ILE C 208 -62.64 -11.92 -12.82
N THR C 209 -63.76 -12.17 -13.51
CA THR C 209 -65.02 -12.47 -12.85
C THR C 209 -65.24 -13.98 -12.91
N GLN C 210 -65.89 -14.43 -13.97
CA GLN C 210 -66.16 -15.85 -14.15
C GLN C 210 -65.05 -16.54 -14.93
N GLU C 214 -65.70 -13.71 -17.42
CA GLU C 214 -65.60 -14.04 -18.83
C GLU C 214 -65.33 -12.82 -19.70
N ASN C 215 -64.14 -12.27 -19.52
CA ASN C 215 -63.64 -11.21 -20.38
C ASN C 215 -62.12 -11.33 -20.46
N LYS C 216 -61.42 -10.35 -21.04
CA LYS C 216 -60.06 -10.67 -21.37
C LYS C 216 -58.86 -10.21 -20.49
N GLN C 217 -57.96 -11.16 -20.31
CA GLN C 217 -56.59 -10.96 -19.85
C GLN C 217 -56.41 -11.74 -18.57
N ILE C 218 -55.27 -12.43 -18.46
CA ILE C 218 -55.11 -13.43 -17.41
C ILE C 218 -53.88 -13.36 -16.52
N LYS C 219 -52.71 -13.45 -17.12
CA LYS C 219 -51.52 -13.11 -16.42
C LYS C 219 -50.84 -12.22 -17.41
N THR C 220 -50.64 -10.97 -17.07
CA THR C 220 -49.86 -10.09 -17.94
C THR C 220 -48.36 -10.26 -17.71
N THR C 221 -47.63 -10.43 -18.81
CA THR C 221 -46.17 -10.51 -18.76
C THR C 221 -45.58 -9.11 -18.71
N ARG C 222 -44.87 -8.81 -17.64
CA ARG C 222 -44.29 -7.48 -17.47
C ARG C 222 -42.80 -7.46 -17.79
N TYR C 223 -42.12 -8.58 -17.54
CA TYR C 223 -40.69 -8.68 -17.82
C TYR C 223 -40.28 -10.09 -18.21
N THR C 224 -39.29 -10.17 -19.08
CA THR C 224 -38.63 -11.44 -19.38
C THR C 224 -37.18 -11.32 -18.89
N ILE C 225 -36.62 -12.43 -18.43
CA ILE C 225 -35.29 -12.42 -17.84
C ILE C 225 -34.30 -13.32 -18.57
N GLN C 226 -33.17 -12.74 -18.99
CA GLN C 226 -32.15 -13.51 -19.69
C GLN C 226 -30.77 -13.31 -19.06
N ALA C 227 -30.27 -14.34 -18.39
CA ALA C 227 -29.00 -14.25 -17.70
C ALA C 227 -28.12 -15.47 -17.92
N THR C 228 -26.88 -15.38 -17.46
CA THR C 228 -25.93 -16.50 -17.54
C THR C 228 -25.19 -16.70 -16.22
N LEU C 229 -24.67 -17.91 -16.03
CA LEU C 229 -23.95 -18.27 -14.81
C LEU C 229 -22.44 -18.07 -14.95
N HIS C 230 -21.80 -17.72 -13.84
CA HIS C 230 -20.35 -17.73 -13.72
C HIS C 230 -19.98 -17.76 -12.25
N GLY C 231 -20.09 -18.96 -11.66
CA GLY C 231 -19.97 -19.13 -10.23
C GLY C 231 -21.29 -19.65 -9.70
N ASN C 232 -21.75 -19.06 -8.60
CA ASN C 232 -23.10 -19.36 -8.10
C ASN C 232 -24.03 -18.16 -8.26
N ARG C 233 -23.55 -17.16 -8.98
CA ARG C 233 -24.32 -15.95 -9.25
C ARG C 233 -24.64 -15.88 -10.74
N PHE C 234 -25.75 -15.24 -11.07
CA PHE C 234 -26.11 -15.04 -12.47
C PHE C 234 -26.20 -13.56 -12.85
N LYS C 235 -25.80 -13.26 -14.07
CA LYS C 235 -25.70 -11.87 -14.52
C LYS C 235 -26.30 -11.72 -15.91
N GLY C 236 -26.88 -10.55 -16.18
CA GLY C 236 -27.39 -10.29 -17.52
C GLY C 236 -28.44 -9.22 -17.70
N LYS C 237 -29.41 -9.52 -18.56
CA LYS C 237 -30.36 -8.55 -19.07
C LYS C 237 -31.80 -8.86 -18.66
N ALA C 238 -32.58 -7.80 -18.47
CA ALA C 238 -34.01 -7.91 -18.19
C ALA C 238 -34.81 -7.14 -19.24
N LEU C 239 -35.46 -7.87 -20.14
CA LEU C 239 -36.19 -7.26 -21.25
C LEU C 239 -37.62 -6.90 -20.85
N ALA C 240 -38.00 -5.65 -21.10
CA ALA C 240 -39.36 -5.18 -20.82
C ALA C 240 -40.32 -5.60 -21.93
N ALA C 241 -41.51 -6.04 -21.54
CA ALA C 241 -42.50 -6.51 -22.49
C ALA C 241 -43.02 -5.38 -23.38
N ASP C 242 -43.46 -4.29 -22.76
CA ASP C 242 -43.97 -3.14 -23.50
C ASP C 242 -42.91 -2.07 -23.71
N LYS C 243 -42.50 -1.89 -24.97
CA LYS C 243 -41.52 -0.86 -25.31
C LYS C 243 -42.10 0.17 -26.27
N GLY C 244 -43.37 -0.02 -26.64
CA GLY C 244 -44.04 0.91 -27.53
C GLY C 244 -45.09 1.72 -26.81
N ALA C 245 -45.21 1.51 -25.51
CA ALA C 245 -46.21 2.19 -24.71
C ALA C 245 -45.75 3.58 -24.24
N THR C 246 -46.23 4.61 -24.93
CA THR C 246 -45.97 5.99 -24.53
C THR C 246 -47.17 6.51 -23.77
N ASN C 247 -48.22 5.69 -23.71
CA ASN C 247 -49.48 6.05 -23.08
C ASN C 247 -49.37 6.38 -21.59
N GLY C 248 -48.27 5.97 -20.97
CA GLY C 248 -48.03 6.27 -19.58
C GLY C 248 -48.94 5.51 -18.63
N SER C 249 -49.33 4.30 -19.05
CA SER C 249 -50.18 3.45 -18.23
C SER C 249 -49.34 2.75 -17.15
N HIS C 250 -48.05 2.56 -17.45
CA HIS C 250 -47.14 1.89 -16.54
C HIS C 250 -45.69 2.29 -16.83
N PRO C 251 -44.82 2.25 -15.80
CA PRO C 251 -43.43 2.69 -15.96
C PRO C 251 -42.50 1.61 -16.50
N PHE C 252 -43.06 0.51 -17.01
CA PHE C 252 -42.25 -0.60 -17.50
C PHE C 252 -41.88 -0.41 -18.97
N ILE C 253 -41.31 0.75 -19.29
CA ILE C 253 -40.96 1.08 -20.66
C ILE C 253 -39.61 0.52 -21.09
N SER C 254 -38.57 0.84 -20.32
CA SER C 254 -37.20 0.49 -20.71
C SER C 254 -36.76 -0.87 -20.16
N ASP C 255 -35.77 -1.47 -20.82
CA ASP C 255 -35.21 -2.73 -20.39
C ASP C 255 -34.21 -2.52 -19.26
N SER C 256 -33.39 -3.53 -18.98
CA SER C 256 -32.40 -3.44 -17.91
C SER C 256 -31.17 -4.29 -18.21
N ASP C 257 -30.03 -3.64 -18.35
CA ASP C 257 -28.77 -4.33 -18.57
C ASP C 257 -28.04 -4.53 -17.25
N SER C 258 -28.76 -4.34 -16.15
CA SER C 258 -28.17 -4.43 -14.82
C SER C 258 -28.80 -5.54 -13.99
N LEU C 259 -29.07 -6.68 -14.62
CA LEU C 259 -29.65 -7.81 -13.90
C LEU C 259 -28.59 -8.61 -13.16
N GLU C 260 -28.75 -8.71 -11.84
CA GLU C 260 -27.80 -9.43 -11.00
C GLU C 260 -28.50 -10.27 -9.94
N GLY C 261 -28.16 -11.55 -9.88
CA GLY C 261 -28.75 -12.44 -8.90
C GLY C 261 -27.82 -13.56 -8.47
N GLY C 262 -28.34 -14.47 -7.64
CA GLY C 262 -27.55 -15.58 -7.14
C GLY C 262 -28.41 -16.67 -6.52
N PHE C 263 -27.79 -17.85 -6.35
CA PHE C 263 -28.45 -18.99 -5.74
C PHE C 263 -28.11 -19.08 -4.26
N TYR C 264 -29.05 -19.60 -3.48
CA TYR C 264 -28.85 -19.79 -2.05
C TYR C 264 -29.38 -21.14 -1.59
N GLY C 265 -28.79 -21.65 -0.52
CA GLY C 265 -29.05 -23.01 -0.07
C GLY C 265 -27.87 -23.88 -0.45
N PRO C 266 -27.67 -25.00 0.27
CA PRO C 266 -26.53 -25.89 0.03
C PRO C 266 -26.54 -26.49 -1.38
N LYS C 267 -27.69 -26.97 -1.83
CA LYS C 267 -27.80 -27.60 -3.14
C LYS C 267 -28.33 -26.62 -4.19
N GLY C 268 -28.48 -25.36 -3.79
CA GLY C 268 -29.05 -24.35 -4.68
C GLY C 268 -30.56 -24.47 -4.70
N GLU C 269 -31.15 -24.64 -3.53
CA GLU C 269 -32.57 -24.77 -3.42
C GLU C 269 -33.29 -23.53 -3.89
N GLU C 270 -32.72 -22.38 -3.60
CA GLU C 270 -33.39 -21.10 -3.69
C GLU C 270 -32.56 -20.13 -4.48
N LEU C 271 -33.21 -19.14 -5.06
CA LEU C 271 -32.50 -18.07 -5.76
C LEU C 271 -33.15 -16.72 -5.54
N ALA C 272 -32.35 -15.66 -5.66
CA ALA C 272 -32.86 -14.30 -5.50
C ALA C 272 -32.05 -13.33 -6.33
N GLY C 273 -32.62 -12.17 -6.66
CA GLY C 273 -31.93 -11.21 -7.48
C GLY C 273 -32.58 -9.84 -7.60
N LYS C 274 -32.02 -9.01 -8.47
CA LYS C 274 -32.48 -7.65 -8.64
C LYS C 274 -32.08 -7.10 -10.00
N PHE C 275 -32.73 -6.00 -10.40
CA PHE C 275 -32.33 -5.25 -11.59
C PHE C 275 -32.88 -3.83 -11.56
N LEU C 276 -32.22 -2.93 -12.28
CA LEU C 276 -32.66 -1.55 -12.39
C LEU C 276 -32.82 -1.16 -13.85
N SER C 277 -33.95 -0.52 -14.16
CA SER C 277 -34.25 -0.12 -15.53
C SER C 277 -33.22 0.89 -16.06
N ASN C 278 -33.01 0.87 -17.37
CA ASN C 278 -32.02 1.75 -18.01
C ASN C 278 -32.37 3.23 -17.87
N ASP C 279 -33.65 3.55 -17.83
CA ASP C 279 -34.10 4.92 -17.65
C ASP C 279 -34.13 5.29 -16.17
N ASN C 280 -33.69 4.35 -15.33
CA ASN C 280 -33.71 4.52 -13.88
C ASN C 280 -35.11 4.81 -13.35
N LYS C 281 -36.11 4.27 -14.04
CA LYS C 281 -37.50 4.48 -13.65
C LYS C 281 -38.00 3.39 -12.71
N VAL C 282 -37.60 2.14 -12.98
CA VAL C 282 -38.09 1.03 -12.17
C VAL C 282 -36.96 0.16 -11.61
N ALA C 283 -36.92 0.05 -10.29
CA ALA C 283 -36.03 -0.89 -9.62
C ALA C 283 -36.86 -2.08 -9.17
N ALA C 284 -36.29 -3.29 -9.29
CA ALA C 284 -37.05 -4.49 -8.95
C ALA C 284 -36.20 -5.58 -8.31
N VAL C 285 -36.80 -6.30 -7.37
CA VAL C 285 -36.17 -7.45 -6.74
C VAL C 285 -37.05 -8.68 -6.93
N PHE C 286 -36.51 -9.87 -6.67
CA PHE C 286 -37.30 -11.09 -6.71
C PHE C 286 -36.59 -12.28 -6.09
N GLY C 287 -37.34 -13.15 -5.43
CA GLY C 287 -36.81 -14.40 -4.89
C GLY C 287 -37.65 -15.51 -5.49
N ALA C 288 -37.03 -16.57 -6.02
CA ALA C 288 -37.71 -17.72 -6.62
C ALA C 288 -37.50 -18.91 -5.66
N LYS C 289 -38.56 -19.60 -5.27
CA LYS C 289 -38.40 -20.86 -4.58
C LYS C 289 -38.67 -21.98 -5.61
N GLN C 290 -37.93 -23.06 -5.46
CA GLN C 290 -38.07 -24.13 -6.41
C GLN C 290 -39.29 -24.83 -5.82
N LYS C 291 -39.44 -26.12 -6.00
CA LYS C 291 -40.57 -26.80 -5.43
C LYS C 291 -40.30 -27.45 -4.09
N ASP C 292 -41.19 -27.26 -3.12
CA ASP C 292 -40.92 -27.83 -1.80
C ASP C 292 -41.96 -28.88 -1.47
N LYS C 293 -41.48 -30.06 -1.12
CA LYS C 293 -42.31 -31.20 -0.76
C LYS C 293 -42.95 -31.90 -1.93
N ALA C 299 -39.18 -36.59 -0.99
CA ALA C 299 -39.30 -38.02 -1.29
C ALA C 299 -38.67 -38.36 -2.64
N ALA C 300 -37.85 -37.46 -3.14
CA ALA C 300 -37.15 -37.66 -4.41
C ALA C 300 -35.76 -37.05 -4.35
N GLY C 301 -35.46 -36.16 -5.30
CA GLY C 301 -34.19 -35.47 -5.32
C GLY C 301 -33.62 -35.23 -6.69
N PRO C 302 -33.15 -33.99 -6.94
CA PRO C 302 -32.48 -33.62 -8.19
C PRO C 302 -30.98 -33.91 -8.16
N ALA C 303 -30.42 -34.29 -9.30
CA ALA C 303 -28.98 -34.55 -9.41
C ALA C 303 -28.21 -33.25 -9.35
N THR C 304 -27.05 -33.27 -8.71
CA THR C 304 -26.28 -32.05 -8.51
C THR C 304 -24.78 -32.24 -8.71
N GLU C 305 -24.04 -31.13 -8.58
CA GLU C 305 -22.58 -31.15 -8.69
C GLU C 305 -21.99 -29.92 -8.00
N THR C 306 -20.77 -30.04 -7.51
CA THR C 306 -20.10 -28.93 -6.84
C THR C 306 -19.46 -27.98 -7.84
N VAL C 307 -19.73 -26.69 -7.67
CA VAL C 307 -19.21 -25.68 -8.59
C VAL C 307 -18.24 -24.72 -7.91
N ILE C 308 -18.28 -24.68 -6.57
CA ILE C 308 -17.42 -23.79 -5.81
C ILE C 308 -16.78 -24.48 -4.60
N ASP C 309 -15.47 -24.41 -4.52
CA ASP C 309 -14.75 -24.89 -3.34
C ASP C 309 -14.23 -23.70 -2.55
N ALA C 310 -14.37 -23.75 -1.23
CA ALA C 310 -13.92 -22.67 -0.37
C ALA C 310 -13.84 -23.14 1.08
N TYR C 311 -12.62 -23.36 1.57
CA TYR C 311 -12.46 -23.80 2.94
C TYR C 311 -11.21 -23.25 3.62
N ARG C 312 -11.20 -23.33 4.95
CA ARG C 312 -10.04 -22.97 5.75
C ARG C 312 -9.61 -24.20 6.54
N ILE C 313 -8.40 -24.32 6.98
CA ILE C 313 -8.20 -25.48 7.79
C ILE C 313 -7.63 -24.88 8.99
N THR C 314 -8.00 -25.42 10.13
CA THR C 314 -7.82 -24.69 11.34
C THR C 314 -6.57 -25.04 12.08
N GLY C 315 -5.75 -24.00 12.23
CA GLY C 315 -4.41 -24.11 12.72
C GLY C 315 -4.52 -24.14 14.20
N GLU C 316 -4.74 -25.34 14.69
CA GLU C 316 -4.64 -26.63 14.02
C GLU C 316 -5.43 -27.29 15.14
N GLU C 317 -6.50 -27.99 14.76
CA GLU C 317 -7.43 -28.58 15.72
C GLU C 317 -7.29 -29.89 14.95
N PHE C 318 -8.14 -30.08 13.95
CA PHE C 318 -8.00 -31.21 13.03
C PHE C 318 -8.52 -30.89 11.63
N LYS C 319 -9.84 -30.80 11.51
CA LYS C 319 -10.49 -30.73 10.20
C LYS C 319 -10.51 -29.34 9.57
N LYS C 320 -11.20 -29.25 8.43
CA LYS C 320 -11.36 -28.00 7.70
C LYS C 320 -12.72 -27.39 8.00
N GLU C 321 -12.83 -26.09 7.81
CA GLU C 321 -14.12 -25.40 7.97
C GLU C 321 -14.58 -24.79 6.66
N GLN C 322 -15.86 -24.97 6.36
CA GLN C 322 -16.45 -24.43 5.14
C GLN C 322 -16.71 -22.95 5.31
N ILE C 323 -16.39 -22.17 4.28
CA ILE C 323 -16.60 -20.72 4.32
C ILE C 323 -17.43 -20.25 3.12
N ASP C 324 -18.21 -19.19 3.33
CA ASP C 324 -19.06 -18.66 2.28
C ASP C 324 -18.26 -18.06 1.14
N SER C 325 -18.79 -18.19 -0.08
CA SER C 325 -18.13 -17.66 -1.27
C SER C 325 -19.15 -17.27 -2.34
N PHE C 326 -18.76 -16.35 -3.20
CA PHE C 326 -19.63 -15.90 -4.29
C PHE C 326 -19.00 -16.23 -5.64
N GLY C 327 -17.89 -16.93 -5.62
CA GLY C 327 -17.17 -17.27 -6.84
C GLY C 327 -16.06 -16.30 -7.13
N ASP C 328 -16.07 -15.15 -6.45
CA ASP C 328 -15.03 -14.15 -6.62
C ASP C 328 -13.76 -14.56 -5.90
N VAL C 329 -12.80 -15.07 -6.67
CA VAL C 329 -11.52 -15.55 -6.14
C VAL C 329 -10.70 -14.40 -5.55
N LYS C 330 -10.79 -13.23 -6.17
CA LYS C 330 -9.98 -12.07 -5.79
C LYS C 330 -10.24 -11.56 -4.38
N LYS C 331 -11.26 -12.11 -3.71
CA LYS C 331 -11.56 -11.75 -2.33
C LYS C 331 -12.10 -12.94 -1.55
N LEU C 332 -12.02 -12.88 -0.23
CA LEU C 332 -12.52 -13.97 0.60
C LEU C 332 -13.36 -13.47 1.78
N LEU C 333 -14.09 -14.39 2.41
CA LEU C 333 -14.96 -14.04 3.52
C LEU C 333 -14.61 -14.84 4.77
N VAL C 334 -14.53 -14.16 5.90
CA VAL C 334 -14.24 -14.81 7.18
C VAL C 334 -15.53 -15.01 7.96
N ASP C 335 -16.62 -15.19 7.22
CA ASP C 335 -17.94 -15.40 7.82
C ASP C 335 -18.59 -14.08 8.28
N GLY C 336 -17.84 -12.99 8.20
CA GLY C 336 -18.33 -11.68 8.64
C GLY C 336 -18.28 -10.53 7.63
N VAL C 337 -17.06 -10.19 7.22
CA VAL C 337 -16.83 -9.05 6.33
C VAL C 337 -15.88 -9.40 5.19
N GLU C 338 -15.96 -8.65 4.10
CA GLU C 338 -15.15 -8.96 2.92
C GLU C 338 -13.67 -8.65 3.09
N LEU C 339 -12.83 -9.46 2.44
CA LEU C 339 -11.38 -9.29 2.49
C LEU C 339 -10.79 -9.29 1.08
N SER C 340 -10.34 -8.14 0.62
CA SER C 340 -9.73 -8.03 -0.71
C SER C 340 -8.32 -8.61 -0.72
N LEU C 341 -7.94 -9.22 -1.84
CA LEU C 341 -6.66 -9.91 -1.94
C LEU C 341 -5.77 -9.37 -3.05
N LEU C 342 -6.00 -8.13 -3.46
CA LEU C 342 -5.21 -7.53 -4.53
C LEU C 342 -4.32 -6.40 -4.04
N PRO C 343 -3.07 -6.36 -4.52
CA PRO C 343 -2.10 -5.32 -4.15
C PRO C 343 -2.42 -3.98 -4.80
N ALA C 349 3.80 -6.81 -8.68
CA ALA C 349 2.98 -8.00 -8.83
C ALA C 349 3.67 -9.22 -8.20
N ALA C 350 4.92 -9.43 -8.56
CA ALA C 350 5.72 -10.55 -8.05
C ALA C 350 5.03 -11.89 -8.26
N PHE C 351 5.11 -12.76 -7.24
CA PHE C 351 4.44 -14.06 -7.30
C PHE C 351 3.42 -14.14 -6.17
N GLN C 352 3.91 -14.12 -4.94
CA GLN C 352 3.04 -14.12 -3.77
C GLN C 352 2.82 -12.69 -3.29
N HIS C 353 1.76 -12.48 -2.52
CA HIS C 353 1.47 -11.17 -1.95
C HIS C 353 0.58 -11.28 -0.72
N GLU C 354 0.93 -10.54 0.32
CA GLU C 354 0.15 -10.52 1.55
C GLU C 354 -0.46 -9.15 1.79
N ILE C 355 -1.61 -9.13 2.46
CA ILE C 355 -2.28 -7.87 2.79
C ILE C 355 -2.91 -7.92 4.17
N GLU C 356 -3.01 -6.76 4.81
CA GLU C 356 -3.73 -6.67 6.07
C GLU C 356 -4.84 -5.63 6.01
N GLN C 357 -6.04 -6.04 6.39
CA GLN C 357 -7.15 -5.11 6.54
C GLN C 357 -7.48 -4.97 8.02
N ASN C 358 -8.28 -3.97 8.36
CA ASN C 358 -8.57 -3.65 9.76
C ASN C 358 -9.10 -4.82 10.57
N GLY C 359 -9.70 -5.79 9.88
CA GLY C 359 -10.17 -7.00 10.53
C GLY C 359 -9.05 -7.99 10.80
N VAL C 360 -8.49 -8.56 9.74
CA VAL C 360 -7.45 -9.57 9.87
C VAL C 360 -6.27 -9.33 8.92
N LYS C 361 -5.22 -10.13 9.07
CA LYS C 361 -4.10 -10.12 8.14
C LYS C 361 -4.03 -11.46 7.42
N ALA C 362 -3.58 -11.46 6.17
CA ALA C 362 -3.52 -12.69 5.39
C ALA C 362 -2.43 -12.67 4.31
N THR C 363 -2.05 -13.85 3.84
CA THR C 363 -1.11 -14.01 2.74
C THR C 363 -1.73 -14.91 1.68
N VAL C 364 -1.77 -14.43 0.44
CA VAL C 364 -2.48 -15.13 -0.62
C VAL C 364 -1.61 -15.38 -1.85
N CYS C 365 -1.78 -16.57 -2.45
CA CYS C 365 -1.10 -16.94 -3.68
C CYS C 365 -2.11 -17.50 -4.69
N CYS C 366 -1.87 -17.27 -5.99
CA CYS C 366 -0.72 -16.53 -6.48
C CYS C 366 -1.08 -15.71 -7.72
N SER C 367 -0.08 -15.42 -8.53
CA SER C 367 -0.25 -14.59 -9.72
C SER C 367 -0.69 -15.42 -10.93
N ASN C 368 -0.09 -16.60 -11.07
CA ASN C 368 -0.33 -17.45 -12.23
C ASN C 368 -1.67 -18.18 -12.17
N LEU C 369 -2.33 -18.09 -11.02
CA LEU C 369 -3.64 -18.72 -10.83
C LEU C 369 -4.75 -17.68 -10.80
N ASP C 370 -5.66 -17.75 -11.77
CA ASP C 370 -6.73 -16.78 -11.89
C ASP C 370 -8.06 -17.31 -11.35
N TYR C 371 -8.27 -18.61 -11.50
CA TYR C 371 -9.53 -19.24 -11.10
C TYR C 371 -9.49 -19.76 -9.67
N MET C 372 -8.37 -19.55 -9.00
CA MET C 372 -8.23 -20.01 -7.61
C MET C 372 -7.23 -19.19 -6.81
N SER C 373 -7.40 -19.18 -5.50
CA SER C 373 -6.47 -18.53 -4.59
C SER C 373 -6.38 -19.33 -3.29
N PHE C 374 -5.15 -19.56 -2.84
CA PHE C 374 -4.90 -20.32 -1.62
C PHE C 374 -3.76 -19.69 -0.84
N GLY C 375 -3.74 -19.92 0.47
CA GLY C 375 -2.69 -19.38 1.30
C GLY C 375 -2.97 -19.50 2.78
N LYS C 376 -2.66 -18.45 3.53
CA LYS C 376 -2.83 -18.45 4.97
C LYS C 376 -3.51 -17.18 5.46
N LEU C 377 -4.12 -17.25 6.64
CA LEU C 377 -4.75 -16.08 7.24
C LEU C 377 -4.62 -16.09 8.76
N SER C 378 -4.45 -14.92 9.36
CA SER C 378 -4.20 -14.83 10.79
C SER C 378 -5.03 -13.75 11.48
N LYS C 379 -5.45 -14.05 12.71
CA LYS C 379 -6.19 -13.08 13.53
C LYS C 379 -6.06 -13.39 15.02
N GLU C 380 -6.16 -14.68 15.37
CA GLU C 380 -6.09 -15.11 16.76
C GLU C 380 -4.66 -15.51 17.11
N ASN C 381 -3.72 -15.09 16.28
CA ASN C 381 -2.31 -15.52 16.38
C ASN C 381 -2.13 -17.03 16.23
N LYS C 382 -3.17 -17.69 15.73
CA LYS C 382 -3.09 -19.09 15.34
C LYS C 382 -3.48 -19.18 13.87
N ASP C 383 -2.47 -19.15 13.01
CA ASP C 383 -2.69 -19.05 11.56
C ASP C 383 -3.43 -20.24 10.96
N ASP C 384 -4.33 -19.94 10.04
CA ASP C 384 -5.10 -20.95 9.33
C ASP C 384 -4.70 -20.97 7.86
N MET C 385 -5.11 -22.01 7.14
CA MET C 385 -4.75 -22.18 5.74
C MET C 385 -5.99 -22.24 4.85
N PHE C 386 -6.19 -21.22 4.02
CA PHE C 386 -7.39 -21.15 3.19
C PHE C 386 -7.15 -21.60 1.75
N LEU C 387 -8.23 -22.00 1.09
CA LEU C 387 -8.19 -22.34 -0.33
C LEU C 387 -9.59 -22.17 -0.93
N GLN C 388 -9.66 -21.41 -2.02
CA GLN C 388 -10.93 -21.20 -2.70
C GLN C 388 -10.76 -21.15 -4.22
N GLY C 389 -11.74 -21.69 -4.93
CA GLY C 389 -11.69 -21.73 -6.38
C GLY C 389 -12.99 -22.24 -6.97
N VAL C 390 -13.34 -21.71 -8.15
CA VAL C 390 -14.52 -22.15 -8.86
C VAL C 390 -14.19 -23.38 -9.71
N ARG C 391 -14.84 -24.50 -9.41
CA ARG C 391 -14.58 -25.74 -10.11
C ARG C 391 -14.93 -25.69 -11.58
N THR C 392 -14.07 -26.25 -12.41
CA THR C 392 -14.35 -26.41 -13.84
C THR C 392 -15.53 -27.37 -13.97
N PRO C 393 -16.55 -26.99 -14.75
CA PRO C 393 -17.76 -27.80 -14.94
C PRO C 393 -17.47 -29.27 -15.25
N VAL C 394 -18.30 -30.16 -14.71
CA VAL C 394 -18.11 -31.60 -14.83
C VAL C 394 -18.15 -32.11 -16.28
N SER C 395 -19.13 -31.63 -17.05
CA SER C 395 -19.35 -32.14 -18.39
C SER C 395 -18.24 -31.84 -19.39
N ASP C 396 -18.02 -30.56 -19.68
CA ASP C 396 -17.13 -30.15 -20.76
C ASP C 396 -15.66 -30.51 -20.55
N VAL C 397 -15.07 -30.09 -19.43
CA VAL C 397 -13.65 -30.38 -19.19
C VAL C 397 -13.42 -31.32 -18.02
N ALA C 398 -14.32 -32.27 -17.83
CA ALA C 398 -14.03 -33.41 -16.97
C ALA C 398 -14.64 -34.72 -17.49
N ALA C 399 -14.26 -35.18 -18.69
CA ALA C 399 -13.28 -34.52 -19.56
C ALA C 399 -13.49 -34.88 -21.03
N ARG C 400 -12.63 -34.31 -21.89
CA ARG C 400 -12.46 -34.79 -23.25
C ARG C 400 -11.01 -35.26 -23.32
N THR C 401 -10.82 -36.55 -23.61
CA THR C 401 -9.51 -37.22 -23.51
C THR C 401 -8.28 -36.37 -23.85
N GLU C 402 -7.33 -36.35 -22.92
CA GLU C 402 -6.11 -35.55 -23.08
C GLU C 402 -4.87 -36.40 -22.80
N ALA C 403 -3.73 -35.94 -23.28
CA ALA C 403 -2.47 -36.63 -23.03
C ALA C 403 -1.98 -36.36 -21.62
N ASN C 404 -0.71 -36.68 -21.36
CA ASN C 404 -0.10 -36.43 -20.07
C ASN C 404 -0.12 -34.94 -19.74
N ALA C 405 -0.97 -34.57 -18.78
CA ALA C 405 -1.25 -33.17 -18.48
C ALA C 405 -0.02 -32.38 -18.02
N LYS C 406 0.68 -32.90 -17.01
CA LYS C 406 1.83 -32.24 -16.42
C LYS C 406 1.50 -30.84 -15.87
N TYR C 407 0.91 -30.81 -14.68
CA TYR C 407 0.64 -29.57 -13.97
C TYR C 407 1.89 -29.12 -13.21
N ARG C 408 2.05 -27.80 -13.08
CA ARG C 408 3.16 -27.26 -12.30
C ARG C 408 2.68 -26.10 -11.43
N GLY C 409 3.01 -26.14 -10.15
CA GLY C 409 2.59 -25.09 -9.23
C GLY C 409 3.36 -25.08 -7.92
N THR C 410 2.67 -24.74 -6.84
CA THR C 410 3.30 -24.64 -5.52
C THR C 410 2.32 -24.90 -4.38
N TRP C 411 2.77 -24.66 -3.16
CA TRP C 411 2.01 -25.05 -1.98
C TRP C 411 2.43 -24.36 -0.68
N TYR C 412 1.48 -24.29 0.25
CA TYR C 412 1.75 -23.87 1.62
C TYR C 412 1.60 -25.10 2.51
N GLY C 413 2.46 -25.23 3.51
CA GLY C 413 2.43 -26.39 4.38
C GLY C 413 2.87 -26.16 5.80
N TYR C 414 2.46 -27.04 6.71
CA TYR C 414 2.87 -26.96 8.11
C TYR C 414 2.92 -28.35 8.75
N ILE C 415 4.08 -28.68 9.32
CA ILE C 415 4.25 -29.97 9.99
C ILE C 415 4.82 -29.78 11.39
N ALA C 416 4.15 -30.36 12.38
CA ALA C 416 4.56 -30.18 13.77
C ALA C 416 4.17 -31.33 14.70
N ASN C 417 4.84 -31.39 15.85
CA ASN C 417 4.58 -32.42 16.86
C ASN C 417 4.75 -32.08 18.36
N GLY C 418 5.82 -31.40 18.78
CA GLY C 418 6.85 -30.83 17.93
C GLY C 418 8.04 -31.74 17.64
N THR C 419 9.08 -31.19 17.00
CA THR C 419 9.17 -29.76 16.69
C THR C 419 8.35 -29.34 15.48
N SER C 420 8.19 -28.04 15.30
CA SER C 420 7.33 -27.49 14.26
C SER C 420 8.12 -26.90 13.10
N TRP C 421 7.51 -26.92 11.91
CA TRP C 421 8.11 -26.34 10.71
C TRP C 421 7.02 -25.96 9.72
N SER C 422 7.20 -24.82 9.04
CA SER C 422 6.24 -24.37 8.05
C SER C 422 6.94 -23.97 6.75
N GLY C 423 6.21 -24.06 5.64
CA GLY C 423 6.76 -23.70 4.34
C GLY C 423 5.76 -22.93 3.49
N GLU C 424 6.27 -21.95 2.76
CA GLU C 424 5.43 -21.11 1.92
C GLU C 424 5.73 -21.31 0.43
N ALA C 425 4.92 -20.69 -0.42
CA ALA C 425 5.05 -20.84 -1.86
C ALA C 425 6.34 -20.22 -2.40
N SER C 426 6.77 -20.67 -3.57
CA SER C 426 7.97 -20.15 -4.20
C SER C 426 7.76 -19.93 -5.70
N ASN C 427 8.77 -19.40 -6.37
CA ASN C 427 8.66 -19.08 -7.79
C ASN C 427 9.61 -19.88 -8.68
N GLN C 428 10.91 -19.79 -8.42
CA GLN C 428 11.91 -20.44 -9.26
C GLN C 428 12.17 -21.89 -8.87
N GLU C 429 13.27 -22.44 -9.37
CA GLU C 429 13.56 -23.87 -9.24
C GLU C 429 13.91 -24.31 -7.81
N GLY C 430 14.51 -23.42 -7.04
CA GLY C 430 15.00 -23.76 -5.72
C GLY C 430 13.93 -24.04 -4.67
N GLY C 431 13.02 -23.10 -4.50
CA GLY C 431 12.03 -23.18 -3.44
C GLY C 431 10.95 -24.23 -3.63
N ASN C 432 9.86 -24.08 -2.88
CA ASN C 432 8.75 -25.03 -2.92
C ASN C 432 8.10 -25.13 -4.30
N ARG C 433 7.75 -26.35 -4.67
CA ARG C 433 7.19 -26.63 -6.00
C ARG C 433 6.19 -27.78 -5.94
N ALA C 434 5.47 -27.98 -7.03
CA ALA C 434 4.44 -29.02 -7.08
C ALA C 434 4.20 -29.53 -8.50
N GLU C 435 4.72 -30.72 -8.79
CA GLU C 435 4.51 -31.35 -10.09
C GLU C 435 3.35 -32.32 -10.02
N PHE C 436 2.55 -32.38 -11.08
CA PHE C 436 1.45 -33.32 -11.15
C PHE C 436 1.33 -33.96 -12.53
N ASP C 437 0.91 -35.22 -12.56
CA ASP C 437 0.66 -35.92 -13.82
C ASP C 437 -0.75 -36.45 -13.86
N VAL C 438 -1.59 -35.84 -14.70
CA VAL C 438 -3.00 -36.22 -14.80
C VAL C 438 -3.28 -36.92 -16.12
N ASP C 439 -3.62 -38.21 -16.05
CA ASP C 439 -3.95 -38.98 -17.24
C ASP C 439 -5.44 -39.27 -17.29
N PHE C 440 -6.13 -38.63 -18.22
CA PHE C 440 -7.57 -38.84 -18.38
C PHE C 440 -7.86 -40.20 -19.01
N SER C 441 -9.14 -40.50 -19.23
CA SER C 441 -9.60 -41.79 -19.72
C SER C 441 -9.35 -42.94 -18.74
N THR C 442 -8.22 -42.88 -18.02
CA THR C 442 -7.94 -43.82 -16.95
C THR C 442 -8.19 -43.15 -15.61
N LYS C 443 -8.35 -41.82 -15.66
CA LYS C 443 -8.69 -41.00 -14.49
C LYS C 443 -7.60 -40.97 -13.41
N LYS C 444 -6.50 -41.66 -13.65
CA LYS C 444 -5.42 -41.75 -12.68
C LYS C 444 -4.62 -40.45 -12.60
N ILE C 445 -4.28 -40.05 -11.38
CA ILE C 445 -3.46 -38.87 -11.15
C ILE C 445 -2.30 -39.19 -10.21
N SER C 446 -1.08 -38.92 -10.67
CA SER C 446 0.09 -39.03 -9.81
C SER C 446 0.63 -37.62 -9.58
N GLY C 447 1.62 -37.50 -8.70
CA GLY C 447 2.24 -36.21 -8.49
C GLY C 447 3.09 -36.14 -7.24
N THR C 448 3.92 -35.10 -7.15
CA THR C 448 4.75 -34.86 -5.98
C THR C 448 4.78 -33.37 -5.67
N LEU C 449 5.11 -33.03 -4.43
CA LEU C 449 5.39 -31.65 -4.08
C LEU C 449 6.63 -31.57 -3.19
N THR C 450 7.55 -30.68 -3.56
CA THR C 450 8.87 -30.61 -2.93
C THR C 450 9.04 -29.36 -2.08
N ALA C 451 9.86 -29.46 -1.05
CA ALA C 451 10.12 -28.34 -0.16
C ALA C 451 11.29 -27.47 -0.64
N LYS C 452 11.80 -26.63 0.25
CA LYS C 452 12.87 -25.70 -0.09
C LYS C 452 14.25 -26.35 0.00
N ASP C 453 15.02 -26.23 -1.09
CA ASP C 453 16.42 -26.65 -1.14
C ASP C 453 16.63 -28.16 -0.95
N ARG C 454 15.55 -28.89 -0.71
CA ARG C 454 15.64 -30.33 -0.46
C ARG C 454 15.77 -31.11 -1.77
N THR C 455 16.45 -32.25 -1.69
CA THR C 455 16.72 -33.06 -2.88
C THR C 455 15.55 -33.97 -3.24
N SER C 456 15.15 -34.82 -2.31
CA SER C 456 14.09 -35.80 -2.56
C SER C 456 12.71 -35.19 -2.36
N PRO C 457 11.69 -35.77 -3.01
CA PRO C 457 10.29 -35.32 -2.87
C PRO C 457 9.84 -35.26 -1.41
N ALA C 458 9.26 -34.12 -1.03
CA ALA C 458 8.74 -33.94 0.32
C ALA C 458 7.47 -34.74 0.52
N PHE C 459 6.49 -34.51 -0.36
CA PHE C 459 5.25 -35.28 -0.31
C PHE C 459 4.95 -35.97 -1.64
N THR C 460 4.53 -37.23 -1.56
CA THR C 460 4.11 -37.99 -2.73
C THR C 460 2.59 -38.13 -2.73
N ILE C 461 1.95 -37.58 -3.76
CA ILE C 461 0.50 -37.59 -3.87
C ILE C 461 0.02 -38.47 -5.01
N THR C 462 -0.90 -39.39 -4.68
CA THR C 462 -1.53 -40.24 -5.69
C THR C 462 -3.05 -40.22 -5.49
N ALA C 463 -3.77 -39.76 -6.50
CA ALA C 463 -5.22 -39.63 -6.41
C ALA C 463 -5.92 -40.06 -7.69
N MET C 464 -7.24 -40.05 -7.68
CA MET C 464 -8.02 -40.36 -8.87
C MET C 464 -9.15 -39.36 -9.05
N ILE C 465 -9.61 -39.20 -10.29
CA ILE C 465 -10.63 -38.22 -10.62
C ILE C 465 -12.05 -38.77 -10.50
N LYS C 466 -12.91 -38.02 -9.84
CA LYS C 466 -14.34 -38.28 -9.87
C LYS C 466 -15.08 -36.95 -10.08
N ASP C 467 -15.97 -36.95 -11.07
CA ASP C 467 -16.69 -35.74 -11.48
C ASP C 467 -15.71 -34.62 -11.83
N ASN C 468 -15.81 -33.51 -11.11
CA ASN C 468 -14.91 -32.38 -11.33
C ASN C 468 -13.87 -32.23 -10.22
N GLY C 469 -13.72 -33.27 -9.42
CA GLY C 469 -12.75 -33.26 -8.34
C GLY C 469 -11.85 -34.48 -8.35
N PHE C 470 -10.94 -34.55 -7.39
CA PHE C 470 -10.06 -35.72 -7.29
C PHE C 470 -9.74 -36.04 -5.82
N SER C 471 -9.71 -37.32 -5.50
CA SER C 471 -9.45 -37.76 -4.14
C SER C 471 -8.38 -38.85 -4.10
N GLY C 472 -7.54 -38.82 -3.08
CA GLY C 472 -6.50 -39.82 -2.96
C GLY C 472 -5.72 -39.77 -1.66
N VAL C 473 -4.45 -40.18 -1.73
CA VAL C 473 -3.59 -40.20 -0.55
C VAL C 473 -2.29 -39.44 -0.79
N ALA C 474 -1.71 -38.95 0.30
CA ALA C 474 -0.43 -38.27 0.25
C ALA C 474 0.45 -38.77 1.40
N LYS C 475 1.65 -39.23 1.05
CA LYS C 475 2.56 -39.76 2.06
C LYS C 475 3.96 -39.17 1.94
N THR C 476 4.65 -39.08 3.06
CA THR C 476 6.05 -38.64 3.05
C THR C 476 6.92 -39.73 2.44
N GLY C 477 8.21 -39.45 2.30
CA GLY C 477 9.14 -40.42 1.76
C GLY C 477 9.22 -41.67 2.63
N GLU C 478 9.74 -42.75 2.06
CA GLU C 478 9.96 -43.98 2.81
C GLU C 478 10.85 -43.69 4.01
N ASN C 479 11.76 -42.75 3.84
CA ASN C 479 12.60 -42.28 4.93
C ASN C 479 11.85 -41.33 5.84
N GLY C 480 11.12 -40.40 5.24
CA GLY C 480 10.41 -39.37 5.98
C GLY C 480 10.77 -37.99 5.48
N PHE C 481 10.18 -36.96 6.06
CA PHE C 481 10.45 -35.59 5.62
C PHE C 481 11.20 -34.77 6.65
N ALA C 482 12.43 -34.36 6.30
CA ALA C 482 13.31 -33.62 7.20
C ALA C 482 12.70 -32.35 7.78
N LEU C 483 12.30 -32.41 9.04
CA LEU C 483 11.88 -31.22 9.78
C LEU C 483 13.09 -30.32 9.99
N ASP C 484 14.15 -30.90 10.55
CA ASP C 484 15.40 -30.18 10.75
C ASP C 484 16.52 -30.90 10.01
N PRO C 485 16.73 -30.53 8.73
CA PRO C 485 17.77 -31.15 7.93
C PRO C 485 19.16 -30.85 8.48
N GLN C 486 19.33 -29.71 9.15
CA GLN C 486 20.64 -29.36 9.68
C GLN C 486 20.62 -28.74 11.07
N ASN C 487 20.48 -29.60 12.07
CA ASN C 487 20.80 -29.29 13.44
C ASN C 487 22.05 -30.08 13.71
N THR C 488 22.30 -30.43 14.96
CA THR C 488 23.24 -31.50 15.25
C THR C 488 22.55 -32.77 14.80
N GLY C 489 23.32 -33.84 14.59
CA GLY C 489 22.81 -35.09 14.02
C GLY C 489 21.47 -35.55 14.57
N ASN C 490 21.18 -35.16 15.80
CA ASN C 490 19.91 -35.46 16.43
C ASN C 490 18.94 -34.28 16.28
N SER C 491 17.76 -34.51 15.70
CA SER C 491 17.30 -35.78 15.15
C SER C 491 16.07 -35.48 14.31
N HIS C 492 14.91 -35.81 14.90
CA HIS C 492 13.61 -35.34 14.42
C HIS C 492 13.12 -35.87 13.09
N TYR C 493 12.29 -35.06 12.46
CA TYR C 493 11.59 -35.37 11.21
C TYR C 493 10.48 -36.44 11.36
N THR C 494 9.42 -36.30 10.56
CA THR C 494 8.17 -37.04 10.76
C THR C 494 7.83 -37.99 9.61
N HIS C 495 6.97 -38.95 9.91
CA HIS C 495 6.50 -39.94 8.93
C HIS C 495 4.98 -39.87 8.84
N ILE C 496 4.48 -39.08 7.88
CA ILE C 496 3.05 -38.77 7.83
C ILE C 496 2.37 -39.26 6.56
N GLU C 497 1.15 -39.76 6.72
CA GLU C 497 0.36 -40.26 5.61
C GLU C 497 -1.11 -39.91 5.81
N ALA C 498 -1.71 -39.19 4.86
CA ALA C 498 -3.08 -38.72 5.03
C ALA C 498 -3.90 -38.76 3.73
N THR C 499 -5.19 -38.45 3.86
CA THR C 499 -6.09 -38.42 2.71
C THR C 499 -6.16 -37.01 2.12
N VAL C 500 -5.87 -36.91 0.83
CA VAL C 500 -5.86 -35.62 0.15
C VAL C 500 -7.07 -35.45 -0.77
N SER C 501 -7.71 -34.29 -0.68
CA SER C 501 -8.85 -33.99 -1.54
C SER C 501 -8.65 -32.68 -2.29
N GLY C 502 -9.01 -32.66 -3.58
CA GLY C 502 -8.83 -31.47 -4.38
C GLY C 502 -9.81 -31.35 -5.53
N GLY C 503 -9.66 -30.29 -6.32
CA GLY C 503 -10.55 -30.03 -7.43
C GLY C 503 -9.89 -29.39 -8.64
N PHE C 504 -10.57 -29.48 -9.78
CA PHE C 504 -10.12 -28.86 -11.01
C PHE C 504 -10.78 -27.49 -11.18
N TYR C 505 -9.96 -26.45 -11.22
CA TYR C 505 -10.48 -25.09 -11.35
C TYR C 505 -10.00 -24.44 -12.64
N GLY C 506 -10.92 -23.77 -13.34
CA GLY C 506 -10.56 -23.07 -14.56
C GLY C 506 -11.55 -23.24 -15.69
N LYS C 507 -11.21 -22.67 -16.84
CA LYS C 507 -12.03 -22.78 -18.04
C LYS C 507 -11.85 -24.16 -18.66
N ASN C 508 -10.66 -24.41 -19.20
CA ASN C 508 -10.34 -25.71 -19.76
C ASN C 508 -9.62 -26.57 -18.72
N ALA C 509 -10.05 -26.43 -17.46
CA ALA C 509 -9.40 -27.07 -16.32
C ALA C 509 -7.90 -26.77 -16.31
N ILE C 510 -7.55 -25.51 -16.58
CA ILE C 510 -6.17 -25.10 -16.71
C ILE C 510 -5.47 -25.00 -15.35
N GLU C 511 -6.25 -25.09 -14.27
CA GLU C 511 -5.67 -25.06 -12.93
C GLU C 511 -6.23 -26.19 -12.08
N MET C 512 -5.50 -26.57 -11.04
CA MET C 512 -5.98 -27.56 -10.10
C MET C 512 -5.54 -27.16 -8.70
N GLY C 513 -6.27 -27.63 -7.69
CA GLY C 513 -5.93 -27.31 -6.31
C GLY C 513 -6.29 -28.44 -5.38
N GLY C 514 -5.87 -28.35 -4.13
CA GLY C 514 -6.21 -29.37 -3.16
C GLY C 514 -5.66 -29.12 -1.77
N SER C 515 -5.94 -30.06 -0.87
CA SER C 515 -5.49 -29.95 0.51
C SER C 515 -5.51 -31.30 1.22
N PHE C 516 -4.73 -31.40 2.29
CA PHE C 516 -4.80 -32.53 3.20
C PHE C 516 -4.30 -32.17 4.59
N SER C 517 -5.02 -32.64 5.61
CA SER C 517 -4.67 -32.37 6.99
C SER C 517 -4.59 -33.66 7.79
N PHE C 518 -4.16 -33.53 9.06
CA PHE C 518 -3.96 -34.68 9.93
C PHE C 518 -3.72 -34.21 11.35
N PRO C 519 -4.65 -34.54 12.27
CA PRO C 519 -4.49 -34.22 13.69
C PRO C 519 -3.41 -35.08 14.33
N GLU C 524 -7.41 -39.43 16.67
CA GLU C 524 -6.64 -39.76 17.87
C GLU C 524 -6.02 -38.51 18.47
N GLY C 525 -5.68 -38.58 19.76
CA GLY C 525 -5.12 -37.45 20.47
C GLY C 525 -3.62 -37.31 20.32
N LYS C 526 -3.03 -38.14 19.46
CA LYS C 526 -1.59 -38.07 19.19
C LYS C 526 -1.22 -36.73 18.56
N GLN C 527 -0.21 -36.08 19.11
CA GLN C 527 0.16 -34.74 18.68
C GLN C 527 0.97 -34.71 17.38
N GLU C 528 1.20 -35.88 16.79
CA GLU C 528 1.84 -35.97 15.48
C GLU C 528 0.86 -35.44 14.43
N LYS C 529 1.05 -34.19 14.01
CA LYS C 529 0.08 -33.53 13.15
C LYS C 529 0.70 -32.72 12.03
N ALA C 530 -0.12 -32.43 11.01
CA ALA C 530 0.31 -31.61 9.87
C ALA C 530 -0.89 -31.15 9.05
N SER C 531 -0.65 -30.24 8.11
CA SER C 531 -1.68 -29.74 7.20
C SER C 531 -1.06 -28.91 6.08
N VAL C 532 -1.39 -29.26 4.84
CA VAL C 532 -0.91 -28.50 3.69
C VAL C 532 -2.00 -28.27 2.62
N VAL C 533 -1.93 -27.11 1.98
CA VAL C 533 -2.81 -26.78 0.86
C VAL C 533 -1.94 -26.46 -0.36
N PHE C 534 -2.46 -26.74 -1.55
CA PHE C 534 -1.65 -26.57 -2.75
C PHE C 534 -2.44 -26.17 -4.00
N GLY C 535 -1.75 -25.51 -4.93
CA GLY C 535 -2.34 -25.08 -6.18
C GLY C 535 -1.36 -25.13 -7.33
N ALA C 536 -1.81 -25.64 -8.48
CA ALA C 536 -0.94 -25.77 -9.65
C ALA C 536 -1.67 -25.38 -10.94
N LYS C 537 -0.88 -25.20 -12.01
CA LYS C 537 -1.43 -24.78 -13.29
C LYS C 537 -1.09 -25.76 -14.41
N ARG C 538 -2.07 -26.00 -15.29
CA ARG C 538 -1.87 -26.84 -16.46
C ARG C 538 -1.06 -26.10 -17.52
N GLN C 539 -0.04 -26.77 -18.05
CA GLN C 539 0.82 -26.17 -19.07
C GLN C 539 0.91 -27.06 -20.30
CS CS D . 8.21 37.73 6.43
CS CS E . -9.87 20.14 13.30
CS CS F . -4.33 37.23 19.20
CS CS G . 7.73 44.17 21.23
C1 GOL H . 22.80 21.54 29.56
O1 GOL H . 23.56 22.34 28.70
C2 GOL H . 21.32 21.66 29.21
O2 GOL H . 21.21 22.11 27.88
C3 GOL H . 20.64 20.31 29.35
O3 GOL H . 19.26 20.46 29.13
CS CS I . 41.74 9.66 -3.22
CS CS J . 33.80 -7.30 -20.93
C1 GOL K . 43.93 6.40 -29.90
O1 GOL K . 43.42 7.67 -29.56
C2 GOL K . 42.85 5.35 -29.70
O2 GOL K . 43.06 4.67 -28.49
C3 GOL K . 42.88 4.35 -30.86
O3 GOL K . 41.89 3.37 -30.66
CS CS L . -48.89 9.72 -4.39
CS CS M . -51.58 -2.59 -17.81
S SO4 N . -46.67 -27.16 -12.36
O1 SO4 N . -48.12 -27.13 -12.47
O2 SO4 N . -46.19 -25.90 -11.78
O3 SO4 N . -46.27 -28.27 -11.51
O4 SO4 N . -46.09 -27.34 -13.69
#